data_8CO4
#
_entry.id   8CO4
#
_cell.length_a   88.600
_cell.length_b   93.927
_cell.length_c   167.484
_cell.angle_alpha   90.000
_cell.angle_beta   90.000
_cell.angle_gamma   90.000
#
_symmetry.space_group_name_H-M   'P 21 21 21'
#
loop_
_entity.id
_entity.type
_entity.pdbx_description
1 polymer 'Alcohol dehydrogenase class-3'
2 non-polymer 'ZINC ION'
3 non-polymer 1,2-ETHANEDIOL
4 non-polymer DI(HYDROXYETHYL)ETHER
5 non-polymer 'TRIETHYLENE GLYCOL'
6 non-polymer 'TETRAETHYLENE GLYCOL'
7 water water
#
_entity_poly.entity_id   1
_entity_poly.type   'polypeptide(L)'
_entity_poly.pdbx_seq_one_letter_code
;MATQGQVITCKAAVAYEPNKPLVIEDVQVAPPQAGEVRIKILYTALCHTDAYTWSGKDPEGLFPCILGHEAAGIVESVGE
GVTEVQAGDHVIPCYQAECRECKFCKSGKTNLCGKVRSATGVGIMMNDRKSRFSVNGKPIYHFMGTSTFSQYTVVHDVSV
AKIDPTAPLDKVCLLGCGVPTGLGAVWNTAKVEPGSNVAIFGLGTVGLAVAEGAKTAGASRIIGIDIDSKKYETAKKFGV
NEFVNPKDHDKPIQEVIVDLTDGGVDYSFECIGNVSVMRAALECCHKGWGTSVIVGVAASGQEISTRPFQLVTGRVWKGT
AFGGFKSRTQVPWLVEKYMNKEIKVDEYITHNLTLGEINKAFDLLHEGTCLRCVLDTSK
;
_entity_poly.pdbx_strand_id   A,B,C,D
#
# COMPACT_ATOMS: atom_id res chain seq x y z
N ALA A 2 1.94 28.79 -45.50
CA ALA A 2 3.05 29.43 -44.80
C ALA A 2 2.53 30.41 -43.74
N THR A 3 2.35 29.91 -42.51
CA THR A 3 1.79 30.70 -41.44
C THR A 3 2.73 30.91 -40.25
N GLN A 4 3.92 30.32 -40.28
CA GLN A 4 4.83 30.43 -39.14
C GLN A 4 5.14 31.89 -38.84
N GLY A 5 5.14 32.24 -37.55
CA GLY A 5 5.45 33.59 -37.12
C GLY A 5 4.42 34.67 -37.43
N GLN A 6 3.22 34.30 -37.87
CA GLN A 6 2.21 35.25 -38.33
C GLN A 6 0.88 34.99 -37.63
N VAL A 7 0.12 36.06 -37.41
CA VAL A 7 -1.27 35.92 -36.98
C VAL A 7 -2.05 35.07 -37.98
N ILE A 8 -2.88 34.17 -37.46
CA ILE A 8 -3.79 33.37 -38.27
C ILE A 8 -5.20 33.89 -38.04
N THR A 9 -5.95 34.02 -39.13
CA THR A 9 -7.37 34.32 -39.03
C THR A 9 -8.19 33.03 -39.28
N CYS A 10 -9.12 32.71 -38.38
CA CYS A 10 -9.85 31.44 -38.49
C CYS A 10 -11.22 31.56 -37.82
N LYS A 11 -12.01 30.49 -37.90
CA LYS A 11 -13.32 30.44 -37.24
C LYS A 11 -13.20 30.02 -35.78
N ALA A 12 -14.03 30.63 -34.93
CA ALA A 12 -14.13 30.21 -33.53
C ALA A 12 -15.51 30.59 -33.01
N ALA A 13 -15.99 29.84 -32.03
CA ALA A 13 -17.24 30.16 -31.35
C ALA A 13 -16.89 30.98 -30.12
N VAL A 14 -17.35 32.23 -30.08
CA VAL A 14 -17.07 33.16 -28.98
C VAL A 14 -18.28 33.21 -28.06
N ALA A 15 -18.03 33.12 -26.77
CA ALA A 15 -19.06 33.33 -25.73
C ALA A 15 -18.94 34.78 -25.26
N TYR A 16 -19.83 35.65 -25.74
CA TYR A 16 -19.72 37.06 -25.32
C TYR A 16 -20.32 37.32 -23.95
N GLU A 17 -21.25 36.50 -23.52
CA GLU A 17 -21.90 36.69 -22.24
C GLU A 17 -22.62 35.40 -21.84
N PRO A 18 -22.79 35.15 -20.55
CA PRO A 18 -23.29 33.85 -20.12
C PRO A 18 -24.77 33.66 -20.49
N ASN A 19 -25.14 32.40 -20.71
CA ASN A 19 -26.50 31.95 -21.02
C ASN A 19 -27.06 32.57 -22.29
N LYS A 20 -26.21 33.01 -23.20
CA LYS A 20 -26.67 33.48 -24.50
C LYS A 20 -25.99 32.68 -25.60
N PRO A 21 -26.61 32.58 -26.78
CA PRO A 21 -26.04 31.71 -27.82
C PRO A 21 -24.63 32.16 -28.18
N LEU A 22 -23.78 31.17 -28.47
CA LEU A 22 -22.42 31.43 -28.94
C LEU A 22 -22.47 32.03 -30.34
N VAL A 23 -21.45 32.83 -30.67
CA VAL A 23 -21.34 33.49 -31.97
C VAL A 23 -20.16 32.92 -32.71
N ILE A 24 -20.36 32.48 -33.96
CA ILE A 24 -19.24 32.12 -34.83
C ILE A 24 -18.60 33.39 -35.35
N GLU A 25 -17.30 33.57 -35.07
CA GLU A 25 -16.58 34.76 -35.51
C GLU A 25 -15.33 34.36 -36.28
N ASP A 26 -14.82 35.29 -37.09
CA ASP A 26 -13.44 35.21 -37.56
C ASP A 26 -12.58 35.86 -36.49
N VAL A 27 -11.71 35.08 -35.86
CA VAL A 27 -10.85 35.57 -34.81
C VAL A 27 -9.42 35.56 -35.31
N GLN A 28 -8.59 36.38 -34.67
CA GLN A 28 -7.16 36.42 -34.92
C GLN A 28 -6.47 35.64 -33.81
N VAL A 29 -5.61 34.69 -34.22
CA VAL A 29 -4.82 33.87 -33.31
C VAL A 29 -3.35 34.24 -33.50
N ALA A 30 -2.75 34.78 -32.45
CA ALA A 30 -1.35 35.23 -32.51
C ALA A 30 -0.39 34.04 -32.54
N PRO A 31 0.85 34.24 -32.99
CA PRO A 31 1.84 33.14 -33.00
C PRO A 31 2.24 32.72 -31.60
N PRO A 32 2.76 31.51 -31.44
CA PRO A 32 3.21 31.07 -30.10
C PRO A 32 4.49 31.78 -29.66
N GLN A 33 4.54 32.12 -28.38
CA GLN A 33 5.74 32.69 -27.79
C GLN A 33 6.54 31.57 -27.13
N ALA A 34 7.61 31.91 -26.42
CA ALA A 34 8.42 30.90 -25.76
C ALA A 34 7.56 29.95 -24.91
N GLY A 35 7.84 28.65 -25.03
CA GLY A 35 7.12 27.65 -24.25
C GLY A 35 5.69 27.39 -24.67
N GLU A 36 5.30 27.83 -25.86
CA GLU A 36 3.93 27.73 -26.36
C GLU A 36 3.90 26.91 -27.65
N VAL A 37 2.71 26.39 -27.93
CA VAL A 37 2.41 25.56 -29.10
C VAL A 37 1.13 26.09 -29.75
N ARG A 38 1.17 26.40 -31.04
CA ARG A 38 -0.06 26.68 -31.76
C ARG A 38 -0.53 25.38 -32.45
N ILE A 39 -1.81 25.05 -32.26
CA ILE A 39 -2.39 23.77 -32.69
C ILE A 39 -3.53 24.03 -33.66
N LYS A 40 -3.50 23.34 -34.79
CA LYS A 40 -4.68 23.26 -35.64
C LYS A 40 -5.62 22.22 -35.05
N ILE A 41 -6.77 22.66 -34.54
CA ILE A 41 -7.76 21.79 -33.92
C ILE A 41 -8.66 21.23 -35.01
N LEU A 42 -8.70 19.90 -35.13
CA LEU A 42 -9.53 19.23 -36.14
C LEU A 42 -10.90 18.78 -35.60
N TYR A 43 -10.97 18.30 -34.35
CA TYR A 43 -12.21 17.83 -33.74
C TYR A 43 -12.21 18.18 -32.26
N THR A 44 -13.39 18.56 -31.75
CA THR A 44 -13.51 18.95 -30.37
C THR A 44 -14.86 18.47 -29.88
N ALA A 45 -14.93 18.13 -28.60
CA ALA A 45 -16.20 17.69 -28.01
C ALA A 45 -16.65 18.66 -26.94
N LEU A 46 -17.94 18.64 -26.69
CA LEU A 46 -18.52 19.51 -25.70
C LEU A 46 -18.65 18.75 -24.39
N CYS A 47 -18.31 19.42 -23.30
CA CYS A 47 -18.34 18.81 -21.98
C CYS A 47 -19.18 19.69 -21.07
N HIS A 48 -19.81 19.05 -20.08
CA HIS A 48 -20.63 19.80 -19.14
C HIS A 48 -19.83 20.88 -18.43
N THR A 49 -18.52 20.68 -18.32
CA THR A 49 -17.68 21.72 -17.72
C THR A 49 -17.65 22.99 -18.55
N ASP A 50 -17.69 22.85 -19.89
CA ASP A 50 -17.89 24.03 -20.74
C ASP A 50 -19.21 24.74 -20.42
N ALA A 51 -20.29 23.97 -20.21
CA ALA A 51 -21.57 24.58 -19.95
C ALA A 51 -21.64 25.20 -18.56
N TYR A 52 -20.92 24.65 -17.58
CA TYR A 52 -20.88 25.22 -16.24
C TYR A 52 -20.52 26.71 -16.31
N THR A 53 -19.45 27.04 -17.03
CA THR A 53 -19.01 28.42 -17.13
C THR A 53 -19.90 29.23 -18.06
N TRP A 54 -20.35 28.62 -19.16
CA TRP A 54 -21.24 29.34 -20.07
C TRP A 54 -22.55 29.69 -19.39
N SER A 55 -23.06 28.81 -18.55
CA SER A 55 -24.37 29.01 -17.94
C SER A 55 -24.34 30.01 -16.79
N GLY A 56 -23.28 30.80 -16.66
CA GLY A 56 -23.18 31.78 -15.59
C GLY A 56 -23.03 31.20 -14.20
N LYS A 57 -22.96 29.87 -14.08
CA LYS A 57 -22.84 29.23 -12.78
C LYS A 57 -21.49 29.43 -12.13
N ASP A 58 -20.50 29.90 -12.89
CA ASP A 58 -19.16 30.04 -12.37
C ASP A 58 -18.93 31.52 -12.05
N PRO A 59 -18.87 31.92 -10.79
CA PRO A 59 -18.55 33.34 -10.49
C PRO A 59 -17.19 33.76 -11.02
N GLU A 60 -16.28 32.82 -11.28
CA GLU A 60 -14.98 33.15 -11.87
C GLU A 60 -15.02 33.26 -13.39
N GLY A 61 -16.21 33.17 -14.00
CA GLY A 61 -16.32 33.19 -15.44
C GLY A 61 -15.86 34.51 -16.03
N LEU A 62 -14.94 34.45 -16.99
CA LEU A 62 -14.40 35.63 -17.65
C LEU A 62 -14.89 35.66 -19.10
N PHE A 63 -15.44 36.80 -19.51
CA PHE A 63 -16.05 36.94 -20.82
C PHE A 63 -15.56 38.22 -21.47
N PRO A 64 -15.45 38.26 -22.80
CA PRO A 64 -15.81 37.19 -23.74
C PRO A 64 -14.70 36.12 -23.72
N CYS A 65 -15.03 34.86 -24.02
CA CYS A 65 -14.03 33.79 -24.00
C CYS A 65 -14.32 32.80 -25.14
N ILE A 66 -13.30 31.98 -25.46
CA ILE A 66 -13.47 30.82 -26.32
C ILE A 66 -13.40 29.59 -25.44
N LEU A 67 -14.52 28.88 -25.30
CA LEU A 67 -14.63 27.72 -24.43
C LEU A 67 -14.05 26.48 -25.15
N GLY A 68 -14.19 25.31 -24.51
CA GLY A 68 -13.70 24.08 -25.09
C GLY A 68 -12.41 23.57 -24.48
N HIS A 69 -12.38 22.30 -24.14
CA HIS A 69 -11.14 21.71 -23.63
C HIS A 69 -10.96 20.24 -23.98
N GLU A 70 -11.87 19.59 -24.72
CA GLU A 70 -11.67 18.23 -25.20
C GLU A 70 -11.39 18.34 -26.70
N ALA A 71 -10.18 18.00 -27.14
CA ALA A 71 -9.93 18.17 -28.56
C ALA A 71 -8.69 17.41 -29.01
N ALA A 72 -8.53 17.33 -30.32
CA ALA A 72 -7.33 16.73 -30.89
C ALA A 72 -7.00 17.42 -32.22
N GLY A 73 -5.71 17.50 -32.53
CA GLY A 73 -5.33 18.18 -33.74
C GLY A 73 -3.85 18.01 -34.04
N ILE A 74 -3.32 18.94 -34.83
CA ILE A 74 -1.98 18.81 -35.38
C ILE A 74 -1.24 20.12 -35.12
N VAL A 75 -0.01 20.01 -34.59
CA VAL A 75 0.78 21.21 -34.28
C VAL A 75 1.05 21.99 -35.56
N GLU A 76 0.75 23.29 -35.54
CA GLU A 76 1.07 24.15 -36.68
C GLU A 76 2.45 24.82 -36.49
N SER A 77 2.78 25.27 -35.29
CA SER A 77 4.09 25.83 -35.02
C SER A 77 4.33 25.81 -33.52
N VAL A 78 5.59 25.97 -33.14
CA VAL A 78 5.97 26.01 -31.72
C VAL A 78 6.78 27.27 -31.48
N GLY A 79 6.81 27.69 -30.21
CA GLY A 79 7.58 28.84 -29.77
C GLY A 79 8.99 28.47 -29.33
N GLU A 80 9.75 29.52 -28.99
CA GLU A 80 11.15 29.37 -28.56
C GLU A 80 11.29 28.35 -27.45
N GLY A 81 12.27 27.44 -27.62
CA GLY A 81 12.61 26.49 -26.58
C GLY A 81 11.70 25.27 -26.49
N VAL A 82 10.72 25.14 -27.36
CA VAL A 82 9.86 23.96 -27.36
C VAL A 82 10.55 22.86 -28.15
N THR A 83 10.78 21.70 -27.50
CA THR A 83 11.43 20.54 -28.10
C THR A 83 10.63 19.24 -28.05
N GLU A 84 9.64 19.14 -27.16
CA GLU A 84 8.92 17.87 -27.01
C GLU A 84 7.98 17.61 -28.18
N VAL A 85 7.49 18.66 -28.83
CA VAL A 85 6.69 18.52 -30.03
C VAL A 85 7.23 19.47 -31.10
N GLN A 86 6.80 19.23 -32.34
CA GLN A 86 7.19 20.05 -33.47
C GLN A 86 6.03 20.10 -34.45
N ALA A 87 6.11 21.02 -35.40
CA ALA A 87 5.07 21.13 -36.41
C ALA A 87 4.80 19.78 -37.06
N GLY A 88 3.52 19.47 -37.25
CA GLY A 88 3.09 18.21 -37.81
C GLY A 88 2.76 17.13 -36.80
N ASP A 89 3.19 17.26 -35.54
CA ASP A 89 2.87 16.21 -34.57
C ASP A 89 1.37 16.16 -34.30
N HIS A 90 0.87 14.94 -34.05
CA HIS A 90 -0.52 14.80 -33.62
C HIS A 90 -0.59 14.91 -32.10
N VAL A 91 -1.55 15.69 -31.58
CA VAL A 91 -1.51 16.10 -30.18
C VAL A 91 -2.92 16.23 -29.59
N ILE A 92 -2.99 16.06 -28.27
CA ILE A 92 -4.18 16.33 -27.47
C ILE A 92 -3.81 17.41 -26.45
N PRO A 93 -4.39 18.60 -26.52
CA PRO A 93 -4.14 19.60 -25.46
C PRO A 93 -4.93 19.23 -24.22
N CYS A 94 -4.32 19.44 -23.04
N CYS A 94 -4.34 19.46 -23.05
CA CYS A 94 -4.95 19.04 -21.79
CA CYS A 94 -4.96 19.05 -21.81
C CYS A 94 -5.09 20.20 -20.82
C CYS A 94 -5.10 20.19 -20.81
N TYR A 95 -6.23 20.22 -20.11
CA TYR A 95 -6.42 21.19 -19.03
C TYR A 95 -5.43 20.97 -17.89
N GLN A 96 -5.03 19.73 -17.68
CA GLN A 96 -4.10 19.37 -16.62
C GLN A 96 -2.68 19.36 -17.21
N ALA A 97 -1.85 20.30 -16.80
CA ALA A 97 -0.46 20.35 -17.25
C ALA A 97 0.38 19.30 -16.52
N GLU A 98 1.58 19.03 -17.08
CA GLU A 98 2.58 18.15 -16.43
C GLU A 98 3.96 18.73 -16.74
N CYS A 99 4.44 19.62 -15.86
CA CYS A 99 5.70 20.29 -16.15
C CYS A 99 6.91 19.45 -15.74
N ARG A 100 6.74 18.52 -14.82
CA ARG A 100 7.78 17.63 -14.28
C ARG A 100 8.85 18.34 -13.45
N GLU A 101 8.65 19.61 -13.09
CA GLU A 101 9.66 20.36 -12.38
C GLU A 101 9.15 21.13 -11.17
N CYS A 102 7.84 21.24 -10.97
CA CYS A 102 7.32 22.01 -9.84
C CYS A 102 7.25 21.14 -8.60
N LYS A 103 6.88 21.77 -7.48
CA LYS A 103 6.75 21.05 -6.21
C LYS A 103 5.79 19.87 -6.33
N PHE A 104 4.66 20.05 -7.02
CA PHE A 104 3.67 18.99 -7.11
C PHE A 104 4.15 17.88 -8.03
N CYS A 105 4.64 18.23 -9.22
CA CYS A 105 5.18 17.23 -10.12
C CYS A 105 6.32 16.45 -9.48
N LYS A 106 7.14 17.11 -8.67
CA LYS A 106 8.32 16.46 -8.11
C LYS A 106 8.03 15.75 -6.80
N SER A 107 6.81 15.90 -6.27
CA SER A 107 6.49 15.31 -4.97
C SER A 107 6.35 13.81 -5.06
N GLY A 108 5.93 13.29 -6.21
CA GLY A 108 5.56 11.91 -6.33
C GLY A 108 4.26 11.54 -5.64
N LYS A 109 3.44 12.51 -5.22
CA LYS A 109 2.27 12.25 -4.39
C LYS A 109 0.95 12.66 -5.03
N THR A 110 0.98 13.26 -6.22
CA THR A 110 -0.21 13.83 -6.84
C THR A 110 0.06 14.00 -8.33
N ASN A 111 -1.01 14.11 -9.11
CA ASN A 111 -0.89 14.45 -10.52
C ASN A 111 -1.12 15.93 -10.78
N LEU A 112 -1.33 16.74 -9.75
CA LEU A 112 -1.53 18.16 -10.01
C LEU A 112 -0.20 18.81 -10.38
N CYS A 113 -0.29 19.89 -11.13
CA CYS A 113 0.85 20.66 -11.57
C CYS A 113 0.50 22.13 -11.52
N GLY A 114 1.34 22.93 -10.86
CA GLY A 114 1.03 24.35 -10.74
C GLY A 114 1.79 25.29 -11.64
N LYS A 115 2.43 24.77 -12.70
CA LYS A 115 3.37 25.59 -13.45
C LYS A 115 2.68 26.77 -14.14
N VAL A 116 1.50 26.55 -14.74
CA VAL A 116 0.87 27.57 -15.57
C VAL A 116 -0.47 28.02 -15.01
N ARG A 117 -0.80 27.60 -13.80
CA ARG A 117 -2.10 27.91 -13.20
C ARG A 117 -2.31 29.42 -13.05
N SER A 118 -1.24 30.19 -12.76
CA SER A 118 -1.41 31.62 -12.49
C SER A 118 -1.81 32.41 -13.73
N ALA A 119 -1.65 31.82 -14.93
CA ALA A 119 -2.17 32.39 -16.16
C ALA A 119 -3.45 31.71 -16.62
N THR A 120 -3.48 30.37 -16.66
CA THR A 120 -4.63 29.71 -17.30
C THR A 120 -5.89 29.88 -16.47
N GLY A 121 -5.76 30.01 -15.15
CA GLY A 121 -6.92 30.28 -14.31
C GLY A 121 -7.55 31.64 -14.54
N VAL A 122 -6.83 32.58 -15.17
CA VAL A 122 -7.41 33.88 -15.48
C VAL A 122 -7.39 34.15 -16.99
N GLY A 123 -7.37 33.09 -17.81
CA GLY A 123 -7.60 33.25 -19.24
C GLY A 123 -6.51 33.92 -20.04
N ILE A 124 -5.24 33.81 -19.61
CA ILE A 124 -4.10 34.45 -20.29
C ILE A 124 -2.94 33.46 -20.37
N MET A 125 -1.82 33.91 -20.95
CA MET A 125 -0.64 33.09 -21.16
C MET A 125 0.46 33.48 -20.18
N MET A 126 1.31 32.53 -19.81
CA MET A 126 2.37 32.81 -18.85
C MET A 126 3.40 33.79 -19.41
N ASN A 127 3.82 33.62 -20.68
CA ASN A 127 5.04 34.29 -21.12
C ASN A 127 4.91 35.81 -21.13
N ASP A 128 3.72 36.35 -21.42
CA ASP A 128 3.55 37.80 -21.46
C ASP A 128 2.30 38.29 -20.72
N ARG A 129 1.57 37.39 -20.04
CA ARG A 129 0.39 37.72 -19.23
C ARG A 129 -0.71 38.35 -20.09
N LYS A 130 -0.77 37.96 -21.36
CA LYS A 130 -1.72 38.47 -22.34
CA LYS A 130 -1.76 38.46 -22.30
C LYS A 130 -2.42 37.30 -23.01
N SER A 131 -3.43 37.60 -23.80
CA SER A 131 -4.18 36.60 -24.56
C SER A 131 -3.67 36.50 -26.01
N ARG A 132 -3.77 35.30 -26.60
CA ARG A 132 -3.44 35.14 -28.01
C ARG A 132 -4.65 35.30 -28.95
N PHE A 133 -5.85 35.54 -28.42
CA PHE A 133 -7.08 35.65 -29.21
C PHE A 133 -7.59 37.09 -29.25
N SER A 134 -8.04 37.53 -30.43
CA SER A 134 -8.79 38.77 -30.48
C SER A 134 -9.81 38.69 -31.61
N VAL A 135 -10.86 39.49 -31.50
CA VAL A 135 -11.86 39.60 -32.55
C VAL A 135 -12.26 41.06 -32.68
N ASN A 136 -12.28 41.55 -33.92
CA ASN A 136 -12.53 42.95 -34.23
C ASN A 136 -11.68 43.89 -33.37
N GLY A 137 -10.42 43.52 -33.15
CA GLY A 137 -9.51 44.37 -32.39
C GLY A 137 -9.64 44.32 -30.88
N LYS A 138 -10.43 43.40 -30.33
CA LYS A 138 -10.62 43.33 -28.89
C LYS A 138 -10.17 41.97 -28.37
N PRO A 139 -9.42 41.92 -27.27
CA PRO A 139 -8.91 40.63 -26.79
C PRO A 139 -10.02 39.76 -26.24
N ILE A 140 -9.79 38.46 -26.34
CA ILE A 140 -10.71 37.45 -25.81
C ILE A 140 -9.96 36.59 -24.81
N TYR A 141 -10.64 36.19 -23.75
CA TYR A 141 -10.04 35.30 -22.77
C TYR A 141 -9.91 33.88 -23.30
N HIS A 142 -8.78 33.24 -22.98
CA HIS A 142 -8.63 31.79 -23.05
C HIS A 142 -9.50 31.14 -21.99
N PHE A 143 -9.70 29.83 -22.12
CA PHE A 143 -10.51 29.05 -21.16
C PHE A 143 -9.79 27.75 -20.84
N MET A 144 -9.52 27.50 -19.55
CA MET A 144 -8.94 26.23 -19.08
C MET A 144 -7.58 25.93 -19.70
N GLY A 145 -6.90 26.94 -20.24
CA GLY A 145 -5.61 26.75 -20.85
C GLY A 145 -5.66 26.10 -22.22
N THR A 146 -6.86 25.91 -22.77
CA THR A 146 -7.02 25.12 -24.00
C THR A 146 -7.84 25.83 -25.09
N SER A 147 -9.06 26.29 -24.79
CA SER A 147 -9.86 27.08 -25.74
C SER A 147 -10.01 26.39 -27.10
N THR A 148 -10.70 25.26 -27.11
CA THR A 148 -10.67 24.43 -28.31
C THR A 148 -11.87 24.62 -29.24
N PHE A 149 -12.81 25.51 -28.93
CA PHE A 149 -13.92 25.72 -29.86
C PHE A 149 -13.51 26.68 -30.98
N SER A 150 -12.47 26.27 -31.69
CA SER A 150 -11.75 27.14 -32.62
C SER A 150 -10.98 26.25 -33.58
N GLN A 151 -10.75 26.79 -34.78
CA GLN A 151 -9.90 26.09 -35.74
C GLN A 151 -8.42 26.06 -35.34
N TYR A 152 -7.95 27.07 -34.58
CA TYR A 152 -6.58 27.14 -34.07
C TYR A 152 -6.60 27.64 -32.64
N THR A 153 -5.70 27.11 -31.81
CA THR A 153 -5.54 27.60 -30.45
C THR A 153 -4.06 27.64 -30.10
N VAL A 154 -3.73 28.33 -29.01
CA VAL A 154 -2.38 28.39 -28.52
C VAL A 154 -2.40 27.90 -27.08
N VAL A 155 -1.53 26.94 -26.75
CA VAL A 155 -1.51 26.32 -25.43
C VAL A 155 -0.07 26.32 -24.93
N HIS A 156 0.08 26.19 -23.62
CA HIS A 156 1.42 25.98 -23.04
C HIS A 156 1.92 24.59 -23.36
N ASP A 157 3.23 24.49 -23.66
CA ASP A 157 3.81 23.22 -24.06
C ASP A 157 3.65 22.16 -22.96
N VAL A 158 3.61 22.56 -21.69
CA VAL A 158 3.53 21.57 -20.61
C VAL A 158 2.15 20.90 -20.57
N SER A 159 1.23 21.37 -21.40
CA SER A 159 -0.13 20.83 -21.46
C SER A 159 -0.44 20.08 -22.74
N VAL A 160 0.58 19.76 -23.56
CA VAL A 160 0.39 19.17 -24.88
C VAL A 160 0.89 17.72 -24.82
N ALA A 161 0.02 16.75 -25.09
CA ALA A 161 0.41 15.34 -25.21
C ALA A 161 0.62 14.99 -26.67
N LYS A 162 1.74 14.33 -26.96
CA LYS A 162 2.10 13.91 -28.31
C LYS A 162 1.64 12.47 -28.48
N ILE A 163 0.78 12.20 -29.46
CA ILE A 163 0.12 10.90 -29.54
C ILE A 163 0.46 10.20 -30.85
N ASP A 164 0.04 8.93 -30.93
CA ASP A 164 0.20 8.09 -32.10
C ASP A 164 -0.43 8.76 -33.31
N PRO A 165 0.33 9.04 -34.36
CA PRO A 165 -0.21 9.77 -35.51
C PRO A 165 -1.16 8.96 -36.39
N THR A 166 -1.33 7.64 -36.15
CA THR A 166 -2.36 6.90 -36.88
C THR A 166 -3.69 6.86 -36.15
N ALA A 167 -3.77 7.40 -34.95
CA ALA A 167 -5.02 7.32 -34.20
C ALA A 167 -6.04 8.31 -34.77
N PRO A 168 -7.29 7.90 -34.93
CA PRO A 168 -8.28 8.82 -35.54
C PRO A 168 -8.58 9.99 -34.62
N LEU A 169 -8.39 11.21 -35.14
CA LEU A 169 -8.50 12.39 -34.28
C LEU A 169 -9.94 12.73 -33.88
N ASP A 170 -10.93 12.28 -34.65
CA ASP A 170 -12.33 12.48 -34.27
C ASP A 170 -12.82 11.51 -33.20
N LYS A 171 -11.96 10.62 -32.73
CA LYS A 171 -12.27 9.73 -31.60
C LYS A 171 -11.45 10.09 -30.37
N VAL A 172 -10.13 10.23 -30.52
CA VAL A 172 -9.28 10.42 -29.35
C VAL A 172 -9.41 11.81 -28.71
N CYS A 173 -10.17 12.73 -29.31
CA CYS A 173 -10.40 14.00 -28.62
C CYS A 173 -11.07 13.81 -27.26
N LEU A 174 -11.78 12.69 -27.08
CA LEU A 174 -12.38 12.36 -25.78
C LEU A 174 -11.35 12.09 -24.70
N LEU A 175 -10.10 11.82 -25.07
CA LEU A 175 -9.11 11.41 -24.07
C LEU A 175 -8.44 12.59 -23.39
N GLY A 176 -8.92 13.80 -23.64
CA GLY A 176 -8.45 14.95 -22.91
C GLY A 176 -9.23 15.28 -21.66
N CYS A 177 -10.35 14.58 -21.37
CA CYS A 177 -11.07 14.88 -20.13
C CYS A 177 -11.97 13.78 -19.58
N GLY A 178 -13.16 13.61 -20.16
CA GLY A 178 -14.19 12.81 -19.48
C GLY A 178 -13.80 11.35 -19.29
N VAL A 179 -13.33 10.71 -20.35
CA VAL A 179 -13.05 9.29 -20.28
C VAL A 179 -11.87 9.00 -19.35
N PRO A 180 -10.72 9.68 -19.47
CA PRO A 180 -9.64 9.46 -18.48
C PRO A 180 -10.05 9.77 -17.05
N THR A 181 -10.91 10.78 -16.84
CA THR A 181 -11.35 11.08 -15.49
C THR A 181 -12.05 9.88 -14.85
N GLY A 182 -12.93 9.21 -15.59
CA GLY A 182 -13.66 8.08 -15.03
C GLY A 182 -12.79 6.82 -14.88
N LEU A 183 -11.98 6.52 -15.90
CA LEU A 183 -11.09 5.36 -15.82
C LEU A 183 -10.13 5.48 -14.64
N GLY A 184 -9.52 6.65 -14.51
CA GLY A 184 -8.52 6.84 -13.48
C GLY A 184 -9.11 6.97 -12.10
N ALA A 185 -10.37 7.39 -12.00
CA ALA A 185 -11.01 7.37 -10.68
C ALA A 185 -10.96 5.97 -10.11
N VAL A 186 -11.12 4.96 -10.97
CA VAL A 186 -11.10 3.56 -10.55
C VAL A 186 -9.67 3.07 -10.37
N TRP A 187 -8.82 3.25 -11.40
CA TRP A 187 -7.51 2.61 -11.38
C TRP A 187 -6.48 3.34 -10.50
N ASN A 188 -6.52 4.67 -10.44
CA ASN A 188 -5.53 5.48 -9.73
C ASN A 188 -6.04 5.95 -8.36
N THR A 189 -7.23 6.53 -8.31
CA THR A 189 -7.67 7.13 -7.06
C THR A 189 -8.17 6.05 -6.09
N ALA A 190 -9.17 5.27 -6.52
CA ALA A 190 -9.76 4.23 -5.67
C ALA A 190 -8.87 2.99 -5.56
N LYS A 191 -8.23 2.61 -6.68
CA LYS A 191 -7.45 1.36 -6.81
C LYS A 191 -8.35 0.13 -6.51
N VAL A 192 -9.45 0.06 -7.28
CA VAL A 192 -10.46 -0.98 -7.11
C VAL A 192 -9.89 -2.38 -7.39
N GLU A 193 -10.13 -3.33 -6.43
CA GLU A 193 -9.62 -4.71 -6.49
C GLU A 193 -10.62 -5.63 -7.20
N PRO A 194 -10.13 -6.70 -7.84
CA PRO A 194 -11.06 -7.69 -8.42
C PRO A 194 -12.03 -8.22 -7.37
N GLY A 195 -13.28 -8.42 -7.78
CA GLY A 195 -14.28 -8.90 -6.84
C GLY A 195 -14.98 -7.81 -6.05
N SER A 196 -14.62 -6.55 -6.24
CA SER A 196 -15.22 -5.45 -5.47
C SER A 196 -16.67 -5.20 -5.90
N ASN A 197 -17.48 -4.69 -4.98
CA ASN A 197 -18.80 -4.18 -5.33
C ASN A 197 -18.74 -2.67 -5.44
N VAL A 198 -19.31 -2.11 -6.51
CA VAL A 198 -19.13 -0.69 -6.83
C VAL A 198 -20.51 -0.09 -7.07
N ALA A 199 -20.72 1.15 -6.61
CA ALA A 199 -21.89 1.92 -7.00
C ALA A 199 -21.48 3.19 -7.75
N ILE A 200 -22.23 3.51 -8.79
CA ILE A 200 -21.97 4.66 -9.65
C ILE A 200 -23.21 5.54 -9.71
N PHE A 201 -23.08 6.76 -9.20
CA PHE A 201 -24.18 7.71 -9.18
C PHE A 201 -24.06 8.65 -10.37
N GLY A 202 -25.02 8.57 -11.31
CA GLY A 202 -24.98 9.38 -12.52
C GLY A 202 -24.39 8.58 -13.68
N LEU A 203 -25.18 8.32 -14.72
CA LEU A 203 -24.73 7.49 -15.83
C LEU A 203 -24.57 8.33 -17.08
N GLY A 204 -23.89 9.47 -16.97
CA GLY A 204 -23.37 10.17 -18.12
C GLY A 204 -22.00 9.62 -18.51
N THR A 205 -21.30 10.40 -19.35
CA THR A 205 -20.00 9.94 -19.89
C THR A 205 -19.04 9.52 -18.78
N VAL A 206 -18.89 10.35 -17.75
CA VAL A 206 -17.93 10.07 -16.71
C VAL A 206 -18.32 8.85 -15.90
N GLY A 207 -19.60 8.72 -15.56
CA GLY A 207 -20.05 7.53 -14.86
C GLY A 207 -19.87 6.26 -15.68
N LEU A 208 -20.08 6.36 -16.99
CA LEU A 208 -19.86 5.18 -17.85
C LEU A 208 -18.37 4.81 -17.96
N ALA A 209 -17.48 5.79 -17.92
CA ALA A 209 -16.06 5.48 -17.90
C ALA A 209 -15.65 4.88 -16.56
N VAL A 210 -16.27 5.32 -15.45
CA VAL A 210 -16.06 4.61 -14.18
C VAL A 210 -16.48 3.15 -14.33
N ALA A 211 -17.63 2.93 -14.97
CA ALA A 211 -18.12 1.56 -15.16
C ALA A 211 -17.12 0.72 -15.97
N GLU A 212 -16.61 1.28 -17.08
CA GLU A 212 -15.57 0.62 -17.84
C GLU A 212 -14.32 0.36 -17.01
N GLY A 213 -13.92 1.34 -16.20
CA GLY A 213 -12.73 1.13 -15.38
C GLY A 213 -12.95 0.03 -14.36
N ALA A 214 -14.13 0.01 -13.74
CA ALA A 214 -14.43 -1.02 -12.75
C ALA A 214 -14.51 -2.40 -13.42
N LYS A 215 -15.16 -2.48 -14.58
CA LYS A 215 -15.23 -3.76 -15.30
C LYS A 215 -13.83 -4.27 -15.64
N THR A 216 -12.99 -3.38 -16.21
CA THR A 216 -11.61 -3.78 -16.59
C THR A 216 -10.83 -4.26 -15.38
N ALA A 217 -11.07 -3.65 -14.23
CA ALA A 217 -10.32 -4.02 -13.03
C ALA A 217 -10.84 -5.29 -12.38
N GLY A 218 -11.99 -5.81 -12.81
CA GLY A 218 -12.51 -7.06 -12.26
C GLY A 218 -13.57 -6.94 -11.19
N ALA A 219 -14.19 -5.78 -11.03
CA ALA A 219 -15.28 -5.62 -10.08
C ALA A 219 -16.40 -6.62 -10.34
N SER A 220 -17.06 -7.02 -9.27
CA SER A 220 -18.17 -7.96 -9.37
C SER A 220 -19.49 -7.22 -9.65
N ARG A 221 -20.10 -6.62 -8.65
CA ARG A 221 -21.36 -5.90 -8.87
C ARG A 221 -21.03 -4.46 -9.19
N ILE A 222 -21.60 -3.95 -10.29
CA ILE A 222 -21.40 -2.59 -10.74
C ILE A 222 -22.80 -2.00 -10.83
N ILE A 223 -23.21 -1.28 -9.78
CA ILE A 223 -24.57 -0.82 -9.59
C ILE A 223 -24.68 0.62 -10.04
N GLY A 224 -25.53 0.87 -11.03
CA GLY A 224 -25.79 2.22 -11.50
C GLY A 224 -27.02 2.79 -10.81
N ILE A 225 -26.93 4.08 -10.44
CA ILE A 225 -28.02 4.83 -9.81
C ILE A 225 -28.24 6.09 -10.65
N ASP A 226 -29.45 6.26 -11.17
CA ASP A 226 -29.85 7.42 -11.96
C ASP A 226 -31.37 7.57 -11.89
N ILE A 227 -31.84 8.81 -12.05
CA ILE A 227 -33.30 9.03 -12.08
C ILE A 227 -33.89 8.82 -13.47
N ASP A 228 -33.05 8.63 -14.48
CA ASP A 228 -33.50 8.31 -15.84
C ASP A 228 -33.15 6.85 -16.16
N SER A 229 -34.17 5.97 -16.14
CA SER A 229 -33.91 4.54 -16.33
C SER A 229 -33.44 4.18 -17.74
N LYS A 230 -33.73 5.02 -18.75
CA LYS A 230 -33.19 4.79 -20.08
C LYS A 230 -31.66 4.86 -20.11
N LYS A 231 -31.05 5.61 -19.18
CA LYS A 231 -29.58 5.67 -19.10
C LYS A 231 -28.98 4.31 -18.78
N TYR A 232 -29.73 3.44 -18.10
CA TYR A 232 -29.24 2.10 -17.77
C TYR A 232 -29.07 1.27 -19.03
N GLU A 233 -30.04 1.33 -19.95
CA GLU A 233 -29.91 0.55 -21.18
C GLU A 233 -28.66 0.95 -21.95
N THR A 234 -28.35 2.23 -21.99
CA THR A 234 -27.14 2.71 -22.65
C THR A 234 -25.89 2.29 -21.89
N ALA A 235 -25.97 2.20 -20.56
CA ALA A 235 -24.84 1.90 -19.69
C ALA A 235 -24.40 0.44 -19.73
N LYS A 236 -25.27 -0.48 -20.17
CA LYS A 236 -24.92 -1.90 -20.11
C LYS A 236 -23.63 -2.24 -20.85
N LYS A 237 -23.43 -1.70 -22.04
CA LYS A 237 -22.21 -2.05 -22.78
C LYS A 237 -20.95 -1.52 -22.11
N PHE A 238 -21.07 -0.54 -21.21
CA PHE A 238 -19.93 0.00 -20.49
C PHE A 238 -19.65 -0.76 -19.19
N GLY A 239 -20.49 -1.72 -18.83
CA GLY A 239 -20.20 -2.56 -17.67
C GLY A 239 -21.20 -2.49 -16.52
N VAL A 240 -22.12 -1.52 -16.49
CA VAL A 240 -23.12 -1.46 -15.43
C VAL A 240 -23.99 -2.72 -15.51
N ASN A 241 -24.08 -3.48 -14.41
CA ASN A 241 -24.80 -4.75 -14.48
C ASN A 241 -25.94 -4.86 -13.47
N GLU A 242 -26.27 -3.78 -12.78
CA GLU A 242 -27.43 -3.66 -11.89
C GLU A 242 -27.84 -2.19 -11.85
N PHE A 243 -29.12 -1.94 -11.59
CA PHE A 243 -29.61 -0.57 -11.64
C PHE A 243 -30.59 -0.30 -10.52
N VAL A 244 -30.52 0.89 -9.92
CA VAL A 244 -31.50 1.34 -8.94
C VAL A 244 -31.95 2.75 -9.31
N ASN A 245 -33.26 2.94 -9.43
CA ASN A 245 -33.83 4.26 -9.59
C ASN A 245 -34.33 4.75 -8.24
N PRO A 246 -33.81 5.86 -7.70
CA PRO A 246 -34.24 6.28 -6.36
C PRO A 246 -35.75 6.46 -6.24
N LYS A 247 -36.44 6.84 -7.33
CA LYS A 247 -37.89 7.08 -7.28
C LYS A 247 -38.69 5.82 -7.04
N ASP A 248 -38.10 4.64 -7.19
CA ASP A 248 -38.88 3.43 -6.93
C ASP A 248 -38.96 3.06 -5.45
N HIS A 249 -38.36 3.83 -4.55
CA HIS A 249 -38.25 3.42 -3.15
C HIS A 249 -38.60 4.57 -2.20
N ASP A 250 -39.24 4.22 -1.08
CA ASP A 250 -39.52 5.19 -0.02
C ASP A 250 -38.29 5.46 0.83
N LYS A 251 -37.44 4.46 1.03
CA LYS A 251 -36.22 4.64 1.80
C LYS A 251 -35.21 5.47 1.01
N PRO A 252 -34.35 6.22 1.68
CA PRO A 252 -33.30 6.96 0.96
C PRO A 252 -32.41 6.00 0.20
N ILE A 253 -31.86 6.49 -0.92
CA ILE A 253 -31.13 5.58 -1.83
C ILE A 253 -29.98 4.85 -1.12
N GLN A 254 -29.32 5.51 -0.17
CA GLN A 254 -28.18 4.87 0.47
C GLN A 254 -28.61 3.68 1.30
N GLU A 255 -29.81 3.75 1.90
CA GLU A 255 -30.32 2.60 2.61
C GLU A 255 -30.72 1.50 1.65
N VAL A 256 -31.25 1.84 0.47
CA VAL A 256 -31.62 0.79 -0.49
C VAL A 256 -30.36 0.03 -0.92
N ILE A 257 -29.29 0.75 -1.19
CA ILE A 257 -28.04 0.13 -1.61
C ILE A 257 -27.48 -0.76 -0.51
N VAL A 258 -27.56 -0.30 0.76
CA VAL A 258 -27.03 -1.09 1.86
C VAL A 258 -27.81 -2.39 1.98
N ASP A 259 -29.15 -2.31 1.85
CA ASP A 259 -30.00 -3.50 1.88
C ASP A 259 -29.66 -4.45 0.73
N LEU A 260 -29.44 -3.91 -0.47
CA LEU A 260 -29.16 -4.73 -1.64
C LEU A 260 -27.81 -5.45 -1.57
N THR A 261 -26.84 -4.91 -0.84
CA THR A 261 -25.49 -5.46 -0.82
C THR A 261 -25.10 -6.03 0.53
N ASP A 262 -26.06 -6.16 1.45
CA ASP A 262 -25.80 -6.62 2.81
C ASP A 262 -24.68 -5.82 3.48
N GLY A 263 -24.85 -4.50 3.52
CA GLY A 263 -23.89 -3.72 4.28
C GLY A 263 -23.36 -2.51 3.55
N GLY A 264 -23.43 -2.52 2.23
CA GLY A 264 -22.96 -1.43 1.41
C GLY A 264 -21.87 -1.87 0.44
N VAL A 265 -21.56 -0.97 -0.47
CA VAL A 265 -20.58 -1.26 -1.51
C VAL A 265 -19.16 -1.03 -0.98
N ASP A 266 -18.18 -1.62 -1.67
CA ASP A 266 -16.77 -1.40 -1.34
C ASP A 266 -16.26 -0.06 -1.83
N TYR A 267 -16.76 0.41 -2.97
CA TYR A 267 -16.39 1.70 -3.54
C TYR A 267 -17.65 2.34 -4.10
N SER A 268 -17.76 3.65 -3.96
CA SER A 268 -18.78 4.38 -4.69
C SER A 268 -18.16 5.60 -5.34
N PHE A 269 -18.80 6.04 -6.41
CA PHE A 269 -18.33 7.12 -7.26
C PHE A 269 -19.49 8.07 -7.53
N GLU A 270 -19.29 9.35 -7.25
CA GLU A 270 -20.27 10.38 -7.56
C GLU A 270 -19.84 11.17 -8.81
N CYS A 271 -20.66 11.10 -9.84
CA CYS A 271 -20.33 11.56 -11.18
C CYS A 271 -21.33 12.59 -11.71
N ILE A 272 -22.04 13.28 -10.82
CA ILE A 272 -23.04 14.28 -11.19
C ILE A 272 -22.62 15.69 -10.76
N GLY A 273 -22.01 15.83 -9.60
CA GLY A 273 -21.79 17.16 -9.04
C GLY A 273 -22.95 17.67 -8.21
N ASN A 274 -23.74 16.79 -7.62
CA ASN A 274 -24.83 17.15 -6.73
C ASN A 274 -24.41 16.80 -5.31
N VAL A 275 -24.31 17.80 -4.42
CA VAL A 275 -23.74 17.55 -3.10
C VAL A 275 -24.62 16.64 -2.26
N SER A 276 -25.94 16.66 -2.51
CA SER A 276 -26.83 15.78 -1.78
CA SER A 276 -26.83 15.77 -1.78
C SER A 276 -26.62 14.33 -2.22
N VAL A 277 -26.34 14.12 -3.50
CA VAL A 277 -25.97 12.78 -3.98
C VAL A 277 -24.57 12.37 -3.50
N MET A 278 -23.62 13.31 -3.37
CA MET A 278 -22.32 13.00 -2.79
C MET A 278 -22.46 12.44 -1.38
N ARG A 279 -23.36 13.02 -0.58
CA ARG A 279 -23.61 12.47 0.76
C ARG A 279 -24.17 11.05 0.67
N ALA A 280 -25.15 10.83 -0.21
CA ALA A 280 -25.73 9.48 -0.34
C ALA A 280 -24.67 8.46 -0.76
N ALA A 281 -23.75 8.87 -1.63
CA ALA A 281 -22.70 7.97 -2.12
C ALA A 281 -21.76 7.56 -0.99
N LEU A 282 -21.45 8.48 -0.07
CA LEU A 282 -20.62 8.10 1.06
C LEU A 282 -21.37 7.15 1.98
N GLU A 283 -22.62 7.47 2.29
CA GLU A 283 -23.39 6.70 3.26
C GLU A 283 -23.79 5.33 2.73
N CYS A 284 -23.69 5.06 1.42
CA CYS A 284 -23.96 3.72 0.92
C CYS A 284 -22.73 2.81 0.95
N CYS A 285 -21.56 3.34 1.31
CA CYS A 285 -20.34 2.57 1.45
C CYS A 285 -20.35 1.69 2.70
N HIS A 286 -19.74 0.53 2.58
CA HIS A 286 -19.73 -0.46 3.66
C HIS A 286 -19.02 0.06 4.90
N LYS A 287 -19.65 -0.17 6.06
CA LYS A 287 -18.99 0.13 7.33
C LYS A 287 -17.64 -0.56 7.40
N GLY A 288 -16.66 0.12 8.00
CA GLY A 288 -15.34 -0.44 8.20
C GLY A 288 -14.33 -0.22 7.09
N TRP A 289 -14.75 -0.16 5.83
CA TRP A 289 -13.74 0.03 4.77
C TRP A 289 -14.21 0.72 3.50
N GLY A 290 -15.48 1.08 3.34
CA GLY A 290 -15.93 1.55 2.04
C GLY A 290 -15.36 2.92 1.73
N THR A 291 -15.11 3.17 0.45
CA THR A 291 -14.48 4.40 0.02
C THR A 291 -15.34 5.08 -1.03
N SER A 292 -15.64 6.36 -0.86
CA SER A 292 -16.43 7.09 -1.85
C SER A 292 -15.55 8.13 -2.55
N VAL A 293 -15.62 8.20 -3.87
CA VAL A 293 -14.75 9.07 -4.66
C VAL A 293 -15.63 10.10 -5.34
N ILE A 294 -15.39 11.38 -5.05
CA ILE A 294 -16.11 12.45 -5.73
C ILE A 294 -15.43 12.69 -7.07
N VAL A 295 -16.22 12.57 -8.15
CA VAL A 295 -15.72 12.72 -9.51
C VAL A 295 -16.37 13.93 -10.19
N GLY A 296 -17.66 14.18 -9.93
CA GLY A 296 -18.36 15.34 -10.48
C GLY A 296 -18.01 16.66 -9.76
N VAL A 297 -18.16 17.77 -10.47
CA VAL A 297 -17.74 19.08 -9.97
C VAL A 297 -18.96 19.83 -9.46
N ALA A 298 -18.98 20.17 -8.18
CA ALA A 298 -20.17 20.83 -7.63
C ALA A 298 -20.17 22.32 -7.98
N ALA A 299 -21.38 22.91 -7.95
CA ALA A 299 -21.53 24.34 -8.18
C ALA A 299 -20.88 25.15 -7.05
N SER A 300 -20.44 26.36 -7.40
CA SER A 300 -19.79 27.25 -6.44
C SER A 300 -20.59 27.40 -5.15
N GLY A 301 -19.90 27.33 -4.01
CA GLY A 301 -20.52 27.54 -2.73
C GLY A 301 -21.24 26.35 -2.11
N GLN A 302 -21.59 25.33 -2.90
CA GLN A 302 -22.29 24.18 -2.33
C GLN A 302 -21.36 23.35 -1.44
N GLU A 303 -21.92 22.81 -0.37
CA GLU A 303 -21.11 22.06 0.59
C GLU A 303 -21.65 20.63 0.71
N ILE A 304 -20.74 19.69 0.89
CA ILE A 304 -21.08 18.33 1.28
C ILE A 304 -21.11 18.25 2.79
N SER A 305 -21.88 17.29 3.28
CA SER A 305 -22.19 17.16 4.69
C SER A 305 -22.41 15.69 4.99
N THR A 306 -22.01 15.28 6.19
CA THR A 306 -22.43 13.99 6.74
C THR A 306 -22.20 14.02 8.25
N ARG A 307 -22.65 12.98 8.91
CA ARG A 307 -22.31 12.92 10.33
C ARG A 307 -20.95 12.26 10.48
N PRO A 308 -20.04 12.78 11.31
CA PRO A 308 -18.67 12.22 11.36
C PRO A 308 -18.60 10.76 11.77
N PHE A 309 -19.62 10.19 12.42
CA PHE A 309 -19.50 8.76 12.72
C PHE A 309 -19.38 7.91 11.45
N GLN A 310 -19.82 8.41 10.29
CA GLN A 310 -19.58 7.67 9.04
C GLN A 310 -18.08 7.43 8.83
N LEU A 311 -17.25 8.41 9.14
CA LEU A 311 -15.82 8.26 8.92
C LEU A 311 -15.14 7.59 10.08
N VAL A 312 -15.63 7.83 11.28
CA VAL A 312 -15.05 7.19 12.45
C VAL A 312 -15.26 5.68 12.36
N THR A 313 -16.35 5.23 11.73
CA THR A 313 -16.59 3.80 11.59
C THR A 313 -16.09 3.27 10.24
N GLY A 314 -15.14 3.98 9.62
CA GLY A 314 -14.24 3.37 8.66
C GLY A 314 -14.45 3.73 7.20
N ARG A 315 -15.45 4.53 6.86
CA ARG A 315 -15.55 4.97 5.47
C ARG A 315 -14.53 6.09 5.19
N VAL A 316 -14.16 6.23 3.92
CA VAL A 316 -13.12 7.15 3.49
C VAL A 316 -13.71 8.01 2.39
N TRP A 317 -13.52 9.33 2.49
CA TRP A 317 -14.02 10.26 1.49
C TRP A 317 -12.82 10.86 0.74
N LYS A 318 -12.81 10.71 -0.59
CA LYS A 318 -11.75 11.36 -1.35
C LYS A 318 -12.34 11.81 -2.68
N GLY A 319 -11.48 12.26 -3.58
CA GLY A 319 -11.91 12.78 -4.86
C GLY A 319 -10.78 12.69 -5.86
N THR A 320 -11.10 12.98 -7.11
CA THR A 320 -10.15 12.78 -8.20
C THR A 320 -10.20 13.97 -9.14
N ALA A 321 -9.01 14.30 -9.67
CA ALA A 321 -8.84 15.33 -10.69
C ALA A 321 -8.22 14.67 -11.91
N PHE A 322 -8.95 14.66 -13.02
CA PHE A 322 -8.49 14.01 -14.26
C PHE A 322 -8.10 12.55 -14.01
N GLY A 323 -8.82 11.88 -13.12
CA GLY A 323 -8.55 10.48 -12.81
C GLY A 323 -7.18 10.18 -12.23
N GLY A 324 -6.49 11.18 -11.69
CA GLY A 324 -5.15 10.96 -11.21
C GLY A 324 -4.10 10.72 -12.27
N PHE A 325 -4.39 10.92 -13.55
CA PHE A 325 -3.39 10.65 -14.59
C PHE A 325 -2.46 11.88 -14.76
N LYS A 326 -1.18 11.60 -15.07
CA LYS A 326 -0.22 12.61 -15.54
C LYS A 326 -0.43 12.81 -17.05
N SER A 327 -0.84 14.01 -17.47
CA SER A 327 -1.36 14.19 -18.82
C SER A 327 -0.31 13.89 -19.91
N ARG A 328 0.83 14.58 -19.91
CA ARG A 328 1.76 14.43 -21.03
C ARG A 328 2.35 13.03 -21.11
N THR A 329 2.51 12.36 -19.98
CA THR A 329 3.09 11.03 -19.97
C THR A 329 2.05 9.96 -20.25
N GLN A 330 0.83 10.10 -19.73
CA GLN A 330 -0.11 8.98 -19.73
C GLN A 330 -1.23 9.09 -20.76
N VAL A 331 -1.58 10.29 -21.22
CA VAL A 331 -2.56 10.40 -22.30
C VAL A 331 -2.09 9.64 -23.53
N PRO A 332 -0.81 9.69 -23.94
CA PRO A 332 -0.38 8.85 -25.06
C PRO A 332 -0.53 7.37 -24.79
N TRP A 333 -0.32 6.95 -23.53
CA TRP A 333 -0.53 5.55 -23.19
C TRP A 333 -2.00 5.16 -23.37
N LEU A 334 -2.93 6.05 -22.99
CA LEU A 334 -4.35 5.76 -23.20
C LEU A 334 -4.69 5.68 -24.69
N VAL A 335 -4.06 6.50 -25.52
CA VAL A 335 -4.25 6.37 -26.96
C VAL A 335 -3.74 5.01 -27.46
N GLU A 336 -2.59 4.57 -26.95
CA GLU A 336 -2.10 3.23 -27.29
C GLU A 336 -3.11 2.15 -26.93
N LYS A 337 -3.67 2.20 -25.72
CA LYS A 337 -4.64 1.20 -25.28
C LYS A 337 -5.87 1.22 -26.16
N TYR A 338 -6.35 2.42 -26.48
CA TYR A 338 -7.46 2.56 -27.41
C TYR A 338 -7.17 1.86 -28.71
N MET A 339 -5.98 2.08 -29.26
CA MET A 339 -5.70 1.52 -30.58
C MET A 339 -5.60 0.00 -30.52
N ASN A 340 -5.35 -0.54 -29.34
N ASN A 340 -5.35 -0.55 -29.34
CA ASN A 340 -5.25 -1.97 -29.08
CA ASN A 340 -5.27 -2.00 -29.16
C ASN A 340 -6.58 -2.58 -28.67
C ASN A 340 -6.59 -2.60 -28.69
N LYS A 341 -7.68 -1.82 -28.71
CA LYS A 341 -9.03 -2.21 -28.26
C LYS A 341 -9.12 -2.59 -26.78
N GLU A 342 -8.25 -1.99 -25.98
CA GLU A 342 -8.18 -2.25 -24.55
C GLU A 342 -8.99 -1.26 -23.71
N ILE A 343 -9.31 -0.10 -24.27
CA ILE A 343 -10.23 0.86 -23.67
C ILE A 343 -11.21 1.29 -24.74
N LYS A 344 -12.46 1.50 -24.32
CA LYS A 344 -13.51 2.05 -25.16
C LYS A 344 -13.33 3.55 -25.35
N VAL A 345 -13.56 4.03 -26.58
CA VAL A 345 -13.68 5.45 -26.82
C VAL A 345 -14.89 5.70 -27.73
N ASP A 346 -14.94 4.98 -28.85
CA ASP A 346 -15.96 5.22 -29.88
C ASP A 346 -17.39 5.23 -29.32
N GLU A 347 -17.71 4.28 -28.45
CA GLU A 347 -19.09 4.10 -27.97
C GLU A 347 -19.60 5.31 -27.20
N TYR A 348 -18.72 6.17 -26.69
CA TYR A 348 -19.16 7.38 -26.02
C TYR A 348 -19.69 8.43 -26.99
N ILE A 349 -19.35 8.34 -28.27
CA ILE A 349 -19.68 9.39 -29.21
C ILE A 349 -21.05 9.10 -29.82
N THR A 350 -22.06 9.84 -29.38
CA THR A 350 -23.44 9.63 -29.79
C THR A 350 -23.89 10.60 -30.88
N HIS A 351 -23.22 11.73 -31.04
CA HIS A 351 -23.60 12.76 -31.99
C HIS A 351 -22.34 13.32 -32.65
N ASN A 352 -22.45 13.67 -33.94
CA ASN A 352 -21.36 14.32 -34.67
C ASN A 352 -21.94 15.54 -35.37
N LEU A 353 -21.45 16.73 -35.00
CA LEU A 353 -21.94 17.98 -35.58
C LEU A 353 -20.73 18.76 -36.13
N THR A 354 -20.99 19.97 -36.61
CA THR A 354 -19.92 20.88 -37.01
C THR A 354 -19.83 22.01 -36.00
N LEU A 355 -18.65 22.66 -35.99
CA LEU A 355 -18.44 23.83 -35.12
C LEU A 355 -19.51 24.90 -35.32
N GLY A 356 -19.92 25.12 -36.57
CA GLY A 356 -20.97 26.11 -36.80
C GLY A 356 -22.31 25.76 -36.16
N GLU A 357 -22.50 24.49 -35.81
CA GLU A 357 -23.72 24.03 -35.15
C GLU A 357 -23.56 23.90 -33.64
N ILE A 358 -22.54 24.56 -33.07
CA ILE A 358 -22.23 24.37 -31.65
C ILE A 358 -23.39 24.70 -30.74
N ASN A 359 -24.24 25.69 -31.08
CA ASN A 359 -25.37 25.97 -30.20
C ASN A 359 -26.34 24.78 -30.14
N LYS A 360 -26.53 24.09 -31.27
CA LYS A 360 -27.28 22.84 -31.22
C LYS A 360 -26.62 21.82 -30.30
N ALA A 361 -25.28 21.77 -30.25
CA ALA A 361 -24.62 20.86 -29.34
C ALA A 361 -24.94 21.21 -27.88
N PHE A 362 -24.92 22.50 -27.54
CA PHE A 362 -25.34 22.90 -26.20
C PHE A 362 -26.74 22.40 -25.89
N ASP A 363 -27.67 22.49 -26.85
CA ASP A 363 -29.01 21.95 -26.62
C ASP A 363 -29.00 20.45 -26.37
N LEU A 364 -28.07 19.72 -26.97
CA LEU A 364 -28.04 18.27 -26.76
C LEU A 364 -27.60 17.90 -25.35
N LEU A 365 -26.97 18.83 -24.62
CA LEU A 365 -26.59 18.55 -23.25
C LEU A 365 -27.79 18.26 -22.35
N HIS A 366 -28.98 18.74 -22.72
CA HIS A 366 -30.22 18.41 -22.02
C HIS A 366 -30.94 17.20 -22.60
N GLU A 367 -30.27 16.41 -23.44
CA GLU A 367 -30.82 15.20 -24.02
C GLU A 367 -30.17 13.99 -23.37
N GLY A 368 -31.00 13.15 -22.76
CA GLY A 368 -30.46 12.01 -22.01
C GLY A 368 -29.70 11.02 -22.86
N THR A 369 -30.06 10.90 -24.14
CA THR A 369 -29.36 10.01 -25.05
C THR A 369 -28.04 10.59 -25.56
N CYS A 370 -27.71 11.84 -25.25
CA CYS A 370 -26.42 12.40 -25.63
C CYS A 370 -25.40 12.13 -24.54
N LEU A 371 -24.31 11.47 -24.92
CA LEU A 371 -23.14 11.29 -24.08
C LEU A 371 -22.05 12.29 -24.46
N ARG A 372 -21.51 12.16 -25.68
CA ARG A 372 -20.56 13.13 -26.22
C ARG A 372 -20.96 13.48 -27.65
N CYS A 373 -21.08 14.77 -27.91
CA CYS A 373 -21.18 15.29 -29.26
C CYS A 373 -19.81 15.79 -29.71
N VAL A 374 -19.32 15.30 -30.84
CA VAL A 374 -18.03 15.67 -31.42
C VAL A 374 -18.26 16.62 -32.59
N LEU A 375 -17.52 17.73 -32.60
CA LEU A 375 -17.67 18.80 -33.59
C LEU A 375 -16.46 18.81 -34.52
N ASP A 376 -16.72 18.78 -35.82
CA ASP A 376 -15.71 18.98 -36.87
C ASP A 376 -15.49 20.48 -37.04
N THR A 377 -14.26 20.96 -36.81
CA THR A 377 -14.05 22.41 -36.87
C THR A 377 -13.94 22.98 -38.29
N SER A 378 -13.92 22.13 -39.31
CA SER A 378 -13.78 22.61 -40.69
C SER A 378 -15.03 23.33 -41.21
N LYS A 379 -16.20 23.09 -40.60
CA LYS A 379 -17.45 23.70 -41.08
C LYS A 379 -18.25 24.35 -39.95
N ALA B 2 -13.62 -17.09 47.58
CA ALA B 2 -14.43 -18.13 46.97
C ALA B 2 -15.78 -17.57 46.58
N THR B 3 -15.80 -16.75 45.53
CA THR B 3 -17.02 -16.12 45.04
C THR B 3 -17.53 -16.74 43.76
N GLN B 4 -16.84 -17.74 43.22
CA GLN B 4 -17.20 -18.23 41.90
C GLN B 4 -18.62 -18.83 41.92
N GLY B 5 -19.43 -18.44 40.93
CA GLY B 5 -20.81 -18.87 40.84
C GLY B 5 -21.77 -18.14 41.75
N GLN B 6 -21.29 -17.23 42.60
CA GLN B 6 -22.15 -16.50 43.51
C GLN B 6 -22.35 -15.06 43.06
N VAL B 7 -23.41 -14.48 43.59
CA VAL B 7 -23.66 -13.06 43.40
C VAL B 7 -22.71 -12.30 44.32
N ILE B 8 -21.99 -11.33 43.76
CA ILE B 8 -21.05 -10.50 44.53
C ILE B 8 -21.71 -9.18 44.86
N THR B 9 -21.62 -8.75 46.11
CA THR B 9 -22.01 -7.40 46.48
C THR B 9 -20.76 -6.54 46.61
N CYS B 10 -20.76 -5.40 45.92
CA CYS B 10 -19.58 -4.56 45.89
C CYS B 10 -19.98 -3.13 45.63
N LYS B 11 -19.00 -2.25 45.73
CA LYS B 11 -19.21 -0.83 45.50
CA LYS B 11 -19.20 -0.84 45.50
C LYS B 11 -19.20 -0.52 44.00
N ALA B 12 -20.08 0.39 43.58
CA ALA B 12 -20.04 0.89 42.22
C ALA B 12 -20.61 2.30 42.18
N ALA B 13 -20.16 3.08 41.20
CA ALA B 13 -20.69 4.42 40.97
C ALA B 13 -21.86 4.32 40.00
N VAL B 14 -23.07 4.64 40.46
CA VAL B 14 -24.25 4.54 39.62
C VAL B 14 -24.67 5.91 39.14
N ALA B 15 -24.93 6.03 37.83
CA ALA B 15 -25.52 7.24 37.24
C ALA B 15 -27.02 6.99 37.12
N TYR B 16 -27.82 7.69 37.92
CA TYR B 16 -29.26 7.45 37.86
C TYR B 16 -29.97 8.29 36.83
N GLU B 17 -29.48 9.50 36.59
CA GLU B 17 -30.10 10.47 35.71
C GLU B 17 -28.98 11.25 35.06
N PRO B 18 -29.20 11.76 33.86
CA PRO B 18 -28.19 12.61 33.24
C PRO B 18 -28.00 13.90 34.03
N ASN B 19 -26.76 14.38 34.06
CA ASN B 19 -26.41 15.67 34.65
C ASN B 19 -26.71 15.76 36.13
N LYS B 20 -26.79 14.61 36.83
CA LYS B 20 -26.91 14.60 38.28
C LYS B 20 -25.73 13.84 38.86
N PRO B 21 -25.34 14.11 40.10
CA PRO B 21 -24.14 13.47 40.64
C PRO B 21 -24.20 11.95 40.64
N LEU B 22 -23.03 11.35 40.41
CA LEU B 22 -22.88 9.91 40.52
C LEU B 22 -23.11 9.46 41.95
N VAL B 23 -23.74 8.30 42.12
CA VAL B 23 -24.07 7.78 43.44
C VAL B 23 -23.30 6.52 43.73
N ILE B 24 -22.53 6.55 44.80
CA ILE B 24 -21.80 5.39 45.29
C ILE B 24 -22.77 4.41 45.96
N GLU B 25 -22.96 3.23 45.35
CA GLU B 25 -23.96 2.24 45.76
C GLU B 25 -23.32 0.89 46.08
N ASP B 26 -23.97 0.13 46.94
CA ASP B 26 -23.68 -1.30 47.06
C ASP B 26 -24.54 -2.04 46.05
N VAL B 27 -23.90 -2.63 45.04
CA VAL B 27 -24.62 -3.27 43.94
C VAL B 27 -24.36 -4.77 43.95
N GLN B 28 -25.29 -5.50 43.35
CA GLN B 28 -25.11 -6.93 43.14
C GLN B 28 -24.64 -7.19 41.72
N VAL B 29 -23.64 -8.05 41.60
CA VAL B 29 -23.06 -8.43 40.32
C VAL B 29 -23.29 -9.91 40.14
N ALA B 30 -24.13 -10.27 39.18
CA ALA B 30 -24.45 -11.66 38.91
C ALA B 30 -23.21 -12.42 38.40
N PRO B 31 -23.19 -13.75 38.56
CA PRO B 31 -22.09 -14.54 37.98
C PRO B 31 -22.14 -14.56 36.46
N PRO B 32 -20.99 -14.77 35.81
CA PRO B 32 -20.96 -14.80 34.35
C PRO B 32 -21.64 -16.03 33.76
N GLN B 33 -22.34 -15.81 32.65
CA GLN B 33 -22.98 -16.89 31.90
C GLN B 33 -22.05 -17.33 30.77
N ALA B 34 -22.58 -18.14 29.85
CA ALA B 34 -21.80 -18.64 28.74
C ALA B 34 -21.13 -17.50 27.97
N GLY B 35 -19.82 -17.65 27.74
CA GLY B 35 -19.07 -16.69 26.96
C GLY B 35 -18.81 -15.39 27.66
N GLU B 36 -18.91 -15.35 29.00
CA GLU B 36 -18.76 -14.15 29.80
C GLU B 36 -17.64 -14.32 30.81
N VAL B 37 -17.11 -13.18 31.28
CA VAL B 37 -16.00 -13.13 32.21
C VAL B 37 -16.28 -12.08 33.27
N ARG B 38 -16.18 -12.47 34.54
CA ARG B 38 -16.32 -11.52 35.63
C ARG B 38 -14.92 -11.10 36.08
N ILE B 39 -14.73 -9.79 36.24
CA ILE B 39 -13.41 -9.20 36.47
C ILE B 39 -13.45 -8.35 37.72
N LYS B 40 -12.53 -8.62 38.64
CA LYS B 40 -12.27 -7.70 39.74
CA LYS B 40 -12.27 -7.70 39.74
C LYS B 40 -11.50 -6.51 39.19
N ILE B 41 -12.12 -5.33 39.15
CA ILE B 41 -11.49 -4.11 38.63
C ILE B 41 -10.67 -3.45 39.74
N LEU B 42 -9.39 -3.18 39.48
CA LEU B 42 -8.55 -2.60 40.54
C LEU B 42 -8.31 -1.11 40.37
N TYR B 43 -8.15 -0.65 39.13
CA TYR B 43 -8.01 0.75 38.79
C TYR B 43 -8.79 1.03 37.51
N THR B 44 -9.36 2.20 37.45
CA THR B 44 -10.12 2.67 36.30
C THR B 44 -9.88 4.17 36.13
N ALA B 45 -9.82 4.65 34.89
CA ALA B 45 -9.58 6.05 34.62
C ALA B 45 -10.82 6.69 34.01
N LEU B 46 -10.88 8.01 34.09
CA LEU B 46 -12.02 8.76 33.56
C LEU B 46 -11.70 9.25 32.17
N CYS B 47 -12.68 9.16 31.29
CA CYS B 47 -12.51 9.61 29.93
C CYS B 47 -13.63 10.58 29.61
N HIS B 48 -13.35 11.54 28.73
CA HIS B 48 -14.41 12.46 28.32
C HIS B 48 -15.62 11.68 27.82
N THR B 49 -15.41 10.51 27.18
CA THR B 49 -16.55 9.76 26.67
C THR B 49 -17.52 9.35 27.79
N ASP B 50 -17.02 9.03 28.98
CA ASP B 50 -17.90 8.76 30.11
C ASP B 50 -18.76 9.99 30.45
N ALA B 51 -18.16 11.18 30.40
CA ALA B 51 -18.92 12.37 30.76
C ALA B 51 -19.82 12.82 29.63
N TYR B 52 -19.40 12.58 28.40
CA TYR B 52 -20.23 12.79 27.22
C TYR B 52 -21.59 12.11 27.34
N THR B 53 -21.62 10.94 27.98
CA THR B 53 -22.84 10.15 28.12
C THR B 53 -23.62 10.53 29.38
N TRP B 54 -22.90 10.75 30.47
CA TRP B 54 -23.47 11.26 31.70
C TRP B 54 -24.20 12.59 31.50
N SER B 55 -23.88 13.31 30.40
CA SER B 55 -24.38 14.66 30.17
C SER B 55 -25.50 14.78 29.12
N GLY B 56 -25.97 13.69 28.54
CA GLY B 56 -27.06 13.78 27.58
C GLY B 56 -26.67 14.01 26.13
N LYS B 57 -25.38 14.03 25.81
CA LYS B 57 -24.97 14.12 24.40
C LYS B 57 -25.13 12.78 23.72
N ASP B 58 -25.29 11.73 24.51
CA ASP B 58 -25.78 10.44 24.05
C ASP B 58 -27.30 10.48 24.05
N PRO B 59 -27.95 10.23 22.91
CA PRO B 59 -29.41 10.35 22.86
C PRO B 59 -30.17 9.18 23.47
N GLU B 60 -29.46 8.12 23.87
CA GLU B 60 -30.10 6.87 24.23
C GLU B 60 -30.76 6.88 25.61
N GLY B 61 -30.27 7.69 26.54
CA GLY B 61 -30.89 7.80 27.86
C GLY B 61 -30.98 6.51 28.65
N LEU B 62 -29.92 5.69 28.60
CA LEU B 62 -29.89 4.36 29.24
C LEU B 62 -29.39 4.49 30.67
N PHE B 63 -30.32 4.89 31.53
CA PHE B 63 -30.14 5.14 32.94
C PHE B 63 -31.15 4.34 33.73
N PRO B 64 -30.81 3.91 34.96
CA PRO B 64 -29.51 4.03 35.62
C PRO B 64 -28.45 3.18 34.90
N CYS B 65 -27.19 3.56 35.02
CA CYS B 65 -26.11 2.80 34.38
C CYS B 65 -24.85 2.97 35.20
N ILE B 66 -23.93 2.03 35.03
CA ILE B 66 -22.59 2.14 35.58
C ILE B 66 -21.67 2.49 34.41
N LEU B 67 -21.12 3.69 34.42
CA LEU B 67 -20.23 4.16 33.35
C LEU B 67 -18.83 3.56 33.51
N GLY B 68 -17.88 4.04 32.69
CA GLY B 68 -16.51 3.62 32.81
C GLY B 68 -16.10 2.58 31.78
N HIS B 69 -14.97 2.79 31.14
CA HIS B 69 -14.48 1.84 30.16
C HIS B 69 -12.97 1.82 30.04
N GLU B 70 -12.22 2.56 30.86
CA GLU B 70 -10.75 2.51 30.88
C GLU B 70 -10.34 1.87 32.22
N ALA B 71 -9.92 0.61 32.20
CA ALA B 71 -9.67 -0.06 33.48
C ALA B 71 -8.72 -1.24 33.31
N ALA B 72 -8.27 -1.77 34.44
CA ALA B 72 -7.45 -2.96 34.46
C ALA B 72 -7.76 -3.72 35.74
N GLY B 73 -7.56 -5.03 35.69
CA GLY B 73 -7.90 -5.86 36.83
C GLY B 73 -7.52 -7.32 36.63
N ILE B 74 -8.19 -8.15 37.42
CA ILE B 74 -7.89 -9.57 37.54
C ILE B 74 -9.19 -10.36 37.38
N VAL B 75 -9.15 -11.41 36.55
CA VAL B 75 -10.32 -12.25 36.36
C VAL B 75 -10.70 -12.93 37.67
N GLU B 76 -11.97 -12.84 38.03
CA GLU B 76 -12.49 -13.55 39.19
C GLU B 76 -13.08 -14.92 38.81
N SER B 77 -13.81 -15.00 37.69
CA SER B 77 -14.34 -16.28 37.23
C SER B 77 -14.77 -16.13 35.79
N VAL B 78 -14.92 -17.29 35.11
CA VAL B 78 -15.34 -17.27 33.72
C VAL B 78 -16.56 -18.19 33.59
N GLY B 79 -17.34 -17.96 32.55
CA GLY B 79 -18.53 -18.75 32.29
C GLY B 79 -18.21 -19.92 31.39
N GLU B 80 -19.24 -20.70 31.11
CA GLU B 80 -19.08 -21.89 30.26
C GLU B 80 -18.55 -21.52 28.88
N GLY B 81 -17.61 -22.31 28.38
CA GLY B 81 -17.05 -22.10 27.06
C GLY B 81 -15.84 -21.19 26.98
N VAL B 82 -15.46 -20.51 28.05
CA VAL B 82 -14.39 -19.52 27.96
C VAL B 82 -13.04 -20.21 28.12
N THR B 83 -12.16 -20.05 27.12
CA THR B 83 -10.86 -20.72 27.14
C THR B 83 -9.65 -19.78 27.12
N GLU B 84 -9.78 -18.55 26.62
CA GLU B 84 -8.59 -17.71 26.43
C GLU B 84 -8.10 -17.09 27.74
N VAL B 85 -8.96 -16.95 28.74
CA VAL B 85 -8.60 -16.45 30.07
C VAL B 85 -9.18 -17.37 31.12
N GLN B 86 -8.57 -17.33 32.30
CA GLN B 86 -9.03 -18.09 33.44
C GLN B 86 -8.88 -17.24 34.68
N ALA B 87 -9.47 -17.70 35.79
CA ALA B 87 -9.34 -16.96 37.03
C ALA B 87 -7.86 -16.72 37.35
N GLY B 88 -7.58 -15.54 37.89
CA GLY B 88 -6.23 -15.10 38.20
C GLY B 88 -5.53 -14.32 37.10
N ASP B 89 -5.99 -14.42 35.85
CA ASP B 89 -5.33 -13.70 34.77
C ASP B 89 -5.50 -12.19 34.95
N HIS B 90 -4.46 -11.44 34.58
CA HIS B 90 -4.51 -9.97 34.58
C HIS B 90 -5.03 -9.53 33.22
N VAL B 91 -5.97 -8.59 33.21
CA VAL B 91 -6.71 -8.31 31.99
C VAL B 91 -7.05 -6.82 31.88
N ILE B 92 -7.31 -6.40 30.64
CA ILE B 92 -7.88 -5.09 30.34
C ILE B 92 -9.17 -5.35 29.57
N PRO B 93 -10.33 -4.90 30.04
CA PRO B 93 -11.56 -5.05 29.24
C PRO B 93 -11.54 -3.98 28.15
N CYS B 94 -12.09 -4.29 26.98
CA CYS B 94 -12.10 -3.26 25.93
CA CYS B 94 -12.09 -3.31 25.89
C CYS B 94 -13.51 -3.04 25.41
N TYR B 95 -13.80 -1.77 25.16
CA TYR B 95 -15.10 -1.47 24.62
C TYR B 95 -15.19 -1.90 23.17
N GLN B 96 -14.06 -2.13 22.51
CA GLN B 96 -14.06 -2.63 21.14
CA GLN B 96 -14.03 -2.62 21.13
C GLN B 96 -13.75 -4.12 21.18
N ALA B 97 -14.74 -4.93 20.88
CA ALA B 97 -14.57 -6.39 20.89
C ALA B 97 -13.68 -6.88 19.74
N GLU B 98 -13.21 -8.13 19.85
CA GLU B 98 -12.49 -8.78 18.75
C GLU B 98 -12.86 -10.27 18.74
N CYS B 99 -13.96 -10.61 18.08
CA CYS B 99 -14.45 -11.99 18.14
C CYS B 99 -13.69 -12.92 17.20
N ARG B 100 -13.04 -12.38 16.18
CA ARG B 100 -12.28 -13.12 15.18
C ARG B 100 -13.16 -13.97 14.29
N GLU B 101 -14.50 -13.84 14.36
CA GLU B 101 -15.37 -14.74 13.62
C GLU B 101 -16.46 -14.05 12.79
N CYS B 102 -16.61 -12.73 12.88
CA CYS B 102 -17.73 -12.08 12.23
C CYS B 102 -17.28 -11.59 10.87
N LYS B 103 -18.22 -11.06 10.07
CA LYS B 103 -17.85 -10.51 8.77
C LYS B 103 -16.76 -9.44 8.87
N PHE B 104 -16.83 -8.57 9.88
CA PHE B 104 -15.83 -7.51 10.00
C PHE B 104 -14.47 -8.07 10.43
N CYS B 105 -14.46 -8.98 11.42
CA CYS B 105 -13.17 -9.54 11.85
C CYS B 105 -12.51 -10.35 10.72
N LYS B 106 -13.30 -11.08 9.95
CA LYS B 106 -12.76 -11.94 8.91
C LYS B 106 -12.36 -11.16 7.66
N SER B 107 -12.77 -9.90 7.54
CA SER B 107 -12.50 -9.15 6.31
C SER B 107 -11.03 -8.81 6.16
N GLY B 108 -10.31 -8.64 7.28
CA GLY B 108 -8.97 -8.12 7.19
C GLY B 108 -8.90 -6.66 6.78
N LYS B 109 -10.00 -5.93 6.85
CA LYS B 109 -10.02 -4.55 6.36
C LYS B 109 -10.42 -3.55 7.44
N THR B 110 -10.63 -3.99 8.68
CA THR B 110 -11.13 -3.09 9.71
C THR B 110 -10.90 -3.71 11.07
N ASN B 111 -10.86 -2.88 12.10
CA ASN B 111 -10.83 -3.42 13.45
C ASN B 111 -12.19 -3.44 14.10
N LEU B 112 -13.23 -3.04 13.38
CA LEU B 112 -14.54 -3.11 13.99
C LEU B 112 -14.97 -4.57 14.05
N CYS B 113 -15.79 -4.88 15.04
CA CYS B 113 -16.30 -6.24 15.23
C CYS B 113 -17.77 -6.10 15.51
N GLY B 114 -18.59 -6.95 14.89
CA GLY B 114 -20.02 -6.88 15.10
C GLY B 114 -20.62 -7.89 16.06
N LYS B 115 -19.82 -8.72 16.72
CA LYS B 115 -20.36 -9.89 17.40
C LYS B 115 -21.34 -9.51 18.53
N VAL B 116 -20.98 -8.53 19.36
CA VAL B 116 -21.75 -8.28 20.59
C VAL B 116 -22.40 -6.90 20.61
N ARG B 117 -22.20 -6.09 19.57
CA ARG B 117 -22.65 -4.69 19.64
C ARG B 117 -24.16 -4.56 19.79
N SER B 118 -24.93 -5.51 19.23
CA SER B 118 -26.38 -5.42 19.37
C SER B 118 -26.84 -5.52 20.82
N ALA B 119 -25.99 -6.05 21.71
CA ALA B 119 -26.24 -6.11 23.14
C ALA B 119 -25.53 -4.98 23.89
N THR B 120 -24.21 -4.81 23.69
CA THR B 120 -23.45 -3.83 24.47
C THR B 120 -23.89 -2.41 24.15
N GLY B 121 -24.34 -2.18 22.92
CA GLY B 121 -24.85 -0.87 22.55
C GLY B 121 -26.16 -0.48 23.22
N VAL B 122 -26.93 -1.45 23.74
CA VAL B 122 -28.14 -1.14 24.48
C VAL B 122 -28.02 -1.59 25.93
N GLY B 123 -26.79 -1.73 26.44
CA GLY B 123 -26.55 -1.86 27.87
C GLY B 123 -26.84 -3.22 28.47
N ILE B 124 -26.79 -4.30 27.69
CA ILE B 124 -27.08 -5.66 28.17
C ILE B 124 -26.07 -6.66 27.63
N MET B 125 -26.22 -7.95 28.02
CA MET B 125 -25.37 -9.07 27.60
C MET B 125 -26.04 -9.86 26.48
N MET B 126 -25.19 -10.45 25.63
CA MET B 126 -25.67 -11.25 24.50
C MET B 126 -26.45 -12.47 24.95
N ASN B 127 -26.00 -13.13 26.02
CA ASN B 127 -26.46 -14.51 26.25
C ASN B 127 -27.95 -14.59 26.60
N ASP B 128 -28.44 -13.70 27.44
CA ASP B 128 -29.85 -13.70 27.80
C ASP B 128 -30.51 -12.34 27.57
N ARG B 129 -29.82 -11.39 26.95
N ARG B 129 -29.79 -11.40 26.96
CA ARG B 129 -30.34 -10.04 26.72
CA ARG B 129 -30.27 -10.04 26.74
C ARG B 129 -30.81 -9.39 28.04
C ARG B 129 -30.80 -9.41 28.02
N LYS B 130 -30.06 -9.62 29.11
CA LYS B 130 -30.33 -8.99 30.39
C LYS B 130 -29.03 -8.36 30.92
N SER B 131 -29.16 -7.61 32.00
CA SER B 131 -28.02 -7.03 32.71
C SER B 131 -27.50 -7.99 33.78
N ARG B 132 -26.23 -7.81 34.17
CA ARG B 132 -25.66 -8.51 35.29
C ARG B 132 -25.62 -7.66 36.57
N PHE B 133 -26.10 -6.41 36.50
CA PHE B 133 -26.02 -5.48 37.62
C PHE B 133 -27.42 -5.17 38.17
N SER B 134 -27.52 -5.07 39.49
CA SER B 134 -28.74 -4.54 40.09
C SER B 134 -28.39 -3.85 41.39
N VAL B 135 -29.29 -2.97 41.84
CA VAL B 135 -29.15 -2.36 43.15
C VAL B 135 -30.48 -2.54 43.88
N ASN B 136 -30.47 -3.40 44.88
CA ASN B 136 -31.63 -3.71 45.71
C ASN B 136 -32.83 -4.06 44.85
N GLY B 137 -32.62 -4.99 43.92
CA GLY B 137 -33.67 -5.48 43.06
C GLY B 137 -33.88 -4.71 41.77
N LYS B 138 -33.31 -3.50 41.62
N LYS B 138 -33.29 -3.52 41.62
CA LYS B 138 -33.52 -2.68 40.43
CA LYS B 138 -33.53 -2.69 40.43
C LYS B 138 -32.38 -2.91 39.44
C LYS B 138 -32.40 -2.89 39.43
N PRO B 139 -32.66 -3.29 38.19
CA PRO B 139 -31.57 -3.57 37.25
C PRO B 139 -30.90 -2.28 36.79
N ILE B 140 -29.63 -2.41 36.42
CA ILE B 140 -28.79 -1.29 36.02
CA ILE B 140 -28.77 -1.31 36.04
C ILE B 140 -28.17 -1.61 34.67
N TYR B 141 -28.20 -0.64 33.75
CA TYR B 141 -27.60 -0.85 32.43
C TYR B 141 -26.07 -0.94 32.48
N HIS B 142 -25.50 -1.81 31.65
CA HIS B 142 -24.07 -1.76 31.35
C HIS B 142 -23.79 -0.58 30.43
N PHE B 143 -22.50 -0.26 30.24
CA PHE B 143 -22.06 0.85 29.42
C PHE B 143 -20.86 0.39 28.61
N MET B 144 -20.93 0.57 27.28
CA MET B 144 -19.83 0.30 26.35
C MET B 144 -19.31 -1.14 26.44
N GLY B 145 -20.13 -2.06 26.97
CA GLY B 145 -19.70 -3.42 27.23
C GLY B 145 -18.74 -3.58 28.39
N THR B 146 -18.41 -2.49 29.13
CA THR B 146 -17.35 -2.59 30.13
C THR B 146 -17.80 -2.23 31.54
N SER B 147 -18.54 -1.11 31.72
CA SER B 147 -18.95 -0.65 33.05
C SER B 147 -17.88 -0.76 34.15
N THR B 148 -16.80 0.00 34.07
CA THR B 148 -15.69 -0.24 34.96
C THR B 148 -15.70 0.65 36.22
N PHE B 149 -16.68 1.55 36.39
CA PHE B 149 -16.76 2.32 37.64
C PHE B 149 -17.34 1.45 38.75
N SER B 150 -16.71 0.31 38.98
CA SER B 150 -17.21 -0.70 39.89
C SER B 150 -16.02 -1.48 40.41
N GLN B 151 -16.21 -2.13 41.56
CA GLN B 151 -15.17 -3.08 41.98
C GLN B 151 -15.23 -4.38 41.19
N TYR B 152 -16.38 -4.76 40.64
CA TYR B 152 -16.48 -5.95 39.80
C TYR B 152 -17.36 -5.65 38.60
N THR B 153 -17.08 -6.31 37.47
CA THR B 153 -17.89 -6.12 36.28
C THR B 153 -17.94 -7.46 35.53
N VAL B 154 -18.90 -7.59 34.61
CA VAL B 154 -19.01 -8.76 33.75
C VAL B 154 -18.98 -8.26 32.32
N VAL B 155 -18.11 -8.85 31.52
CA VAL B 155 -17.93 -8.48 30.12
C VAL B 155 -17.93 -9.74 29.25
N HIS B 156 -18.05 -9.55 27.94
CA HIS B 156 -18.02 -10.67 26.99
C HIS B 156 -16.58 -11.14 26.81
N ASP B 157 -16.40 -12.44 26.69
CA ASP B 157 -15.04 -12.97 26.51
C ASP B 157 -14.35 -12.39 25.28
N VAL B 158 -15.09 -11.99 24.24
CA VAL B 158 -14.41 -11.44 23.06
C VAL B 158 -13.96 -10.00 23.29
N SER B 159 -14.16 -9.47 24.49
CA SER B 159 -13.77 -8.11 24.86
C SER B 159 -12.67 -8.07 25.92
N VAL B 160 -12.04 -9.20 26.25
CA VAL B 160 -11.08 -9.28 27.35
C VAL B 160 -9.68 -9.46 26.79
N ALA B 161 -8.78 -8.52 27.06
CA ALA B 161 -7.38 -8.68 26.65
C ALA B 161 -6.57 -9.20 27.84
N LYS B 162 -5.87 -10.31 27.63
CA LYS B 162 -5.00 -10.89 28.65
C LYS B 162 -3.61 -10.30 28.54
N ILE B 163 -3.06 -9.80 29.64
CA ILE B 163 -1.83 -8.99 29.59
C ILE B 163 -0.75 -9.58 30.50
N ASP B 164 0.46 -9.05 30.34
CA ASP B 164 1.60 -9.37 31.20
C ASP B 164 1.23 -9.20 32.66
N PRO B 165 1.35 -10.26 33.48
CA PRO B 165 0.95 -10.17 34.89
C PRO B 165 1.84 -9.27 35.73
N THR B 166 3.04 -8.94 35.26
CA THR B 166 3.90 -8.03 36.03
C THR B 166 3.67 -6.56 35.73
N ALA B 167 2.85 -6.23 34.73
CA ALA B 167 2.59 -4.82 34.42
C ALA B 167 1.74 -4.17 35.50
N PRO B 168 2.05 -2.92 35.88
CA PRO B 168 1.33 -2.26 36.96
C PRO B 168 -0.06 -1.80 36.56
N LEU B 169 -1.07 -2.30 37.28
CA LEU B 169 -2.44 -2.13 36.86
C LEU B 169 -2.91 -0.69 37.06
N ASP B 170 -2.28 0.07 37.95
CA ASP B 170 -2.67 1.46 38.07
C ASP B 170 -2.14 2.31 36.93
N LYS B 171 -1.30 1.75 36.06
CA LYS B 171 -0.81 2.46 34.88
C LYS B 171 -1.45 1.96 33.59
N VAL B 172 -1.52 0.64 33.39
CA VAL B 172 -1.96 0.15 32.08
C VAL B 172 -3.47 0.23 31.89
N CYS B 173 -4.24 0.68 32.90
CA CYS B 173 -5.65 0.94 32.66
C CYS B 173 -5.86 1.97 31.54
N LEU B 174 -4.89 2.86 31.34
CA LEU B 174 -4.98 3.83 30.24
C LEU B 174 -4.90 3.19 28.86
N LEU B 175 -4.38 1.97 28.75
CA LEU B 175 -4.33 1.32 27.44
C LEU B 175 -5.68 0.76 27.00
N GLY B 176 -6.76 1.04 27.74
CA GLY B 176 -8.08 0.63 27.31
C GLY B 176 -8.77 1.60 26.38
N CYS B 177 -8.26 2.83 26.21
CA CYS B 177 -8.93 3.77 25.30
C CYS B 177 -8.09 4.92 24.74
N GLY B 178 -7.78 5.92 25.57
CA GLY B 178 -7.27 7.18 25.03
C GLY B 178 -5.90 7.03 24.38
N VAL B 179 -4.98 6.36 25.07
CA VAL B 179 -3.62 6.35 24.55
C VAL B 179 -3.53 5.51 23.27
N PRO B 180 -4.13 4.32 23.19
CA PRO B 180 -4.08 3.58 21.92
C PRO B 180 -4.85 4.25 20.80
N THR B 181 -5.92 4.98 21.14
CA THR B 181 -6.64 5.74 20.13
C THR B 181 -5.70 6.73 19.45
N GLY B 182 -4.96 7.51 20.25
CA GLY B 182 -4.07 8.49 19.67
C GLY B 182 -2.90 7.86 18.94
N LEU B 183 -2.24 6.91 19.57
CA LEU B 183 -1.10 6.25 18.93
C LEU B 183 -1.51 5.59 17.60
N GLY B 184 -2.64 4.90 17.60
CA GLY B 184 -3.04 4.14 16.41
C GLY B 184 -3.61 5.00 15.31
N ALA B 185 -4.19 6.17 15.65
CA ALA B 185 -4.57 7.11 14.60
C ALA B 185 -3.37 7.38 13.70
N VAL B 186 -2.18 7.45 14.30
CA VAL B 186 -0.98 7.75 13.54
C VAL B 186 -0.47 6.49 12.84
N TRP B 187 -0.28 5.40 13.59
CA TRP B 187 0.41 4.22 13.05
C TRP B 187 -0.48 3.39 12.14
N ASN B 188 -1.78 3.30 12.44
CA ASN B 188 -2.67 2.39 11.73
C ASN B 188 -3.56 3.12 10.72
N THR B 189 -4.25 4.19 11.15
CA THR B 189 -5.18 4.82 10.25
C THR B 189 -4.48 5.73 9.25
N ALA B 190 -3.63 6.64 9.73
CA ALA B 190 -2.92 7.54 8.81
C ALA B 190 -1.70 6.87 8.18
N LYS B 191 -1.01 6.04 8.95
CA LYS B 191 0.28 5.45 8.56
C LYS B 191 1.29 6.56 8.21
N VAL B 192 1.57 7.41 9.19
CA VAL B 192 2.44 8.57 8.97
C VAL B 192 3.87 8.11 8.68
N GLU B 193 4.47 8.64 7.58
CA GLU B 193 5.86 8.29 7.21
C GLU B 193 6.89 9.24 7.84
N PRO B 194 8.14 8.76 8.04
CA PRO B 194 9.21 9.65 8.51
C PRO B 194 9.32 10.87 7.61
N GLY B 195 9.57 12.04 8.23
CA GLY B 195 9.64 13.27 7.48
C GLY B 195 8.32 14.02 7.31
N SER B 196 7.21 13.44 7.76
CA SER B 196 5.90 14.07 7.56
C SER B 196 5.70 15.30 8.45
N ASN B 197 4.89 16.25 7.98
CA ASN B 197 4.44 17.37 8.78
C ASN B 197 3.00 17.11 9.21
N VAL B 198 2.71 17.26 10.50
CA VAL B 198 1.40 16.89 11.03
C VAL B 198 0.87 18.03 11.89
N ALA B 199 -0.46 18.18 11.89
CA ALA B 199 -1.13 19.14 12.78
C ALA B 199 -2.11 18.38 13.68
N ILE B 200 -2.18 18.78 14.95
CA ILE B 200 -2.97 18.09 15.97
C ILE B 200 -3.91 19.09 16.65
N PHE B 201 -5.23 18.90 16.48
CA PHE B 201 -6.21 19.84 17.04
C PHE B 201 -6.77 19.26 18.34
N GLY B 202 -6.39 19.89 19.46
CA GLY B 202 -6.80 19.51 20.81
C GLY B 202 -5.63 18.85 21.53
N LEU B 203 -5.17 19.43 22.65
CA LEU B 203 -3.98 18.92 23.30
C LEU B 203 -4.29 18.34 24.69
N GLY B 204 -5.42 17.62 24.78
CA GLY B 204 -5.68 16.71 25.90
C GLY B 204 -5.01 15.36 25.67
N THR B 205 -5.40 14.38 26.49
CA THR B 205 -4.78 13.05 26.43
C THR B 205 -4.68 12.51 25.01
N VAL B 206 -5.80 12.48 24.29
CA VAL B 206 -5.80 11.83 22.97
C VAL B 206 -4.81 12.53 22.02
N GLY B 207 -4.85 13.88 21.99
CA GLY B 207 -3.95 14.60 21.09
C GLY B 207 -2.49 14.47 21.48
N LEU B 208 -2.19 14.38 22.77
CA LEU B 208 -0.79 14.18 23.18
C LEU B 208 -0.30 12.80 22.77
N ALA B 209 -1.20 11.83 22.77
CA ALA B 209 -0.84 10.51 22.30
C ALA B 209 -0.66 10.51 20.79
N VAL B 210 -1.45 11.32 20.07
CA VAL B 210 -1.14 11.54 18.65
C VAL B 210 0.26 12.12 18.47
N ALA B 211 0.65 13.06 19.32
CA ALA B 211 1.99 13.64 19.18
C ALA B 211 3.08 12.60 19.43
N GLU B 212 2.90 11.79 20.48
CA GLU B 212 3.86 10.72 20.74
C GLU B 212 3.93 9.73 19.59
N GLY B 213 2.78 9.35 19.06
CA GLY B 213 2.75 8.46 17.89
C GLY B 213 3.49 9.05 16.72
N ALA B 214 3.26 10.34 16.46
CA ALA B 214 3.88 11.01 15.31
C ALA B 214 5.38 11.14 15.51
N LYS B 215 5.80 11.51 16.72
CA LYS B 215 7.23 11.58 17.04
C LYS B 215 7.89 10.22 16.83
N THR B 216 7.25 9.14 17.32
CA THR B 216 7.81 7.79 17.17
C THR B 216 7.93 7.37 15.70
N ALA B 217 7.00 7.82 14.86
CA ALA B 217 6.95 7.46 13.45
C ALA B 217 7.92 8.29 12.63
N GLY B 218 8.54 9.29 13.23
CA GLY B 218 9.54 10.12 12.57
C GLY B 218 9.03 11.39 11.91
N ALA B 219 7.85 11.86 12.29
CA ALA B 219 7.35 13.12 11.75
C ALA B 219 8.35 14.27 11.99
N SER B 220 8.36 15.25 11.08
CA SER B 220 9.24 16.40 11.25
CA SER B 220 9.23 16.40 11.24
C SER B 220 8.55 17.51 12.04
N ARG B 221 7.64 18.26 11.42
CA ARG B 221 6.91 19.32 12.15
C ARG B 221 5.67 18.72 12.81
N ILE B 222 5.53 18.95 14.11
CA ILE B 222 4.37 18.47 14.88
C ILE B 222 3.71 19.69 15.51
N ILE B 223 2.68 20.19 14.84
CA ILE B 223 2.07 21.48 15.18
C ILE B 223 0.86 21.21 16.05
N GLY B 224 0.88 21.75 17.27
CA GLY B 224 -0.27 21.65 18.15
C GLY B 224 -1.16 22.88 18.01
N ILE B 225 -2.48 22.66 18.02
CA ILE B 225 -3.46 23.74 17.95
C ILE B 225 -4.44 23.57 19.11
N ASP B 226 -4.55 24.61 19.96
CA ASP B 226 -5.45 24.54 21.10
C ASP B 226 -5.75 25.98 21.52
N ILE B 227 -6.99 26.23 21.95
CA ILE B 227 -7.37 27.59 22.36
C ILE B 227 -6.90 27.94 23.76
N ASP B 228 -6.18 27.04 24.43
CA ASP B 228 -5.60 27.28 25.75
C ASP B 228 -4.08 27.23 25.65
N SER B 229 -3.43 28.39 25.65
CA SER B 229 -1.99 28.44 25.42
C SER B 229 -1.19 27.82 26.55
N LYS B 230 -1.80 27.59 27.71
CA LYS B 230 -1.08 26.88 28.78
C LYS B 230 -0.81 25.43 28.43
N LYS B 231 -1.60 24.83 27.54
CA LYS B 231 -1.40 23.44 27.16
C LYS B 231 -0.13 23.23 26.34
N TYR B 232 0.42 24.28 25.71
CA TYR B 232 1.61 24.11 24.90
C TYR B 232 2.78 23.59 25.73
N GLU B 233 2.95 24.12 26.94
CA GLU B 233 4.09 23.72 27.76
C GLU B 233 4.03 22.23 28.10
N THR B 234 2.84 21.71 28.38
CA THR B 234 2.71 20.27 28.60
C THR B 234 2.94 19.51 27.31
N ALA B 235 2.39 20.03 26.21
CA ALA B 235 2.42 19.29 24.94
C ALA B 235 3.85 19.10 24.45
N LYS B 236 4.75 20.04 24.78
CA LYS B 236 6.14 19.92 24.36
C LYS B 236 6.74 18.60 24.84
N LYS B 237 6.36 18.17 26.05
CA LYS B 237 6.88 16.94 26.63
C LYS B 237 6.52 15.72 25.83
N PHE B 238 5.49 15.81 24.98
CA PHE B 238 4.94 14.69 24.23
C PHE B 238 5.30 14.75 22.74
N GLY B 239 6.14 15.70 22.32
CA GLY B 239 6.60 15.76 20.95
C GLY B 239 6.13 16.94 20.11
N VAL B 240 5.12 17.69 20.58
CA VAL B 240 4.68 18.87 19.83
C VAL B 240 5.84 19.87 19.79
N ASN B 241 6.13 20.41 18.61
CA ASN B 241 7.27 21.32 18.48
C ASN B 241 6.92 22.65 17.82
N GLU B 242 5.65 22.91 17.52
CA GLU B 242 5.16 24.22 17.11
C GLU B 242 3.74 24.34 17.65
N PHE B 243 3.27 25.56 17.85
CA PHE B 243 1.98 25.77 18.49
C PHE B 243 1.27 26.97 17.90
N VAL B 244 -0.04 26.83 17.67
CA VAL B 244 -0.90 27.92 17.22
C VAL B 244 -2.13 27.97 18.11
N ASN B 245 -2.44 29.14 18.68
CA ASN B 245 -3.71 29.32 19.36
C ASN B 245 -4.69 30.01 18.44
N PRO B 246 -5.82 29.39 18.06
CA PRO B 246 -6.73 30.06 17.10
C PRO B 246 -7.25 31.39 17.60
N LYS B 247 -7.31 31.57 18.91
CA LYS B 247 -7.79 32.85 19.45
C LYS B 247 -6.83 34.02 19.19
N ASP B 248 -5.58 33.74 18.79
CA ASP B 248 -4.62 34.80 18.48
C ASP B 248 -4.70 35.28 17.04
N HIS B 249 -5.60 34.74 16.25
CA HIS B 249 -5.63 34.98 14.81
C HIS B 249 -6.99 35.49 14.36
N ASP B 250 -6.96 36.50 13.49
CA ASP B 250 -8.20 37.02 12.93
C ASP B 250 -8.79 36.05 11.89
N LYS B 251 -7.93 35.33 11.15
CA LYS B 251 -8.21 34.36 10.09
C LYS B 251 -8.64 33.00 10.64
N PRO B 252 -9.49 32.27 9.91
CA PRO B 252 -9.75 30.87 10.28
C PRO B 252 -8.44 30.10 10.41
N ILE B 253 -8.38 29.24 11.43
CA ILE B 253 -7.15 28.54 11.76
C ILE B 253 -6.62 27.72 10.59
N GLN B 254 -7.52 27.16 9.75
CA GLN B 254 -7.03 26.35 8.62
C GLN B 254 -6.14 27.15 7.70
N GLU B 255 -6.51 28.43 7.46
CA GLU B 255 -5.69 29.28 6.59
C GLU B 255 -4.38 29.69 7.25
N VAL B 256 -4.39 29.87 8.56
CA VAL B 256 -3.14 30.12 9.29
C VAL B 256 -2.17 28.95 9.11
N ILE B 257 -2.69 27.73 9.25
CA ILE B 257 -1.80 26.57 9.14
C ILE B 257 -1.26 26.45 7.73
N VAL B 258 -2.10 26.70 6.73
CA VAL B 258 -1.65 26.62 5.34
C VAL B 258 -0.52 27.62 5.08
N ASP B 259 -0.66 28.85 5.59
CA ASP B 259 0.41 29.84 5.44
C ASP B 259 1.69 29.44 6.18
N LEU B 260 1.56 28.79 7.34
CA LEU B 260 2.73 28.46 8.15
C LEU B 260 3.55 27.32 7.55
N THR B 261 2.90 26.43 6.80
CA THR B 261 3.55 25.25 6.24
C THR B 261 3.69 25.33 4.73
N ASP B 262 3.48 26.52 4.15
CA ASP B 262 3.64 26.72 2.70
C ASP B 262 2.80 25.70 1.91
N GLY B 263 1.52 25.62 2.22
CA GLY B 263 0.66 24.72 1.50
C GLY B 263 -0.26 23.84 2.34
N GLY B 264 0.13 23.55 3.57
CA GLY B 264 -0.62 22.65 4.43
C GLY B 264 0.23 21.50 4.92
N VAL B 265 -0.34 20.74 5.88
CA VAL B 265 0.37 19.63 6.51
C VAL B 265 0.10 18.35 5.72
N ASP B 266 0.95 17.35 5.93
CA ASP B 266 0.77 16.02 5.30
C ASP B 266 -0.36 15.23 5.96
N TYR B 267 -0.53 15.39 7.28
CA TYR B 267 -1.58 14.71 8.04
C TYR B 267 -2.11 15.66 9.09
N SER B 268 -3.41 15.64 9.32
CA SER B 268 -3.96 16.32 10.47
C SER B 268 -4.90 15.38 11.24
N PHE B 269 -5.07 15.68 12.53
CA PHE B 269 -5.81 14.86 13.48
C PHE B 269 -6.69 15.76 14.33
N GLU B 270 -7.99 15.46 14.38
CA GLU B 270 -8.93 16.22 15.20
C GLU B 270 -9.25 15.39 16.43
N CYS B 271 -8.92 15.96 17.61
CA CYS B 271 -8.95 15.20 18.85
C CYS B 271 -9.84 15.88 19.90
N ILE B 272 -10.88 16.61 19.46
CA ILE B 272 -11.77 17.35 20.36
C ILE B 272 -13.20 16.82 20.30
N GLY B 273 -13.69 16.51 19.12
CA GLY B 273 -15.09 16.18 18.93
C GLY B 273 -15.94 17.36 18.47
N ASN B 274 -15.33 18.40 17.87
CA ASN B 274 -16.03 19.61 17.47
C ASN B 274 -16.07 19.63 15.94
N VAL B 275 -17.27 19.70 15.35
CA VAL B 275 -17.39 19.49 13.90
C VAL B 275 -16.82 20.67 13.13
N SER B 276 -16.85 21.86 13.73
N SER B 276 -16.84 21.86 13.72
CA SER B 276 -16.22 22.99 13.07
CA SER B 276 -16.21 22.99 13.06
C SER B 276 -14.70 22.81 13.01
C SER B 276 -14.69 22.83 13.01
N VAL B 277 -14.10 22.29 14.08
CA VAL B 277 -12.67 22.03 14.07
C VAL B 277 -12.35 20.87 13.12
N MET B 278 -13.25 19.88 13.02
CA MET B 278 -13.05 18.80 12.07
C MET B 278 -12.90 19.34 10.66
N ARG B 279 -13.75 20.29 10.30
CA ARG B 279 -13.64 20.94 9.00
C ARG B 279 -12.31 21.65 8.85
N ALA B 280 -11.90 22.38 9.89
CA ALA B 280 -10.60 23.07 9.83
C ALA B 280 -9.45 22.09 9.65
N ALA B 281 -9.50 20.93 10.33
CA ALA B 281 -8.44 19.95 10.17
C ALA B 281 -8.34 19.44 8.73
N LEU B 282 -9.47 19.24 8.05
CA LEU B 282 -9.41 18.82 6.64
C LEU B 282 -8.82 19.91 5.75
N GLU B 283 -9.27 21.15 5.95
CA GLU B 283 -8.92 22.24 5.05
C GLU B 283 -7.49 22.71 5.26
N CYS B 284 -6.83 22.31 6.34
CA CYS B 284 -5.42 22.66 6.55
C CYS B 284 -4.46 21.62 5.96
N CYS B 285 -4.99 20.54 5.39
CA CYS B 285 -4.16 19.54 4.73
C CYS B 285 -3.65 20.03 3.38
N HIS B 286 -2.43 19.59 3.01
CA HIS B 286 -1.81 20.00 1.76
C HIS B 286 -2.64 19.55 0.57
N LYS B 287 -2.78 20.45 -0.40
CA LYS B 287 -3.40 20.12 -1.67
C LYS B 287 -2.67 18.95 -2.31
N GLY B 288 -3.41 18.05 -2.94
CA GLY B 288 -2.81 16.95 -3.68
C GLY B 288 -2.63 15.67 -2.90
N TRP B 289 -2.44 15.73 -1.57
CA TRP B 289 -2.13 14.49 -0.86
C TRP B 289 -2.46 14.50 0.64
N GLY B 290 -2.80 15.64 1.24
CA GLY B 290 -2.96 15.68 2.69
C GLY B 290 -4.17 14.89 3.16
N THR B 291 -4.02 14.23 4.32
CA THR B 291 -5.03 13.32 4.85
C THR B 291 -5.43 13.76 6.26
N SER B 292 -6.74 13.85 6.54
CA SER B 292 -7.24 14.26 7.86
C SER B 292 -7.97 13.12 8.53
N VAL B 293 -7.61 12.82 9.78
CA VAL B 293 -8.20 11.73 10.56
C VAL B 293 -9.05 12.31 11.69
N ILE B 294 -10.35 12.01 11.68
CA ILE B 294 -11.22 12.33 12.80
C ILE B 294 -10.96 11.32 13.91
N VAL B 295 -10.52 11.82 15.06
CA VAL B 295 -10.30 11.02 16.25
C VAL B 295 -11.37 11.29 17.33
N GLY B 296 -11.76 12.56 17.51
CA GLY B 296 -12.75 12.89 18.53
C GLY B 296 -14.17 12.57 18.10
N VAL B 297 -15.03 12.34 19.09
CA VAL B 297 -16.42 11.94 18.87
C VAL B 297 -17.34 13.15 19.04
N ALA B 298 -18.00 13.54 17.96
CA ALA B 298 -18.94 14.64 17.96
C ALA B 298 -20.28 14.24 18.58
N ALA B 299 -21.00 15.23 19.07
CA ALA B 299 -22.31 15.01 19.65
C ALA B 299 -23.31 14.56 18.59
N SER B 300 -24.30 13.78 19.02
CA SER B 300 -25.29 13.23 18.12
C SER B 300 -25.95 14.34 17.30
N GLY B 301 -26.02 14.13 15.99
CA GLY B 301 -26.69 15.05 15.09
C GLY B 301 -25.81 16.12 14.48
N GLN B 302 -24.66 16.42 15.08
CA GLN B 302 -23.75 17.41 14.50
C GLN B 302 -23.18 16.88 13.17
N GLU B 303 -23.08 17.75 12.19
CA GLU B 303 -22.60 17.35 10.87
C GLU B 303 -21.29 18.04 10.53
N ILE B 304 -20.38 17.29 9.83
CA ILE B 304 -19.20 17.90 9.24
C ILE B 304 -19.56 18.39 7.86
N SER B 305 -18.89 19.46 7.42
CA SER B 305 -19.17 20.06 6.12
C SER B 305 -17.87 20.51 5.50
N THR B 306 -17.83 20.54 4.16
CA THR B 306 -16.74 21.20 3.43
C THR B 306 -17.22 21.38 1.99
N ARG B 307 -16.44 22.11 1.23
CA ARG B 307 -16.69 22.20 -0.20
C ARG B 307 -15.99 21.03 -0.89
N PRO B 308 -16.68 20.32 -1.78
CA PRO B 308 -16.10 19.11 -2.37
C PRO B 308 -14.81 19.32 -3.13
N PHE B 309 -14.52 20.53 -3.62
CA PHE B 309 -13.24 20.75 -4.30
C PHE B 309 -12.05 20.42 -3.41
N GLN B 310 -12.21 20.51 -2.08
CA GLN B 310 -11.15 20.08 -1.14
C GLN B 310 -10.72 18.63 -1.37
N LEU B 311 -11.68 17.74 -1.67
CA LEU B 311 -11.39 16.32 -1.95
C LEU B 311 -11.00 16.07 -3.40
N VAL B 312 -11.70 16.73 -4.33
CA VAL B 312 -11.33 16.67 -5.74
C VAL B 312 -9.87 17.05 -5.94
N THR B 313 -9.38 18.06 -5.20
CA THR B 313 -7.98 18.44 -5.34
C THR B 313 -7.03 17.69 -4.40
N GLY B 314 -7.41 16.52 -3.90
CA GLY B 314 -6.42 15.56 -3.43
C GLY B 314 -6.43 15.25 -1.93
N ARG B 315 -7.23 15.95 -1.12
CA ARG B 315 -7.24 15.65 0.30
C ARG B 315 -8.14 14.46 0.56
N VAL B 316 -7.85 13.75 1.66
CA VAL B 316 -8.58 12.52 2.01
C VAL B 316 -9.13 12.69 3.42
N TRP B 317 -10.40 12.34 3.63
CA TRP B 317 -11.06 12.46 4.94
C TRP B 317 -11.32 11.07 5.47
N LYS B 318 -10.81 10.76 6.67
CA LYS B 318 -11.10 9.47 7.25
C LYS B 318 -11.19 9.62 8.77
N GLY B 319 -11.40 8.51 9.46
CA GLY B 319 -11.60 8.56 10.89
C GLY B 319 -11.12 7.26 11.49
N THR B 320 -11.10 7.21 12.81
CA THR B 320 -10.50 6.06 13.48
C THR B 320 -11.34 5.72 14.70
N ALA B 321 -11.37 4.44 15.02
CA ALA B 321 -12.03 3.90 16.19
C ALA B 321 -11.02 3.06 16.95
N PHE B 322 -10.77 3.41 18.21
CA PHE B 322 -9.74 2.74 19.02
C PHE B 322 -8.41 2.69 18.26
N GLY B 323 -8.14 3.72 17.47
CA GLY B 323 -6.83 3.77 16.85
C GLY B 323 -6.60 2.73 15.78
N GLY B 324 -7.67 2.10 15.30
CA GLY B 324 -7.46 1.02 14.36
C GLY B 324 -6.86 -0.24 14.95
N PHE B 325 -6.70 -0.32 16.26
CA PHE B 325 -6.14 -1.52 16.91
C PHE B 325 -7.20 -2.62 17.07
N LYS B 326 -6.78 -3.88 16.89
CA LYS B 326 -7.58 -5.06 17.25
C LYS B 326 -7.33 -5.41 18.71
N SER B 327 -8.37 -5.27 19.55
CA SER B 327 -8.19 -5.08 20.98
C SER B 327 -7.54 -6.29 21.66
N ARG B 328 -8.12 -7.49 21.47
CA ARG B 328 -7.60 -8.66 22.18
C ARG B 328 -6.20 -9.02 21.71
N THR B 329 -5.90 -8.81 20.43
CA THR B 329 -4.58 -9.13 19.89
C THR B 329 -3.53 -8.07 20.22
N GLN B 330 -3.89 -6.79 20.14
CA GLN B 330 -2.87 -5.72 20.19
C GLN B 330 -2.77 -4.95 21.49
N VAL B 331 -3.81 -4.94 22.33
CA VAL B 331 -3.65 -4.32 23.65
C VAL B 331 -2.58 -5.05 24.45
N PRO B 332 -2.48 -6.38 24.45
CA PRO B 332 -1.33 -7.01 25.11
C PRO B 332 0.01 -6.61 24.51
N TRP B 333 0.07 -6.39 23.21
CA TRP B 333 1.30 -5.88 22.59
C TRP B 333 1.63 -4.46 23.07
N LEU B 334 0.62 -3.61 23.20
CA LEU B 334 0.89 -2.27 23.74
C LEU B 334 1.40 -2.35 25.16
N VAL B 335 0.88 -3.29 25.96
CA VAL B 335 1.40 -3.45 27.32
C VAL B 335 2.86 -3.87 27.29
N GLU B 336 3.22 -4.73 26.34
CA GLU B 336 4.61 -5.14 26.23
C GLU B 336 5.50 -3.96 25.83
N LYS B 337 5.01 -3.11 24.91
CA LYS B 337 5.76 -1.90 24.54
C LYS B 337 5.97 -0.98 25.73
N TYR B 338 4.93 -0.83 26.56
CA TYR B 338 5.02 -0.04 27.78
C TYR B 338 6.07 -0.59 28.74
N MET B 339 6.05 -1.91 28.94
CA MET B 339 7.03 -2.54 29.84
C MET B 339 8.45 -2.46 29.31
N ASN B 340 8.64 -2.32 28.00
CA ASN B 340 9.97 -2.12 27.45
CA ASN B 340 9.94 -2.12 27.39
C ASN B 340 10.32 -0.64 27.28
N LYS B 341 9.52 0.25 27.86
CA LYS B 341 9.75 1.70 27.82
C LYS B 341 9.74 2.25 26.41
N GLU B 342 8.97 1.61 25.51
CA GLU B 342 8.87 2.05 24.13
C GLU B 342 7.69 2.98 23.88
N ILE B 343 6.69 2.99 24.75
CA ILE B 343 5.62 3.98 24.65
C ILE B 343 5.43 4.56 26.05
N LYS B 344 4.96 5.80 26.09
CA LYS B 344 4.67 6.46 27.35
C LYS B 344 3.28 6.12 27.83
N VAL B 345 3.13 5.94 29.14
CA VAL B 345 1.81 5.81 29.77
C VAL B 345 1.78 6.59 31.07
N ASP B 346 2.77 6.37 31.94
CA ASP B 346 2.84 7.05 33.24
C ASP B 346 2.63 8.56 33.12
N GLU B 347 3.26 9.18 32.11
CA GLU B 347 3.25 10.64 31.98
C GLU B 347 1.86 11.23 31.78
N TYR B 348 0.90 10.46 31.28
CA TYR B 348 -0.45 11.02 31.10
C TYR B 348 -1.22 11.09 32.42
N ILE B 349 -0.75 10.46 33.49
CA ILE B 349 -1.54 10.38 34.72
C ILE B 349 -1.16 11.58 35.60
N THR B 350 -2.08 12.53 35.73
CA THR B 350 -1.81 13.72 36.51
C THR B 350 -2.47 13.69 37.88
N HIS B 351 -3.47 12.83 38.09
CA HIS B 351 -4.19 12.75 39.35
C HIS B 351 -4.51 11.30 39.71
N ASN B 352 -4.47 10.99 41.00
CA ASN B 352 -4.86 9.69 41.53
C ASN B 352 -5.88 9.91 42.64
N LEU B 353 -7.05 9.31 42.51
CA LEU B 353 -8.11 9.44 43.52
C LEU B 353 -8.71 8.08 43.77
N THR B 354 -9.81 8.04 44.54
CA THR B 354 -10.48 6.77 44.80
C THR B 354 -11.82 6.75 44.11
N LEU B 355 -12.33 5.53 43.91
CA LEU B 355 -13.66 5.39 43.32
C LEU B 355 -14.70 6.15 44.15
N GLY B 356 -14.59 6.11 45.47
CA GLY B 356 -15.51 6.88 46.30
C GLY B 356 -15.52 8.36 46.03
N GLU B 357 -14.44 8.90 45.42
CA GLU B 357 -14.37 10.34 45.14
C GLU B 357 -14.71 10.66 43.69
N ILE B 358 -15.43 9.78 43.02
CA ILE B 358 -15.56 9.87 41.56
C ILE B 358 -16.24 11.18 41.14
N ASN B 359 -17.14 11.74 41.96
CA ASN B 359 -17.73 13.01 41.56
C ASN B 359 -16.73 14.14 41.58
N LYS B 360 -15.80 14.13 42.55
CA LYS B 360 -14.69 15.09 42.52
C LYS B 360 -13.87 14.94 41.26
N ALA B 361 -13.58 13.70 40.85
CA ALA B 361 -12.79 13.48 39.64
C ALA B 361 -13.49 14.00 38.40
N PHE B 362 -14.82 13.84 38.33
CA PHE B 362 -15.55 14.37 37.17
C PHE B 362 -15.31 15.86 36.99
N ASP B 363 -15.22 16.61 38.09
CA ASP B 363 -14.94 18.04 37.99
C ASP B 363 -13.56 18.31 37.38
N LEU B 364 -12.60 17.39 37.56
CA LEU B 364 -11.27 17.59 36.99
C LEU B 364 -11.27 17.54 35.47
N LEU B 365 -12.29 16.92 34.86
CA LEU B 365 -12.38 16.89 33.41
C LEU B 365 -12.54 18.28 32.81
N HIS B 366 -12.87 19.28 33.63
CA HIS B 366 -12.92 20.67 33.18
C HIS B 366 -11.59 21.39 33.37
N GLU B 367 -10.66 20.80 34.12
CA GLU B 367 -9.34 21.38 34.33
C GLU B 367 -8.43 21.09 33.13
N GLY B 368 -7.82 22.14 32.59
CA GLY B 368 -6.83 21.94 31.55
C GLY B 368 -5.63 21.13 32.02
N THR B 369 -5.21 21.33 33.27
CA THR B 369 -4.03 20.64 33.79
C THR B 369 -4.26 19.16 34.10
N CYS B 370 -5.47 18.66 33.98
CA CYS B 370 -5.71 17.24 34.19
C CYS B 370 -5.69 16.56 32.83
N LEU B 371 -4.85 15.54 32.70
CA LEU B 371 -4.88 14.69 31.52
C LEU B 371 -5.65 13.41 31.79
N ARG B 372 -5.16 12.57 32.70
CA ARG B 372 -5.92 11.42 33.13
C ARG B 372 -5.91 11.35 34.66
N CYS B 373 -7.10 11.18 35.23
CA CYS B 373 -7.28 10.81 36.64
C CYS B 373 -7.50 9.29 36.74
N VAL B 374 -6.68 8.60 37.55
CA VAL B 374 -6.84 7.15 37.76
C VAL B 374 -7.46 6.94 39.13
N LEU B 375 -8.49 6.09 39.21
CA LEU B 375 -9.23 5.83 40.45
C LEU B 375 -8.89 4.43 40.98
N ASP B 376 -8.58 4.38 42.28
CA ASP B 376 -8.40 3.13 43.03
C ASP B 376 -9.77 2.65 43.49
N THR B 377 -10.20 1.46 43.06
CA THR B 377 -11.56 1.02 43.38
C THR B 377 -11.70 0.43 44.78
N SER B 378 -10.62 0.26 45.53
CA SER B 378 -10.72 -0.36 46.84
C SER B 378 -11.48 0.48 47.85
N LYS B 379 -11.69 1.77 47.58
CA LYS B 379 -12.48 2.61 48.47
C LYS B 379 -13.05 3.84 47.75
N MET C 1 -27.93 -47.55 6.49
CA MET C 1 -27.83 -47.27 7.92
C MET C 1 -27.08 -45.98 8.25
N ALA C 2 -27.33 -45.45 9.44
CA ALA C 2 -26.61 -44.27 9.91
C ALA C 2 -25.19 -44.66 10.30
N THR C 3 -24.25 -43.81 9.96
CA THR C 3 -22.87 -44.07 10.31
C THR C 3 -22.40 -43.23 11.49
N GLN C 4 -23.18 -42.25 11.94
CA GLN C 4 -22.69 -41.35 12.97
C GLN C 4 -22.22 -42.11 14.21
N GLY C 5 -21.03 -41.77 14.70
CA GLY C 5 -20.45 -42.46 15.83
C GLY C 5 -19.79 -43.81 15.53
N GLN C 6 -20.04 -44.38 14.37
CA GLN C 6 -19.46 -45.69 14.05
C GLN C 6 -18.13 -45.54 13.34
N VAL C 7 -17.33 -46.61 13.41
CA VAL C 7 -16.21 -46.78 12.50
C VAL C 7 -16.77 -47.11 11.12
N ILE C 8 -16.36 -46.36 10.11
CA ILE C 8 -16.77 -46.64 8.74
C ILE C 8 -15.74 -47.51 8.03
N THR C 9 -16.23 -48.49 7.27
CA THR C 9 -15.41 -49.22 6.32
C THR C 9 -15.73 -48.69 4.93
N CYS C 10 -14.70 -48.27 4.20
CA CYS C 10 -14.92 -47.75 2.87
C CYS C 10 -13.68 -47.99 2.03
N LYS C 11 -13.73 -47.51 0.79
CA LYS C 11 -12.65 -47.66 -0.16
C LYS C 11 -11.73 -46.44 -0.11
N ALA C 12 -10.41 -46.67 -0.11
CA ALA C 12 -9.45 -45.59 -0.26
C ALA C 12 -8.25 -46.09 -1.06
N ALA C 13 -7.57 -45.17 -1.74
CA ALA C 13 -6.32 -45.47 -2.45
C ALA C 13 -5.15 -45.19 -1.52
N VAL C 14 -4.33 -46.20 -1.27
CA VAL C 14 -3.23 -46.09 -0.32
C VAL C 14 -1.92 -46.12 -1.10
N ALA C 15 -1.07 -45.11 -0.87
CA ALA C 15 0.29 -45.11 -1.38
C ALA C 15 1.15 -45.79 -0.33
N TYR C 16 1.59 -47.03 -0.60
CA TYR C 16 2.43 -47.72 0.38
C TYR C 16 3.89 -47.31 0.27
N GLU C 17 4.39 -47.07 -0.94
CA GLU C 17 5.79 -46.85 -1.26
C GLU C 17 5.84 -45.81 -2.38
N PRO C 18 6.85 -44.93 -2.38
CA PRO C 18 6.98 -43.98 -3.49
C PRO C 18 7.19 -44.71 -4.80
N ASN C 19 6.68 -44.14 -5.89
CA ASN C 19 6.93 -44.66 -7.24
C ASN C 19 6.37 -46.06 -7.49
N LYS C 20 5.45 -46.54 -6.69
CA LYS C 20 4.83 -47.84 -6.97
C LYS C 20 3.33 -47.65 -7.12
N PRO C 21 2.63 -48.58 -7.78
CA PRO C 21 1.17 -48.43 -7.94
C PRO C 21 0.47 -48.17 -6.61
N LEU C 22 -0.50 -47.27 -6.63
CA LEU C 22 -1.39 -47.10 -5.48
C LEU C 22 -2.28 -48.34 -5.34
N VAL C 23 -2.59 -48.72 -4.11
CA VAL C 23 -3.37 -49.92 -3.81
C VAL C 23 -4.77 -49.50 -3.37
N ILE C 24 -5.81 -50.05 -3.99
CA ILE C 24 -7.17 -49.80 -3.50
C ILE C 24 -7.39 -50.73 -2.31
N GLU C 25 -7.71 -50.15 -1.16
CA GLU C 25 -7.84 -50.90 0.06
C GLU C 25 -9.25 -50.71 0.60
N ASP C 26 -9.67 -51.63 1.48
CA ASP C 26 -10.77 -51.35 2.40
C ASP C 26 -10.15 -50.79 3.68
N VAL C 27 -10.57 -49.59 4.05
CA VAL C 27 -9.95 -48.88 5.17
C VAL C 27 -11.03 -48.60 6.21
N GLN C 28 -10.63 -48.61 7.48
CA GLN C 28 -11.52 -48.22 8.56
C GLN C 28 -11.25 -46.76 8.87
N VAL C 29 -12.30 -45.94 8.91
CA VAL C 29 -12.21 -44.52 9.23
C VAL C 29 -12.89 -44.33 10.59
N ALA C 30 -12.10 -43.98 11.58
CA ALA C 30 -12.61 -43.81 12.92
C ALA C 30 -13.50 -42.56 13.02
N PRO C 31 -14.45 -42.54 13.96
CA PRO C 31 -15.32 -41.35 14.11
C PRO C 31 -14.55 -40.14 14.62
N PRO C 32 -15.02 -38.93 14.31
CA PRO C 32 -14.27 -37.71 14.64
C PRO C 32 -14.23 -37.44 16.15
N GLN C 33 -13.09 -36.96 16.62
CA GLN C 33 -12.91 -36.57 18.00
C GLN C 33 -13.16 -35.06 18.12
N ALA C 34 -12.90 -34.50 19.31
CA ALA C 34 -13.15 -33.08 19.54
C ALA C 34 -12.45 -32.23 18.48
N GLY C 35 -13.19 -31.25 17.94
CA GLY C 35 -12.64 -30.34 16.93
C GLY C 35 -12.43 -30.92 15.54
N GLU C 36 -13.04 -32.05 15.23
CA GLU C 36 -12.83 -32.76 13.97
C GLU C 36 -14.15 -32.92 13.21
N VAL C 37 -14.03 -33.10 11.88
CA VAL C 37 -15.16 -33.27 10.97
C VAL C 37 -14.88 -34.46 10.07
N ARG C 38 -15.82 -35.39 10.00
CA ARG C 38 -15.74 -36.52 9.06
C ARG C 38 -16.61 -36.21 7.84
N ILE C 39 -16.01 -36.30 6.66
CA ILE C 39 -16.60 -35.86 5.40
C ILE C 39 -16.75 -37.05 4.47
N LYS C 40 -17.94 -37.21 3.88
CA LYS C 40 -18.14 -38.10 2.74
C LYS C 40 -17.64 -37.38 1.51
N ILE C 41 -16.51 -37.82 0.96
CA ILE C 41 -15.95 -37.18 -0.23
C ILE C 41 -16.68 -37.72 -1.44
N LEU C 42 -17.23 -36.83 -2.26
CA LEU C 42 -17.93 -37.24 -3.47
C LEU C 42 -17.06 -37.18 -4.71
N TYR C 43 -16.25 -36.12 -4.85
CA TYR C 43 -15.39 -35.94 -6.02
C TYR C 43 -14.05 -35.42 -5.56
N THR C 44 -12.97 -35.94 -6.15
CA THR C 44 -11.63 -35.45 -5.83
C THR C 44 -10.81 -35.39 -7.11
N ALA C 45 -9.94 -34.40 -7.21
CA ALA C 45 -9.17 -34.23 -8.43
C ALA C 45 -7.70 -34.47 -8.10
N LEU C 46 -6.92 -34.81 -9.12
CA LEU C 46 -5.51 -35.04 -8.89
CA LEU C 46 -5.52 -35.06 -8.89
C LEU C 46 -4.75 -33.76 -9.19
N CYS C 47 -3.82 -33.44 -8.30
CA CYS C 47 -2.93 -32.29 -8.45
C CYS C 47 -1.49 -32.77 -8.61
N HIS C 48 -0.67 -32.00 -9.32
CA HIS C 48 0.73 -32.41 -9.44
C HIS C 48 1.42 -32.57 -8.09
N THR C 49 0.94 -31.88 -7.04
CA THR C 49 1.53 -32.05 -5.72
C THR C 49 1.31 -33.45 -5.15
N ASP C 50 0.18 -34.09 -5.46
CA ASP C 50 -0.02 -35.48 -5.09
C ASP C 50 1.06 -36.36 -5.70
N ALA C 51 1.36 -36.14 -6.99
CA ALA C 51 2.37 -36.93 -7.68
C ALA C 51 3.78 -36.59 -7.22
N TYR C 52 4.04 -35.32 -6.91
CA TYR C 52 5.32 -34.89 -6.37
C TYR C 52 5.67 -35.69 -5.11
N THR C 53 4.71 -35.81 -4.19
CA THR C 53 4.91 -36.62 -3.00
C THR C 53 5.02 -38.09 -3.34
N TRP C 54 4.11 -38.58 -4.18
CA TRP C 54 4.16 -39.98 -4.60
C TRP C 54 5.52 -40.34 -5.20
N SER C 55 6.14 -39.41 -5.93
CA SER C 55 7.40 -39.68 -6.61
C SER C 55 8.60 -39.79 -5.69
N GLY C 56 8.44 -39.56 -4.39
CA GLY C 56 9.54 -39.60 -3.44
C GLY C 56 10.43 -38.36 -3.38
N LYS C 57 10.10 -37.30 -4.12
CA LYS C 57 10.92 -36.09 -4.13
C LYS C 57 10.49 -35.08 -3.05
N ASP C 58 9.87 -35.57 -1.98
CA ASP C 58 9.59 -34.78 -0.78
C ASP C 58 9.86 -35.60 0.48
N PRO C 59 10.94 -35.30 1.21
CA PRO C 59 11.17 -36.00 2.49
C PRO C 59 10.15 -35.66 3.57
N GLU C 60 9.39 -34.56 3.42
CA GLU C 60 8.22 -34.34 4.27
C GLU C 60 7.12 -35.38 4.06
N GLY C 61 7.09 -36.06 2.91
CA GLY C 61 6.12 -37.12 2.70
C GLY C 61 6.42 -38.32 3.58
N LEU C 62 5.37 -38.89 4.17
CA LEU C 62 5.46 -40.09 4.99
C LEU C 62 4.54 -41.14 4.39
N PHE C 63 5.05 -42.35 4.23
CA PHE C 63 4.30 -43.46 3.68
C PHE C 63 4.26 -44.58 4.70
N PRO C 64 3.19 -45.37 4.73
CA PRO C 64 2.11 -45.35 3.76
C PRO C 64 1.09 -44.26 4.09
N CYS C 65 0.42 -43.71 3.09
CA CYS C 65 -0.46 -42.59 3.34
C CYS C 65 -1.59 -42.61 2.33
N ILE C 66 -2.64 -41.83 2.62
CA ILE C 66 -3.71 -41.59 1.65
C ILE C 66 -3.52 -40.19 1.12
N LEU C 67 -3.12 -40.09 -0.16
CA LEU C 67 -2.89 -38.80 -0.80
C LEU C 67 -4.22 -38.12 -1.12
N GLY C 68 -4.13 -36.95 -1.77
CA GLY C 68 -5.29 -36.23 -2.27
C GLY C 68 -5.62 -35.01 -1.41
N HIS C 69 -5.81 -33.87 -2.04
CA HIS C 69 -6.19 -32.68 -1.29
C HIS C 69 -7.10 -31.72 -2.04
N GLU C 70 -7.53 -32.03 -3.27
CA GLU C 70 -8.51 -31.22 -3.99
C GLU C 70 -9.81 -32.01 -4.00
N ALA C 71 -10.80 -31.64 -3.17
CA ALA C 71 -12.01 -32.44 -3.14
C ALA C 71 -13.20 -31.63 -2.68
N ALA C 72 -14.38 -32.23 -2.83
CA ALA C 72 -15.62 -31.68 -2.29
C ALA C 72 -16.51 -32.84 -1.80
N GLY C 73 -17.32 -32.55 -0.81
CA GLY C 73 -18.17 -33.57 -0.24
C GLY C 73 -19.21 -33.01 0.72
N ILE C 74 -19.71 -33.91 1.57
CA ILE C 74 -20.82 -33.62 2.48
C ILE C 74 -20.40 -34.05 3.86
N VAL C 75 -20.62 -33.18 4.85
CA VAL C 75 -20.31 -33.56 6.22
C VAL C 75 -21.16 -34.77 6.60
N GLU C 76 -20.51 -35.80 7.12
CA GLU C 76 -21.21 -36.95 7.64
C GLU C 76 -21.38 -36.88 9.15
N SER C 77 -20.42 -36.31 9.88
CA SER C 77 -20.61 -36.09 11.31
C SER C 77 -19.53 -35.14 11.82
N VAL C 78 -19.78 -34.58 13.01
CA VAL C 78 -18.82 -33.66 13.63
C VAL C 78 -18.51 -34.15 15.04
N GLY C 79 -17.30 -33.86 15.51
CA GLY C 79 -16.91 -34.22 16.84
C GLY C 79 -17.35 -33.18 17.85
N GLU C 80 -17.00 -33.42 19.11
CA GLU C 80 -17.31 -32.49 20.20
C GLU C 80 -16.88 -31.06 19.87
N GLY C 81 -17.77 -30.11 20.17
CA GLY C 81 -17.42 -28.71 20.12
C GLY C 81 -17.42 -28.05 18.77
N VAL C 82 -17.83 -28.75 17.72
CA VAL C 82 -17.82 -28.23 16.36
C VAL C 82 -19.16 -27.53 16.13
N THR C 83 -19.12 -26.24 15.76
CA THR C 83 -20.34 -25.47 15.59
C THR C 83 -20.48 -24.84 14.22
N GLU C 84 -19.39 -24.70 13.47
CA GLU C 84 -19.44 -24.03 12.17
C GLU C 84 -20.10 -24.89 11.10
N VAL C 85 -20.02 -26.22 11.19
CA VAL C 85 -20.65 -27.11 10.23
C VAL C 85 -21.43 -28.17 11.00
N GLN C 86 -22.37 -28.80 10.30
CA GLN C 86 -23.16 -29.91 10.84
C GLN C 86 -23.39 -30.94 9.74
N ALA C 87 -23.81 -32.13 10.14
CA ALA C 87 -24.10 -33.19 9.18
C ALA C 87 -25.01 -32.69 8.05
N GLY C 88 -24.64 -33.01 6.82
CA GLY C 88 -25.40 -32.60 5.65
C GLY C 88 -24.86 -31.37 4.92
N ASP C 89 -24.07 -30.51 5.59
CA ASP C 89 -23.45 -29.37 4.93
C ASP C 89 -22.47 -29.79 3.84
N HIS C 90 -22.45 -29.02 2.74
CA HIS C 90 -21.53 -29.22 1.63
C HIS C 90 -20.25 -28.45 1.92
N VAL C 91 -19.11 -29.12 1.75
CA VAL C 91 -17.83 -28.60 2.21
C VAL C 91 -16.72 -28.91 1.22
N ILE C 92 -15.67 -28.09 1.30
CA ILE C 92 -14.39 -28.30 0.63
C ILE C 92 -13.32 -28.35 1.72
N PRO C 93 -12.59 -29.46 1.87
CA PRO C 93 -11.51 -29.51 2.87
C PRO C 93 -10.31 -28.74 2.35
N CYS C 94 -9.62 -28.04 3.24
CA CYS C 94 -8.53 -27.13 2.91
CA CYS C 94 -8.48 -27.25 2.81
C CYS C 94 -7.20 -27.67 3.46
N TYR C 95 -6.18 -27.76 2.63
CA TYR C 95 -4.91 -28.14 3.20
C TYR C 95 -4.27 -26.99 3.95
N GLN C 96 -4.66 -25.75 3.65
CA GLN C 96 -4.26 -24.58 4.44
C GLN C 96 -5.40 -24.29 5.41
N ALA C 97 -5.14 -24.46 6.70
CA ALA C 97 -6.19 -24.25 7.67
C ALA C 97 -6.38 -22.74 7.88
N GLU C 98 -7.41 -22.40 8.66
CA GLU C 98 -7.66 -20.99 9.01
C GLU C 98 -8.31 -20.99 10.41
N CYS C 99 -7.48 -21.06 11.44
CA CYS C 99 -8.00 -21.18 12.78
C CYS C 99 -8.46 -19.84 13.32
N ARG C 100 -7.95 -18.73 12.80
CA ARG C 100 -8.35 -17.38 13.22
C ARG C 100 -7.86 -16.99 14.60
N GLU C 101 -7.07 -17.85 15.25
CA GLU C 101 -6.63 -17.65 16.64
C GLU C 101 -5.12 -17.72 16.84
N CYS C 102 -4.33 -18.08 15.82
CA CYS C 102 -2.89 -18.19 16.03
C CYS C 102 -2.17 -16.91 15.63
N LYS C 103 -0.87 -16.87 15.94
CA LYS C 103 -0.04 -15.70 15.64
C LYS C 103 -0.12 -15.34 14.15
N PHE C 104 -0.12 -16.34 13.27
CA PHE C 104 -0.17 -16.04 11.85
C PHE C 104 -1.53 -15.49 11.46
N CYS C 105 -2.61 -16.17 11.84
CA CYS C 105 -3.94 -15.67 11.51
C CYS C 105 -4.18 -14.27 12.10
N LYS C 106 -3.80 -14.07 13.36
CA LYS C 106 -4.06 -12.79 14.03
C LYS C 106 -3.16 -11.66 13.55
N SER C 107 -2.15 -11.97 12.75
CA SER C 107 -1.26 -10.92 12.25
C SER C 107 -1.91 -10.05 11.20
N GLY C 108 -2.87 -10.58 10.45
CA GLY C 108 -3.37 -9.91 9.28
C GLY C 108 -2.36 -9.74 8.15
N LYS C 109 -1.21 -10.41 8.22
CA LYS C 109 -0.12 -10.23 7.27
C LYS C 109 0.14 -11.44 6.37
N THR C 110 -0.65 -12.50 6.48
CA THR C 110 -0.39 -13.77 5.81
C THR C 110 -1.65 -14.61 5.88
N ASN C 111 -1.77 -15.57 4.97
CA ASN C 111 -2.81 -16.59 5.02
C ASN C 111 -2.30 -17.91 5.57
N LEU C 112 -1.03 -17.98 5.93
CA LEU C 112 -0.55 -19.18 6.60
C LEU C 112 -1.15 -19.23 8.01
N CYS C 113 -1.37 -20.44 8.48
CA CYS C 113 -1.91 -20.68 9.81
C CYS C 113 -1.02 -21.74 10.47
N GLY C 114 -0.70 -21.55 11.74
CA GLY C 114 0.11 -22.51 12.46
C GLY C 114 -0.62 -23.47 13.39
N LYS C 115 -1.97 -23.46 13.41
CA LYS C 115 -2.72 -24.18 14.44
C LYS C 115 -2.49 -25.70 14.37
N VAL C 116 -2.70 -26.31 13.21
CA VAL C 116 -2.66 -27.77 13.12
C VAL C 116 -1.45 -28.28 12.36
N ARG C 117 -0.61 -27.39 11.82
CA ARG C 117 0.49 -27.75 10.93
C ARG C 117 1.45 -28.74 11.58
N SER C 118 1.62 -28.69 12.89
CA SER C 118 2.51 -29.64 13.56
C SER C 118 1.95 -31.06 13.56
N ALA C 119 0.63 -31.23 13.50
CA ALA C 119 0.08 -32.57 13.30
C ALA C 119 -0.06 -32.92 11.82
N THR C 120 -0.62 -32.03 11.00
CA THR C 120 -0.86 -32.44 9.62
C THR C 120 0.44 -32.62 8.84
N GLY C 121 1.51 -31.91 9.23
CA GLY C 121 2.79 -32.12 8.59
C GLY C 121 3.39 -33.50 8.81
N VAL C 122 2.99 -34.18 9.88
CA VAL C 122 3.46 -35.54 10.17
C VAL C 122 2.31 -36.56 10.08
N GLY C 123 1.26 -36.21 9.33
CA GLY C 123 0.24 -37.19 8.96
C GLY C 123 -0.73 -37.63 10.05
N ILE C 124 -0.93 -36.83 11.10
CA ILE C 124 -1.77 -37.25 12.23
C ILE C 124 -2.72 -36.13 12.62
N MET C 125 -3.56 -36.38 13.63
CA MET C 125 -4.54 -35.39 14.08
C MET C 125 -4.09 -34.75 15.38
N MET C 126 -4.54 -33.51 15.59
CA MET C 126 -4.06 -32.75 16.73
C MET C 126 -4.56 -33.36 18.04
N ASN C 127 -5.82 -33.84 18.05
CA ASN C 127 -6.48 -34.13 19.32
C ASN C 127 -5.79 -35.26 20.09
N ASP C 128 -5.37 -36.32 19.40
CA ASP C 128 -4.69 -37.40 20.10
C ASP C 128 -3.36 -37.77 19.45
N ARG C 129 -2.93 -37.01 18.45
CA ARG C 129 -1.67 -37.30 17.74
C ARG C 129 -1.69 -38.69 17.13
N LYS C 130 -2.86 -39.10 16.64
CA LYS C 130 -2.98 -40.38 15.94
C LYS C 130 -3.72 -40.18 14.62
N SER C 131 -3.56 -41.17 13.74
CA SER C 131 -4.31 -41.21 12.48
C SER C 131 -5.72 -41.76 12.71
N ARG C 132 -6.66 -41.35 11.84
CA ARG C 132 -8.02 -41.88 11.84
C ARG C 132 -8.22 -43.02 10.86
N PHE C 133 -7.19 -43.37 10.08
CA PHE C 133 -7.25 -44.37 9.02
C PHE C 133 -6.52 -45.64 9.45
N SER C 134 -7.06 -46.81 9.13
CA SER C 134 -6.31 -48.02 9.39
C SER C 134 -6.69 -49.10 8.38
N VAL C 135 -5.75 -50.02 8.16
CA VAL C 135 -5.96 -51.15 7.24
C VAL C 135 -5.57 -52.39 8.02
N ASN C 136 -6.53 -53.29 8.23
CA ASN C 136 -6.29 -54.49 9.03
C ASN C 136 -5.74 -54.10 10.41
N GLY C 137 -6.26 -53.01 10.96
CA GLY C 137 -5.84 -52.51 12.25
C GLY C 137 -4.59 -51.63 12.24
N LYS C 138 -3.79 -51.64 11.15
CA LYS C 138 -2.53 -50.90 11.09
C LYS C 138 -2.77 -49.48 10.62
N PRO C 139 -2.19 -48.46 11.27
CA PRO C 139 -2.47 -47.07 10.89
C PRO C 139 -1.87 -46.70 9.54
N ILE C 140 -2.57 -45.79 8.87
CA ILE C 140 -2.12 -45.18 7.63
C ILE C 140 -2.05 -43.67 7.84
N TYR C 141 -0.97 -43.03 7.37
CA TYR C 141 -0.80 -41.59 7.60
C TYR C 141 -1.81 -40.77 6.79
N HIS C 142 -2.32 -39.70 7.38
CA HIS C 142 -3.01 -38.68 6.59
C HIS C 142 -2.00 -37.93 5.71
N PHE C 143 -2.53 -37.13 4.78
CA PHE C 143 -1.66 -36.32 3.93
C PHE C 143 -2.24 -34.91 3.77
N MET C 144 -1.39 -33.88 4.04
CA MET C 144 -1.74 -32.45 3.93
C MET C 144 -2.99 -32.11 4.72
N GLY C 145 -3.28 -32.89 5.76
CA GLY C 145 -4.44 -32.62 6.57
C GLY C 145 -5.75 -32.95 5.91
N THR C 146 -5.72 -33.56 4.71
CA THR C 146 -6.95 -33.78 3.95
C THR C 146 -7.22 -35.22 3.51
N SER C 147 -6.24 -35.90 2.90
CA SER C 147 -6.39 -37.30 2.44
C SER C 147 -7.72 -37.55 1.74
N THR C 148 -7.85 -37.02 0.55
CA THR C 148 -9.13 -37.09 -0.14
C THR C 148 -9.27 -38.26 -1.12
N PHE C 149 -8.24 -39.11 -1.31
CA PHE C 149 -8.41 -40.26 -2.21
C PHE C 149 -9.10 -41.40 -1.46
N SER C 150 -10.28 -41.07 -0.93
CA SER C 150 -11.03 -41.94 -0.03
C SER C 150 -12.50 -41.60 -0.14
N GLN C 151 -13.37 -42.58 0.13
CA GLN C 151 -14.80 -42.27 0.18
C GLN C 151 -15.16 -41.41 1.40
N TYR C 152 -14.38 -41.53 2.49
CA TYR C 152 -14.58 -40.77 3.73
C TYR C 152 -13.24 -40.31 4.28
N THR C 153 -13.20 -39.10 4.83
CA THR C 153 -12.00 -38.63 5.50
C THR C 153 -12.39 -37.89 6.77
N VAL C 154 -11.38 -37.64 7.61
CA VAL C 154 -11.56 -36.90 8.85
C VAL C 154 -10.56 -35.75 8.82
N VAL C 155 -11.04 -34.52 8.99
CA VAL C 155 -10.17 -33.35 8.97
C VAL C 155 -10.43 -32.50 10.21
N HIS C 156 -9.51 -31.56 10.44
CA HIS C 156 -9.70 -30.58 11.53
C HIS C 156 -10.79 -29.59 11.16
N ASP C 157 -11.59 -29.19 12.16
CA ASP C 157 -12.67 -28.25 11.87
C ASP C 157 -12.16 -26.92 11.33
N VAL C 158 -10.93 -26.52 11.68
CA VAL C 158 -10.38 -25.29 11.13
C VAL C 158 -9.92 -25.45 9.69
N SER C 159 -10.06 -26.64 9.11
CA SER C 159 -9.69 -26.88 7.72
C SER C 159 -10.91 -27.18 6.84
N VAL C 160 -12.11 -26.87 7.30
CA VAL C 160 -13.35 -27.17 6.59
C VAL C 160 -13.97 -25.86 6.12
N ALA C 161 -14.11 -25.68 4.80
CA ALA C 161 -14.84 -24.54 4.25
C ALA C 161 -16.28 -24.92 3.91
N LYS C 162 -17.24 -24.21 4.48
CA LYS C 162 -18.66 -24.50 4.24
C LYS C 162 -19.14 -23.72 3.03
N ILE C 163 -19.73 -24.40 2.07
CA ILE C 163 -19.99 -23.78 0.77
C ILE C 163 -21.49 -23.88 0.44
N ASP C 164 -21.87 -23.14 -0.60
CA ASP C 164 -23.21 -23.11 -1.18
C ASP C 164 -23.69 -24.54 -1.41
N PRO C 165 -24.78 -24.98 -0.77
CA PRO C 165 -25.25 -26.36 -0.97
C PRO C 165 -25.81 -26.64 -2.36
N THR C 166 -25.91 -25.63 -3.23
CA THR C 166 -26.37 -25.85 -4.59
C THR C 166 -25.23 -25.95 -5.60
N ALA C 167 -23.99 -25.64 -5.23
CA ALA C 167 -22.87 -25.72 -6.15
C ALA C 167 -22.61 -27.19 -6.55
N PRO C 168 -22.23 -27.44 -7.80
CA PRO C 168 -21.98 -28.83 -8.24
C PRO C 168 -20.66 -29.37 -7.70
N LEU C 169 -20.73 -30.42 -6.89
CA LEU C 169 -19.53 -30.91 -6.21
C LEU C 169 -18.52 -31.54 -7.16
N ASP C 170 -18.95 -31.97 -8.35
CA ASP C 170 -18.00 -32.54 -9.30
C ASP C 170 -17.21 -31.47 -10.05
N LYS C 171 -17.52 -30.20 -9.83
CA LYS C 171 -16.77 -29.08 -10.38
C LYS C 171 -15.96 -28.36 -9.33
N VAL C 172 -16.61 -27.99 -8.20
CA VAL C 172 -15.97 -27.09 -7.25
C VAL C 172 -14.92 -27.79 -6.40
N CYS C 173 -14.75 -29.12 -6.56
CA CYS C 173 -13.57 -29.75 -5.97
C CYS C 173 -12.28 -29.07 -6.45
N LEU C 174 -12.28 -28.44 -7.64
CA LEU C 174 -11.07 -27.76 -8.10
C LEU C 174 -10.74 -26.52 -7.25
N LEU C 175 -11.72 -25.96 -6.56
CA LEU C 175 -11.46 -24.78 -5.75
C LEU C 175 -10.75 -25.11 -4.45
N GLY C 176 -10.29 -26.36 -4.30
CA GLY C 176 -9.51 -26.75 -3.16
C GLY C 176 -8.01 -26.60 -3.33
N CYS C 177 -7.52 -26.33 -4.55
CA CYS C 177 -6.09 -26.05 -4.68
C CYS C 177 -5.67 -25.33 -5.96
N GLY C 178 -5.73 -25.99 -7.12
CA GLY C 178 -5.07 -25.43 -8.30
C GLY C 178 -5.58 -24.07 -8.76
N VAL C 179 -6.88 -23.97 -9.01
CA VAL C 179 -7.45 -22.72 -9.53
C VAL C 179 -7.28 -21.56 -8.55
N PRO C 180 -7.57 -21.69 -7.24
CA PRO C 180 -7.32 -20.55 -6.34
C PRO C 180 -5.85 -20.14 -6.25
N THR C 181 -4.94 -21.11 -6.32
CA THR C 181 -3.52 -20.76 -6.29
C THR C 181 -3.15 -19.79 -7.42
N GLY C 182 -3.62 -20.08 -8.62
CA GLY C 182 -3.30 -19.24 -9.77
C GLY C 182 -4.04 -17.91 -9.73
N LEU C 183 -5.35 -17.93 -9.49
CA LEU C 183 -6.08 -16.66 -9.40
C LEU C 183 -5.50 -15.78 -8.30
N GLY C 184 -5.18 -16.38 -7.14
CA GLY C 184 -4.73 -15.58 -6.00
C GLY C 184 -3.32 -15.07 -6.17
N ALA C 185 -2.45 -15.84 -6.84
CA ALA C 185 -1.13 -15.32 -7.16
C ALA C 185 -1.22 -13.94 -7.81
N VAL C 186 -2.25 -13.75 -8.65
CA VAL C 186 -2.41 -12.49 -9.35
C VAL C 186 -3.08 -11.45 -8.45
N TRP C 187 -4.20 -11.84 -7.82
CA TRP C 187 -5.01 -10.86 -7.11
C TRP C 187 -4.47 -10.52 -5.74
N ASN C 188 -3.88 -11.49 -5.03
CA ASN C 188 -3.45 -11.29 -3.65
C ASN C 188 -1.95 -11.11 -3.50
N THR C 189 -1.15 -11.92 -4.19
CA THR C 189 0.28 -11.87 -3.96
C THR C 189 0.93 -10.78 -4.79
N ALA C 190 0.72 -10.82 -6.10
CA ALA C 190 1.25 -9.76 -6.95
C ALA C 190 0.42 -8.47 -6.86
N LYS C 191 -0.91 -8.60 -6.79
CA LYS C 191 -1.84 -7.46 -6.91
C LYS C 191 -1.61 -6.70 -8.24
N VAL C 192 -1.73 -7.46 -9.33
CA VAL C 192 -1.57 -6.93 -10.69
C VAL C 192 -2.57 -5.81 -10.98
N GLU C 193 -2.04 -4.66 -11.48
CA GLU C 193 -2.88 -3.52 -11.80
C GLU C 193 -3.32 -3.55 -13.26
N PRO C 194 -4.46 -2.94 -13.57
CA PRO C 194 -4.89 -2.84 -14.97
C PRO C 194 -3.81 -2.20 -15.85
N GLY C 195 -3.65 -2.76 -17.05
CA GLY C 195 -2.62 -2.36 -17.97
C GLY C 195 -1.25 -3.00 -17.82
N SER C 196 -1.04 -3.82 -16.79
CA SER C 196 0.24 -4.49 -16.57
C SER C 196 0.55 -5.50 -17.70
N ASN C 197 1.85 -5.70 -17.97
CA ASN C 197 2.27 -6.80 -18.84
C ASN C 197 2.75 -7.93 -17.94
N VAL C 198 2.34 -9.17 -18.24
CA VAL C 198 2.67 -10.31 -17.39
C VAL C 198 3.21 -11.46 -18.25
N ALA C 199 4.13 -12.24 -17.65
CA ALA C 199 4.67 -13.46 -18.24
C ALA C 199 4.30 -14.64 -17.36
N ILE C 200 3.90 -15.75 -17.99
CA ILE C 200 3.49 -16.94 -17.25
C ILE C 200 4.30 -18.12 -17.78
N PHE C 201 5.08 -18.76 -16.90
CA PHE C 201 5.97 -19.86 -17.25
C PHE C 201 5.31 -21.15 -16.82
N GLY C 202 4.84 -21.93 -17.79
CA GLY C 202 4.14 -23.18 -17.52
C GLY C 202 2.64 -23.02 -17.77
N LEU C 203 2.11 -23.71 -18.77
CA LEU C 203 0.71 -23.56 -19.13
C LEU C 203 -0.10 -24.80 -18.79
N GLY C 204 0.13 -25.36 -17.60
CA GLY C 204 -0.78 -26.33 -17.02
C GLY C 204 -1.87 -25.59 -16.27
N THR C 205 -2.62 -26.33 -15.44
CA THR C 205 -3.80 -25.77 -14.77
C THR C 205 -3.48 -24.49 -14.01
N VAL C 206 -2.40 -24.49 -13.22
CA VAL C 206 -2.09 -23.30 -12.42
C VAL C 206 -1.76 -22.12 -13.31
N GLY C 207 -0.92 -22.34 -14.33
CA GLY C 207 -0.59 -21.26 -15.25
C GLY C 207 -1.83 -20.71 -15.95
N LEU C 208 -2.77 -21.59 -16.29
CA LEU C 208 -3.99 -21.11 -16.93
C LEU C 208 -4.85 -20.29 -15.95
N ALA C 209 -4.87 -20.68 -14.68
CA ALA C 209 -5.57 -19.88 -13.67
C ALA C 209 -4.90 -18.52 -13.45
N VAL C 210 -3.56 -18.46 -13.51
CA VAL C 210 -2.89 -17.15 -13.50
C VAL C 210 -3.34 -16.32 -14.70
N ALA C 211 -3.43 -16.93 -15.89
CA ALA C 211 -3.85 -16.17 -17.07
C ALA C 211 -5.26 -15.63 -16.91
N GLU C 212 -6.17 -16.45 -16.36
CA GLU C 212 -7.53 -16.03 -16.11
C GLU C 212 -7.56 -14.89 -15.12
N GLY C 213 -6.79 -15.02 -14.04
CA GLY C 213 -6.72 -13.96 -13.03
C GLY C 213 -6.16 -12.68 -13.59
N ALA C 214 -5.09 -12.76 -14.40
CA ALA C 214 -4.50 -11.56 -15.01
C ALA C 214 -5.46 -10.90 -16.00
N LYS C 215 -6.19 -11.70 -16.78
CA LYS C 215 -7.16 -11.10 -17.71
C LYS C 215 -8.29 -10.38 -16.95
N THR C 216 -8.79 -11.01 -15.88
CA THR C 216 -9.81 -10.41 -15.02
C THR C 216 -9.31 -9.13 -14.33
N ALA C 217 -8.02 -9.12 -13.93
CA ALA C 217 -7.38 -7.96 -13.30
C ALA C 217 -7.16 -6.80 -14.26
N GLY C 218 -7.22 -7.04 -15.56
CA GLY C 218 -7.03 -6.00 -16.56
C GLY C 218 -5.65 -5.97 -17.18
N ALA C 219 -4.88 -7.05 -17.08
CA ALA C 219 -3.59 -7.07 -17.77
C ALA C 219 -3.77 -6.93 -19.27
N SER C 220 -2.81 -6.23 -19.91
CA SER C 220 -2.71 -6.07 -21.36
C SER C 220 -2.04 -7.26 -22.02
N ARG C 221 -0.70 -7.34 -22.01
CA ARG C 221 -0.02 -8.50 -22.59
C ARG C 221 0.07 -9.61 -21.57
N ILE C 222 -0.38 -10.79 -21.97
CA ILE C 222 -0.35 -11.98 -21.15
C ILE C 222 0.43 -13.02 -21.94
N ILE C 223 1.72 -13.10 -21.67
CA ILE C 223 2.69 -13.87 -22.45
C ILE C 223 2.91 -15.22 -21.78
N GLY C 224 2.60 -16.30 -22.50
CA GLY C 224 2.77 -17.64 -21.97
C GLY C 224 4.09 -18.20 -22.50
N ILE C 225 4.78 -18.95 -21.64
CA ILE C 225 6.07 -19.55 -22.00
C ILE C 225 5.98 -21.03 -21.65
N ASP C 226 6.23 -21.89 -22.63
CA ASP C 226 6.17 -23.33 -22.38
C ASP C 226 7.01 -24.03 -23.45
N ILE C 227 7.65 -25.12 -23.06
CA ILE C 227 8.44 -25.88 -24.04
C ILE C 227 7.59 -26.80 -24.91
N ASP C 228 6.30 -26.93 -24.61
CA ASP C 228 5.37 -27.69 -25.45
C ASP C 228 4.43 -26.71 -26.15
N SER C 229 4.69 -26.48 -27.44
CA SER C 229 3.92 -25.48 -28.17
C SER C 229 2.46 -25.88 -28.36
N LYS C 230 2.12 -27.17 -28.21
CA LYS C 230 0.72 -27.54 -28.32
C LYS C 230 -0.12 -26.94 -27.20
N LYS C 231 0.50 -26.62 -26.06
CA LYS C 231 -0.27 -26.11 -24.92
C LYS C 231 -0.74 -24.67 -25.13
N TYR C 232 -0.17 -23.95 -26.09
CA TYR C 232 -0.64 -22.61 -26.38
C TYR C 232 -2.09 -22.60 -26.84
N GLU C 233 -2.47 -23.55 -27.69
CA GLU C 233 -3.81 -23.53 -28.25
CA GLU C 233 -3.80 -23.53 -28.25
C GLU C 233 -4.87 -23.56 -27.15
N THR C 234 -4.70 -24.45 -26.17
CA THR C 234 -5.63 -24.47 -25.03
C THR C 234 -5.52 -23.18 -24.21
N ALA C 235 -4.32 -22.66 -24.02
CA ALA C 235 -4.13 -21.50 -23.14
C ALA C 235 -4.83 -20.26 -23.66
N LYS C 236 -5.05 -20.17 -24.98
CA LYS C 236 -5.67 -18.98 -25.55
C LYS C 236 -7.09 -18.77 -25.04
N LYS C 237 -7.80 -19.85 -24.75
CA LYS C 237 -9.15 -19.79 -24.17
C LYS C 237 -9.15 -19.22 -22.76
N PHE C 238 -8.03 -19.27 -22.06
CA PHE C 238 -7.94 -18.81 -20.69
C PHE C 238 -7.36 -17.39 -20.58
N GLY C 239 -6.97 -16.79 -21.69
CA GLY C 239 -6.55 -15.39 -21.70
C GLY C 239 -5.13 -15.14 -22.19
N VAL C 240 -4.33 -16.17 -22.45
CA VAL C 240 -2.98 -15.95 -22.96
C VAL C 240 -3.06 -15.41 -24.39
N ASN C 241 -2.40 -14.29 -24.66
CA ASN C 241 -2.52 -13.67 -25.98
C ASN C 241 -1.17 -13.51 -26.67
N GLU C 242 -0.10 -14.05 -26.10
CA GLU C 242 1.22 -14.09 -26.72
C GLU C 242 1.91 -15.36 -26.22
N PHE C 243 2.76 -15.93 -27.07
CA PHE C 243 3.40 -17.19 -26.73
C PHE C 243 4.86 -17.19 -27.14
N VAL C 244 5.72 -17.73 -26.29
CA VAL C 244 7.12 -17.93 -26.65
C VAL C 244 7.53 -19.34 -26.24
N ASN C 245 8.05 -20.13 -27.21
CA ASN C 245 8.67 -21.39 -26.81
C ASN C 245 10.17 -21.20 -26.70
N PRO C 246 10.78 -21.53 -25.56
CA PRO C 246 12.23 -21.33 -25.41
C PRO C 246 13.06 -22.05 -26.46
N LYS C 247 12.57 -23.20 -26.94
CA LYS C 247 13.32 -24.02 -27.90
C LYS C 247 13.49 -23.33 -29.25
N ASP C 248 12.71 -22.30 -29.52
CA ASP C 248 12.75 -21.56 -30.77
C ASP C 248 13.77 -20.43 -30.76
N HIS C 249 14.51 -20.22 -29.68
CA HIS C 249 15.37 -19.05 -29.56
C HIS C 249 16.76 -19.44 -29.10
N ASP C 250 17.76 -18.77 -29.68
CA ASP C 250 19.13 -19.00 -29.26
C ASP C 250 19.42 -18.41 -27.89
N LYS C 251 18.98 -17.18 -27.65
CA LYS C 251 19.39 -16.60 -26.39
C LYS C 251 18.46 -17.05 -25.26
N PRO C 252 18.91 -16.91 -24.01
CA PRO C 252 18.07 -17.31 -22.88
C PRO C 252 16.69 -16.67 -22.93
N ILE C 253 15.70 -17.42 -22.42
CA ILE C 253 14.32 -16.98 -22.54
C ILE C 253 14.13 -15.64 -21.85
N GLN C 254 14.87 -15.37 -20.77
CA GLN C 254 14.65 -14.10 -20.09
C GLN C 254 15.08 -12.94 -20.98
N GLU C 255 16.12 -13.13 -21.81
CA GLU C 255 16.55 -12.08 -22.74
C GLU C 255 15.55 -11.91 -23.88
N VAL C 256 14.93 -13.01 -24.32
CA VAL C 256 13.89 -12.91 -25.34
C VAL C 256 12.68 -12.12 -24.82
N ILE C 257 12.25 -12.40 -23.59
CA ILE C 257 11.09 -11.68 -23.05
C ILE C 257 11.40 -10.19 -22.90
N VAL C 258 12.60 -9.85 -22.41
CA VAL C 258 13.00 -8.45 -22.26
C VAL C 258 12.98 -7.73 -23.61
N ASP C 259 13.56 -8.36 -24.65
CA ASP C 259 13.51 -7.82 -26.01
C ASP C 259 12.09 -7.64 -26.51
N LEU C 260 11.24 -8.64 -26.27
CA LEU C 260 9.85 -8.62 -26.73
C LEU C 260 9.04 -7.50 -26.11
N THR C 261 9.32 -7.15 -24.85
CA THR C 261 8.57 -6.15 -24.11
C THR C 261 9.34 -4.85 -23.94
N ASP C 262 10.49 -4.73 -24.58
CA ASP C 262 11.35 -3.55 -24.50
CA ASP C 262 11.36 -3.55 -24.51
C ASP C 262 11.58 -3.16 -23.04
N GLY C 263 12.13 -4.10 -22.29
CA GLY C 263 12.51 -3.83 -20.93
C GLY C 263 12.21 -4.95 -19.96
N GLY C 264 11.20 -5.75 -20.25
CA GLY C 264 10.74 -6.76 -19.33
C GLY C 264 9.28 -6.57 -18.98
N VAL C 265 8.74 -7.57 -18.30
CA VAL C 265 7.34 -7.58 -17.90
C VAL C 265 7.21 -6.93 -16.53
N ASP C 266 5.97 -6.50 -16.19
CA ASP C 266 5.72 -5.92 -14.88
C ASP C 266 5.67 -6.99 -13.79
N TYR C 267 5.13 -8.17 -14.14
CA TYR C 267 4.97 -9.31 -13.24
C TYR C 267 5.25 -10.60 -13.99
N SER C 268 5.92 -11.55 -13.36
CA SER C 268 6.05 -12.89 -13.92
C SER C 268 5.67 -13.93 -12.88
N PHE C 269 5.23 -15.09 -13.37
CA PHE C 269 4.74 -16.17 -12.52
C PHE C 269 5.35 -17.49 -12.99
N GLU C 270 6.01 -18.19 -12.08
CA GLU C 270 6.57 -19.51 -12.37
C GLU C 270 5.65 -20.57 -11.83
N CYS C 271 5.06 -21.37 -12.75
CA CYS C 271 4.01 -22.32 -12.40
C CYS C 271 4.39 -23.75 -12.74
N ILE C 272 5.68 -24.07 -12.74
CA ILE C 272 6.17 -25.40 -13.05
C ILE C 272 6.80 -26.07 -11.84
N GLY C 273 7.60 -25.34 -11.07
CA GLY C 273 8.42 -25.96 -10.04
C GLY C 273 9.83 -26.32 -10.47
N ASN C 274 10.40 -25.58 -11.42
CA ASN C 274 11.76 -25.77 -11.94
C ASN C 274 12.61 -24.56 -11.55
N VAL C 275 13.64 -24.76 -10.73
CA VAL C 275 14.37 -23.62 -10.17
C VAL C 275 15.14 -22.84 -11.24
N SER C 276 15.54 -23.49 -12.34
CA SER C 276 16.16 -22.73 -13.43
CA SER C 276 16.16 -22.73 -13.42
C SER C 276 15.13 -21.86 -14.14
N VAL C 277 13.89 -22.34 -14.23
CA VAL C 277 12.88 -21.46 -14.82
C VAL C 277 12.51 -20.36 -13.84
N MET C 278 12.56 -20.63 -12.52
CA MET C 278 12.30 -19.56 -11.56
C MET C 278 13.30 -18.42 -11.72
N ARG C 279 14.56 -18.74 -12.00
CA ARG C 279 15.55 -17.69 -12.22
C ARG C 279 15.23 -16.86 -13.44
N ALA C 280 14.87 -17.54 -14.53
CA ALA C 280 14.51 -16.84 -15.75
C ALA C 280 13.30 -15.94 -15.53
N ALA C 281 12.32 -16.43 -14.75
CA ALA C 281 11.13 -15.61 -14.48
C ALA C 281 11.49 -14.30 -13.75
N LEU C 282 12.45 -14.35 -12.83
CA LEU C 282 12.92 -13.11 -12.19
C LEU C 282 13.63 -12.21 -13.19
N GLU C 283 14.57 -12.78 -13.96
CA GLU C 283 15.42 -11.97 -14.82
C GLU C 283 14.67 -11.41 -16.03
N CYS C 284 13.45 -11.87 -16.30
CA CYS C 284 12.66 -11.24 -17.37
C CYS C 284 11.77 -10.10 -16.85
N CYS C 285 11.79 -9.85 -15.55
CA CYS C 285 11.03 -8.72 -15.00
C CYS C 285 11.73 -7.40 -15.33
N HIS C 286 10.93 -6.34 -15.47
CA HIS C 286 11.45 -5.02 -15.82
C HIS C 286 12.35 -4.47 -14.71
N LYS C 287 13.47 -3.89 -15.12
CA LYS C 287 14.36 -3.23 -14.16
C LYS C 287 13.60 -2.09 -13.45
N GLY C 288 13.81 -1.97 -12.13
CA GLY C 288 13.23 -0.88 -11.37
C GLY C 288 11.96 -1.24 -10.62
N TRP C 289 11.14 -2.13 -11.15
CA TRP C 289 9.88 -2.39 -10.46
C TRP C 289 9.30 -3.79 -10.69
N GLY C 290 9.88 -4.59 -11.58
CA GLY C 290 9.22 -5.86 -11.93
C GLY C 290 9.24 -6.86 -10.77
N THR C 291 8.17 -7.64 -10.66
CA THR C 291 7.97 -8.55 -9.54
C THR C 291 7.72 -9.95 -10.06
N SER C 292 8.44 -10.94 -9.52
CA SER C 292 8.26 -12.32 -9.94
C SER C 292 7.71 -13.14 -8.78
N VAL C 293 6.70 -13.97 -9.06
CA VAL C 293 6.02 -14.76 -8.05
C VAL C 293 6.26 -16.24 -8.33
N ILE C 294 6.82 -16.93 -7.35
CA ILE C 294 6.98 -18.38 -7.43
C ILE C 294 5.67 -19.02 -7.00
N VAL C 295 5.11 -19.85 -7.89
CA VAL C 295 3.86 -20.55 -7.66
C VAL C 295 4.05 -22.06 -7.61
N GLY C 296 4.89 -22.61 -8.50
CA GLY C 296 5.18 -24.03 -8.47
C GLY C 296 6.09 -24.41 -7.33
N VAL C 297 6.07 -25.70 -6.97
CA VAL C 297 6.85 -26.22 -5.84
C VAL C 297 8.03 -27.01 -6.41
N ALA C 298 9.26 -26.58 -6.08
CA ALA C 298 10.45 -27.31 -6.49
C ALA C 298 10.69 -28.53 -5.61
N ALA C 299 11.36 -29.53 -6.19
CA ALA C 299 11.77 -30.72 -5.45
C ALA C 299 12.73 -30.35 -4.34
N SER C 300 12.72 -31.15 -3.29
CA SER C 300 13.54 -30.87 -2.13
CA SER C 300 13.54 -30.84 -2.13
C SER C 300 15.01 -30.77 -2.50
N GLY C 301 15.72 -29.86 -1.84
CA GLY C 301 17.14 -29.68 -2.07
C GLY C 301 17.47 -28.71 -3.19
N GLN C 302 16.59 -28.58 -4.18
CA GLN C 302 16.84 -27.66 -5.29
C GLN C 302 16.85 -26.20 -4.83
N GLU C 303 17.76 -25.40 -5.38
CA GLU C 303 17.93 -24.01 -4.95
C GLU C 303 17.71 -23.06 -6.11
N ILE C 304 17.12 -21.90 -5.83
CA ILE C 304 17.05 -20.84 -6.83
C ILE C 304 18.30 -19.97 -6.68
N SER C 305 18.73 -19.33 -7.76
CA SER C 305 19.94 -18.52 -7.72
C SER C 305 19.76 -17.34 -8.64
N THR C 306 20.42 -16.23 -8.33
CA THR C 306 20.52 -15.13 -9.27
C THR C 306 21.69 -14.25 -8.84
N ARG C 307 22.00 -13.23 -9.66
CA ARG C 307 22.97 -12.23 -9.21
C ARG C 307 22.25 -11.17 -8.39
N PRO C 308 22.80 -10.74 -7.25
CA PRO C 308 22.06 -9.80 -6.39
C PRO C 308 21.79 -8.45 -7.05
N PHE C 309 22.54 -8.10 -8.11
CA PHE C 309 22.21 -6.90 -8.86
C PHE C 309 20.78 -6.92 -9.43
N GLN C 310 20.20 -8.11 -9.68
N GLN C 310 20.20 -8.11 -9.68
CA GLN C 310 18.81 -8.15 -10.14
CA GLN C 310 18.81 -8.15 -10.14
C GLN C 310 17.87 -7.49 -9.13
C GLN C 310 17.87 -7.49 -9.13
N LEU C 311 18.10 -7.74 -7.85
CA LEU C 311 17.26 -7.14 -6.79
C LEU C 311 17.69 -5.71 -6.46
N VAL C 312 19.00 -5.43 -6.45
CA VAL C 312 19.47 -4.08 -6.21
C VAL C 312 18.88 -3.11 -7.23
N THR C 313 18.79 -3.53 -8.49
CA THR C 313 18.22 -2.65 -9.51
C THR C 313 16.67 -2.79 -9.64
N GLY C 314 15.99 -3.19 -8.57
CA GLY C 314 14.57 -2.89 -8.39
C GLY C 314 13.61 -4.05 -8.61
N ARG C 315 14.08 -5.23 -8.99
CA ARG C 315 13.15 -6.37 -9.09
C ARG C 315 12.88 -6.97 -7.71
N VAL C 316 11.73 -7.64 -7.59
CA VAL C 316 11.25 -8.17 -6.32
C VAL C 316 10.91 -9.65 -6.51
N TRP C 317 11.34 -10.48 -5.56
CA TRP C 317 11.12 -11.93 -5.64
C TRP C 317 10.21 -12.34 -4.49
N LYS C 318 9.10 -13.00 -4.82
CA LYS C 318 8.23 -13.52 -3.79
C LYS C 318 7.57 -14.82 -4.29
N GLY C 319 6.67 -15.33 -3.47
CA GLY C 319 6.04 -16.60 -3.75
C GLY C 319 4.69 -16.62 -3.08
N THR C 320 3.89 -17.61 -3.46
CA THR C 320 2.51 -17.66 -3.00
C THR C 320 2.19 -19.08 -2.56
N ALA C 321 1.32 -19.17 -1.57
CA ALA C 321 0.83 -20.45 -1.07
C ALA C 321 -0.69 -20.39 -1.06
N PHE C 322 -1.32 -21.27 -1.84
CA PHE C 322 -2.76 -21.27 -2.02
C PHE C 322 -3.24 -19.89 -2.46
N GLY C 323 -2.45 -19.23 -3.30
CA GLY C 323 -2.85 -17.93 -3.84
C GLY C 323 -3.03 -16.83 -2.82
N GLY C 324 -2.51 -17.00 -1.60
CA GLY C 324 -2.70 -16.01 -0.56
C GLY C 324 -4.11 -15.96 -0.02
N PHE C 325 -4.98 -16.87 -0.42
CA PHE C 325 -6.36 -16.91 0.08
C PHE C 325 -6.42 -17.47 1.50
N LYS C 326 -7.31 -16.90 2.32
CA LYS C 326 -7.65 -17.48 3.60
C LYS C 326 -8.78 -18.49 3.39
N SER C 327 -8.52 -19.76 3.68
CA SER C 327 -9.30 -20.85 3.10
C SER C 327 -10.75 -20.87 3.60
N ARG C 328 -10.97 -20.90 4.93
CA ARG C 328 -12.33 -21.02 5.42
C ARG C 328 -13.17 -19.79 5.08
N THR C 329 -12.56 -18.61 5.03
CA THR C 329 -13.29 -17.39 4.74
C THR C 329 -13.48 -17.18 3.24
N GLN C 330 -12.48 -17.53 2.43
CA GLN C 330 -12.51 -17.12 1.04
C GLN C 330 -12.81 -18.25 0.04
N VAL C 331 -12.61 -19.52 0.38
CA VAL C 331 -13.08 -20.58 -0.52
C VAL C 331 -14.59 -20.49 -0.73
N PRO C 332 -15.42 -20.23 0.29
CA PRO C 332 -16.85 -20.03 0.01
C PRO C 332 -17.12 -18.84 -0.90
N TRP C 333 -16.33 -17.78 -0.79
CA TRP C 333 -16.45 -16.66 -1.72
C TRP C 333 -16.13 -17.08 -3.16
N LEU C 334 -15.03 -17.83 -3.36
CA LEU C 334 -14.72 -18.31 -4.70
C LEU C 334 -15.86 -19.17 -5.25
N VAL C 335 -16.51 -19.96 -4.39
CA VAL C 335 -17.63 -20.77 -4.87
C VAL C 335 -18.78 -19.86 -5.33
N GLU C 336 -19.06 -18.79 -4.57
CA GLU C 336 -20.07 -17.82 -5.00
C GLU C 336 -19.69 -17.17 -6.31
N LYS C 337 -18.41 -16.82 -6.51
CA LYS C 337 -17.99 -16.25 -7.79
C LYS C 337 -18.23 -17.23 -8.93
N TYR C 338 -17.91 -18.50 -8.71
CA TYR C 338 -18.17 -19.53 -9.72
C TYR C 338 -19.67 -19.61 -10.00
N MET C 339 -20.49 -19.64 -8.95
CA MET C 339 -21.93 -19.76 -9.18
C MET C 339 -22.50 -18.53 -9.88
N ASN C 340 -21.86 -17.37 -9.72
N ASN C 340 -21.86 -17.37 -9.72
CA ASN C 340 -22.28 -16.13 -10.35
CA ASN C 340 -22.28 -16.13 -10.35
C ASN C 340 -21.60 -15.88 -11.69
C ASN C 340 -21.60 -15.88 -11.69
N LYS C 341 -20.87 -16.86 -12.23
CA LYS C 341 -20.28 -16.80 -13.57
C LYS C 341 -19.16 -15.75 -13.68
N GLU C 342 -18.44 -15.52 -12.57
CA GLU C 342 -17.31 -14.59 -12.55
C GLU C 342 -15.95 -15.26 -12.68
N ILE C 343 -15.85 -16.56 -12.39
CA ILE C 343 -14.58 -17.27 -12.55
C ILE C 343 -14.86 -18.60 -13.25
N LYS C 344 -13.95 -19.04 -14.10
CA LYS C 344 -14.12 -20.33 -14.75
C LYS C 344 -13.67 -21.44 -13.81
N VAL C 345 -14.37 -22.56 -13.88
CA VAL C 345 -13.93 -23.79 -13.22
C VAL C 345 -14.12 -24.98 -14.17
N ASP C 346 -15.29 -25.06 -14.81
CA ASP C 346 -15.61 -26.24 -15.62
C ASP C 346 -14.55 -26.49 -16.69
N GLU C 347 -14.04 -25.42 -17.31
CA GLU C 347 -13.14 -25.51 -18.46
C GLU C 347 -11.79 -26.15 -18.13
N TYR C 348 -11.43 -26.26 -16.86
CA TYR C 348 -10.18 -26.92 -16.53
C TYR C 348 -10.30 -28.45 -16.52
N ILE C 349 -11.51 -29.00 -16.52
CA ILE C 349 -11.70 -30.43 -16.30
C ILE C 349 -11.71 -31.12 -17.65
N THR C 350 -10.63 -31.85 -17.94
CA THR C 350 -10.51 -32.50 -19.24
C THR C 350 -10.85 -34.00 -19.17
N HIS C 351 -10.85 -34.59 -18.00
CA HIS C 351 -10.99 -36.04 -17.84
C HIS C 351 -11.82 -36.33 -16.60
N ASN C 352 -12.58 -37.41 -16.67
CA ASN C 352 -13.43 -37.87 -15.57
C ASN C 352 -13.23 -39.37 -15.44
N LEU C 353 -12.79 -39.81 -14.27
CA LEU C 353 -12.59 -41.23 -13.98
C LEU C 353 -13.17 -41.58 -12.61
N THR C 354 -12.87 -42.78 -12.10
CA THR C 354 -13.34 -43.22 -10.79
C THR C 354 -12.17 -43.46 -9.86
N LEU C 355 -12.47 -43.47 -8.56
CA LEU C 355 -11.42 -43.67 -7.57
C LEU C 355 -10.73 -45.01 -7.80
N GLY C 356 -11.50 -46.06 -8.15
CA GLY C 356 -10.90 -47.35 -8.49
C GLY C 356 -9.87 -47.31 -9.60
N GLU C 357 -9.95 -46.33 -10.50
CA GLU C 357 -9.02 -46.19 -11.61
C GLU C 357 -7.91 -45.20 -11.32
N ILE C 358 -7.58 -44.99 -10.04
CA ILE C 358 -6.69 -43.86 -9.71
C ILE C 358 -5.33 -44.03 -10.38
N ASN C 359 -4.86 -45.27 -10.55
CA ASN C 359 -3.56 -45.46 -11.22
C ASN C 359 -3.62 -45.04 -12.69
N LYS C 360 -4.77 -45.18 -13.34
CA LYS C 360 -4.94 -44.62 -14.68
C LYS C 360 -4.85 -43.10 -14.65
N ALA C 361 -5.37 -42.48 -13.58
CA ALA C 361 -5.34 -41.01 -13.51
C ALA C 361 -3.92 -40.49 -13.30
N PHE C 362 -3.10 -41.19 -12.49
CA PHE C 362 -1.70 -40.81 -12.36
C PHE C 362 -0.98 -40.84 -13.71
N ASP C 363 -1.28 -41.84 -14.56
CA ASP C 363 -0.71 -41.86 -15.90
C ASP C 363 -1.11 -40.63 -16.72
N LEU C 364 -2.32 -40.09 -16.50
CA LEU C 364 -2.76 -38.89 -17.21
C LEU C 364 -1.90 -37.68 -16.86
N LEU C 365 -1.30 -37.66 -15.67
CA LEU C 365 -0.47 -36.51 -15.31
C LEU C 365 0.75 -36.36 -16.21
N HIS C 366 1.14 -37.41 -16.90
CA HIS C 366 2.25 -37.31 -17.84
C HIS C 366 1.78 -36.75 -19.17
N GLU C 367 0.49 -36.75 -19.44
CA GLU C 367 -0.07 -36.25 -20.69
C GLU C 367 -0.34 -34.74 -20.57
N GLY C 368 0.25 -33.96 -21.47
CA GLY C 368 0.10 -32.51 -21.42
C GLY C 368 -1.28 -32.01 -21.78
N THR C 369 -2.09 -32.82 -22.48
CA THR C 369 -3.46 -32.42 -22.76
C THR C 369 -4.40 -32.65 -21.59
N CYS C 370 -3.91 -33.19 -20.48
CA CYS C 370 -4.75 -33.30 -19.30
C CYS C 370 -4.52 -32.07 -18.43
N LEU C 371 -5.58 -31.29 -18.23
CA LEU C 371 -5.50 -30.16 -17.28
C LEU C 371 -5.83 -30.67 -15.89
N ARG C 372 -7.11 -31.05 -15.66
CA ARG C 372 -7.53 -31.68 -14.41
C ARG C 372 -8.31 -32.95 -14.70
N CYS C 373 -8.00 -34.00 -13.95
CA CYS C 373 -8.79 -35.22 -13.95
C CYS C 373 -9.57 -35.29 -12.64
N VAL C 374 -10.91 -35.34 -12.73
CA VAL C 374 -11.78 -35.46 -11.55
C VAL C 374 -12.19 -36.93 -11.35
N LEU C 375 -12.10 -37.40 -10.10
CA LEU C 375 -12.43 -38.77 -9.72
C LEU C 375 -13.74 -38.82 -8.95
N ASP C 376 -14.66 -39.68 -9.42
CA ASP C 376 -15.88 -40.04 -8.70
C ASP C 376 -15.56 -41.15 -7.72
N THR C 377 -15.75 -40.89 -6.42
CA THR C 377 -15.30 -41.85 -5.41
C THR C 377 -16.28 -43.00 -5.19
N SER C 378 -17.44 -42.99 -5.84
CA SER C 378 -18.42 -44.03 -5.58
C SER C 378 -18.01 -45.39 -6.14
N LYS C 379 -17.02 -45.44 -7.04
CA LYS C 379 -16.59 -46.69 -7.69
C LYS C 379 -15.05 -46.81 -7.77
N MET D 1 40.76 35.20 -10.77
CA MET D 1 41.35 34.53 -11.93
C MET D 1 40.35 33.61 -12.63
N ALA D 2 39.85 34.03 -13.79
CA ALA D 2 38.82 33.25 -14.46
C ALA D 2 39.40 31.97 -15.06
N THR D 3 38.61 30.90 -15.00
CA THR D 3 38.98 29.61 -15.56
C THR D 3 37.98 29.10 -16.58
N GLN D 4 36.88 29.83 -16.79
CA GLN D 4 35.85 29.43 -17.74
C GLN D 4 36.46 29.14 -19.11
N GLY D 5 36.11 27.99 -19.69
CA GLY D 5 36.58 27.57 -21.00
C GLY D 5 38.04 27.16 -21.06
N GLN D 6 38.71 27.10 -19.91
CA GLN D 6 40.13 26.80 -19.80
C GLN D 6 40.30 25.44 -19.16
N VAL D 7 41.30 24.68 -19.60
CA VAL D 7 41.69 23.49 -18.86
C VAL D 7 42.20 23.94 -17.49
N ILE D 8 41.89 23.16 -16.46
CA ILE D 8 42.41 23.41 -15.11
C ILE D 8 43.44 22.33 -14.80
N THR D 9 44.60 22.76 -14.31
CA THR D 9 45.59 21.84 -13.76
C THR D 9 45.40 21.83 -12.26
N CYS D 10 45.22 20.65 -11.68
CA CYS D 10 44.95 20.51 -10.25
C CYS D 10 45.44 19.13 -9.81
N LYS D 11 45.31 18.86 -8.50
CA LYS D 11 45.75 17.59 -7.93
C LYS D 11 44.62 16.59 -7.99
N ALA D 12 44.96 15.32 -8.20
CA ALA D 12 43.98 14.24 -8.12
C ALA D 12 44.72 12.96 -7.73
N ALA D 13 44.03 12.06 -7.06
CA ALA D 13 44.59 10.77 -6.70
C ALA D 13 44.23 9.79 -7.81
N VAL D 14 45.26 9.27 -8.50
CA VAL D 14 45.04 8.40 -9.66
C VAL D 14 45.33 6.96 -9.26
N ALA D 15 44.46 6.04 -9.73
CA ALA D 15 44.64 4.60 -9.57
C ALA D 15 45.11 4.04 -10.91
N TYR D 16 46.40 3.71 -11.02
CA TYR D 16 46.90 3.13 -12.25
C TYR D 16 46.68 1.62 -12.28
N GLU D 17 46.78 0.97 -11.13
CA GLU D 17 46.75 -0.49 -11.01
C GLU D 17 46.00 -0.90 -9.76
N PRO D 18 45.29 -2.03 -9.80
CA PRO D 18 44.61 -2.51 -8.60
C PRO D 18 45.57 -2.86 -7.48
N ASN D 19 45.09 -2.69 -6.25
CA ASN D 19 45.82 -3.02 -5.02
C ASN D 19 47.17 -2.34 -4.93
N LYS D 20 47.37 -1.21 -5.62
CA LYS D 20 48.58 -0.43 -5.52
C LYS D 20 48.25 0.95 -4.97
N PRO D 21 49.11 1.51 -4.09
CA PRO D 21 48.79 2.83 -3.51
C PRO D 21 48.43 3.85 -4.59
N LEU D 22 47.43 4.69 -4.28
CA LEU D 22 47.13 5.78 -5.19
C LEU D 22 48.32 6.74 -5.26
N VAL D 23 48.46 7.40 -6.39
CA VAL D 23 49.50 8.40 -6.59
C VAL D 23 48.84 9.73 -6.89
N ILE D 24 49.20 10.75 -6.12
CA ILE D 24 48.73 12.10 -6.39
C ILE D 24 49.47 12.63 -7.60
N GLU D 25 48.73 13.28 -8.49
CA GLU D 25 49.28 13.70 -9.77
C GLU D 25 48.71 15.07 -10.08
N ASP D 26 49.46 15.85 -10.82
CA ASP D 26 48.93 17.02 -11.49
C ASP D 26 48.10 16.51 -12.66
N VAL D 27 46.81 16.81 -12.69
CA VAL D 27 45.94 16.34 -13.74
C VAL D 27 45.39 17.55 -14.48
N GLN D 28 45.10 17.36 -15.75
CA GLN D 28 44.42 18.39 -16.54
C GLN D 28 42.95 18.03 -16.57
N VAL D 29 42.09 18.98 -16.20
CA VAL D 29 40.64 18.80 -16.20
C VAL D 29 40.07 19.72 -17.26
N ALA D 30 39.56 19.16 -18.35
CA ALA D 30 39.00 19.96 -19.43
C ALA D 30 37.69 20.59 -19.02
N PRO D 31 37.29 21.69 -19.69
CA PRO D 31 36.07 22.39 -19.30
C PRO D 31 34.84 21.61 -19.69
N PRO D 32 33.68 21.94 -19.12
CA PRO D 32 32.47 21.16 -19.40
C PRO D 32 31.92 21.43 -20.78
N GLN D 33 31.51 20.36 -21.46
CA GLN D 33 30.78 20.41 -22.72
C GLN D 33 29.27 20.48 -22.44
N ALA D 34 28.45 20.41 -23.48
CA ALA D 34 27.00 20.52 -23.32
C ALA D 34 26.46 19.54 -22.29
N GLY D 35 25.58 20.05 -21.42
CA GLY D 35 24.98 19.25 -20.38
C GLY D 35 25.90 18.85 -19.24
N GLU D 36 27.08 19.46 -19.11
CA GLU D 36 28.05 19.04 -18.10
C GLU D 36 28.33 20.19 -17.14
N VAL D 37 28.87 19.86 -15.96
CA VAL D 37 29.13 20.81 -14.89
C VAL D 37 30.51 20.52 -14.33
N ARG D 38 31.39 21.54 -14.26
CA ARG D 38 32.70 21.39 -13.65
C ARG D 38 32.64 21.90 -12.21
N ILE D 39 33.08 21.07 -11.27
CA ILE D 39 32.87 21.29 -9.84
C ILE D 39 34.22 21.39 -9.15
N LYS D 40 34.39 22.43 -8.33
CA LYS D 40 35.55 22.47 -7.43
C LYS D 40 35.20 21.65 -6.19
N ILE D 41 35.82 20.49 -6.05
CA ILE D 41 35.51 19.56 -4.95
C ILE D 41 36.25 20.02 -3.71
N LEU D 42 35.52 20.33 -2.64
CA LEU D 42 36.24 20.79 -1.45
C LEU D 42 36.49 19.69 -0.44
N TYR D 43 35.56 18.75 -0.28
CA TYR D 43 35.66 17.66 0.66
C TYR D 43 35.11 16.41 -0.01
N THR D 44 35.77 15.28 0.23
CA THR D 44 35.35 14.01 -0.35
C THR D 44 35.63 12.95 0.70
N ALA D 45 34.83 11.87 0.70
CA ALA D 45 35.01 10.79 1.67
C ALA D 45 35.24 9.48 0.94
N LEU D 46 35.96 8.57 1.59
CA LEU D 46 36.24 7.25 1.05
C LEU D 46 35.11 6.28 1.38
N CYS D 47 34.63 5.54 0.37
CA CYS D 47 33.55 4.59 0.51
C CYS D 47 34.06 3.21 0.13
N HIS D 48 33.47 2.17 0.72
CA HIS D 48 33.90 0.81 0.44
C HIS D 48 33.77 0.47 -1.04
N THR D 49 32.83 1.10 -1.75
CA THR D 49 32.73 0.82 -3.18
C THR D 49 33.98 1.31 -3.94
N ASP D 50 34.55 2.45 -3.52
CA ASP D 50 35.81 2.89 -4.11
C ASP D 50 36.89 1.82 -3.92
N ALA D 51 37.04 1.33 -2.68
CA ALA D 51 38.07 0.36 -2.38
C ALA D 51 37.76 -0.98 -3.02
N TYR D 52 36.48 -1.30 -3.26
CA TYR D 52 36.16 -2.53 -3.96
C TYR D 52 36.68 -2.49 -5.40
N THR D 53 36.47 -1.37 -6.10
CA THR D 53 37.00 -1.26 -7.45
C THR D 53 38.52 -1.16 -7.41
N TRP D 54 39.05 -0.44 -6.42
CA TRP D 54 40.50 -0.28 -6.30
C TRP D 54 41.20 -1.62 -6.11
N SER D 55 40.56 -2.54 -5.41
CA SER D 55 41.20 -3.81 -5.07
C SER D 55 41.03 -4.87 -6.16
N GLY D 56 40.75 -4.47 -7.40
CA GLY D 56 40.65 -5.39 -8.51
C GLY D 56 39.50 -6.38 -8.47
N LYS D 57 38.69 -6.37 -7.43
CA LYS D 57 37.60 -7.35 -7.28
C LYS D 57 36.41 -7.08 -8.20
N ASP D 58 36.40 -5.96 -8.91
CA ASP D 58 35.33 -5.60 -9.85
C ASP D 58 35.79 -5.85 -11.28
N PRO D 59 35.13 -6.73 -12.05
CA PRO D 59 35.61 -6.99 -13.41
C PRO D 59 35.33 -5.85 -14.37
N GLU D 60 34.26 -5.08 -14.14
CA GLU D 60 34.01 -3.87 -14.92
C GLU D 60 34.91 -2.71 -14.51
N GLY D 61 35.88 -2.95 -13.63
CA GLY D 61 36.82 -1.90 -13.28
C GLY D 61 37.68 -1.52 -14.47
N LEU D 62 37.96 -0.22 -14.58
CA LEU D 62 38.70 0.34 -15.70
C LEU D 62 39.83 1.20 -15.15
N PHE D 63 41.06 0.93 -15.61
CA PHE D 63 42.26 1.62 -15.15
C PHE D 63 43.01 2.24 -16.33
N PRO D 64 43.70 3.38 -16.12
CA PRO D 64 43.80 4.17 -14.89
C PRO D 64 42.50 4.94 -14.62
N CYS D 65 42.22 5.28 -13.36
CA CYS D 65 40.98 5.99 -13.09
C CYS D 65 41.15 6.85 -11.86
N ILE D 66 40.26 7.83 -11.73
CA ILE D 66 40.15 8.64 -10.53
C ILE D 66 38.88 8.16 -9.82
N LEU D 67 39.06 7.55 -8.65
CA LEU D 67 37.95 7.03 -7.87
C LEU D 67 37.24 8.16 -7.13
N GLY D 68 36.30 7.77 -6.26
CA GLY D 68 35.63 8.73 -5.39
C GLY D 68 34.24 9.09 -5.87
N HIS D 69 33.28 9.02 -4.96
CA HIS D 69 31.93 9.43 -5.36
C HIS D 69 31.09 10.02 -4.22
N GLU D 70 31.67 10.32 -3.05
CA GLU D 70 30.99 10.99 -1.95
C GLU D 70 31.72 12.31 -1.74
N ALA D 71 31.10 13.42 -2.12
CA ALA D 71 31.82 14.69 -2.11
C ALA D 71 30.84 15.85 -2.08
N ALA D 72 31.39 17.04 -1.81
CA ALA D 72 30.61 18.28 -1.79
C ALA D 72 31.51 19.41 -2.27
N GLY D 73 30.94 20.35 -3.01
CA GLY D 73 31.79 21.42 -3.54
C GLY D 73 30.96 22.54 -4.13
N ILE D 74 31.62 23.29 -5.02
CA ILE D 74 31.08 24.55 -5.53
C ILE D 74 31.21 24.52 -7.05
N VAL D 75 30.16 24.92 -7.75
CA VAL D 75 30.23 24.90 -9.21
C VAL D 75 31.23 25.95 -9.70
N GLU D 76 32.20 25.51 -10.49
CA GLU D 76 33.12 26.48 -11.08
C GLU D 76 32.62 26.96 -12.45
N SER D 77 32.01 26.06 -13.25
CA SER D 77 31.41 26.50 -14.51
C SER D 77 30.49 25.40 -15.06
N VAL D 78 29.59 25.81 -15.96
CA VAL D 78 28.68 24.86 -16.57
C VAL D 78 28.78 24.92 -18.09
N GLY D 79 28.39 23.83 -18.73
CA GLY D 79 28.41 23.73 -20.17
C GLY D 79 27.13 24.28 -20.80
N GLU D 80 27.08 24.21 -22.13
CA GLU D 80 25.93 24.77 -22.85
C GLU D 80 24.65 24.02 -22.51
N GLY D 81 23.56 24.78 -22.33
CA GLY D 81 22.26 24.24 -22.02
C GLY D 81 21.96 24.04 -20.54
N VAL D 82 22.95 24.17 -19.67
CA VAL D 82 22.73 23.94 -18.23
C VAL D 82 22.09 25.17 -17.61
N THR D 83 20.94 24.97 -16.94
CA THR D 83 20.24 26.07 -16.28
C THR D 83 19.96 25.84 -14.81
N GLU D 84 19.89 24.60 -14.33
CA GLU D 84 19.52 24.27 -12.96
C GLU D 84 20.60 24.66 -11.95
N VAL D 85 21.87 24.65 -12.36
CA VAL D 85 22.92 25.16 -11.49
C VAL D 85 23.76 26.16 -12.28
N GLN D 86 24.51 26.96 -11.54
CA GLN D 86 25.43 27.97 -12.10
C GLN D 86 26.63 28.11 -11.18
N ALA D 87 27.68 28.74 -11.70
CA ALA D 87 28.90 28.99 -10.95
C ALA D 87 28.59 29.58 -9.59
N GLY D 88 29.22 29.05 -8.56
CA GLY D 88 29.03 29.50 -7.21
C GLY D 88 28.02 28.69 -6.43
N ASP D 89 27.18 27.90 -7.09
CA ASP D 89 26.23 27.07 -6.35
C ASP D 89 26.97 26.00 -5.55
N HIS D 90 26.49 25.75 -4.33
CA HIS D 90 26.99 24.64 -3.53
C HIS D 90 26.27 23.37 -3.97
N VAL D 91 27.03 22.30 -4.24
CA VAL D 91 26.43 21.11 -4.85
C VAL D 91 27.01 19.82 -4.29
N ILE D 92 26.25 18.75 -4.47
CA ILE D 92 26.66 17.37 -4.18
C ILE D 92 26.49 16.58 -5.47
N PRO D 93 27.56 16.05 -6.05
CA PRO D 93 27.42 15.20 -7.24
C PRO D 93 26.98 13.80 -6.83
N CYS D 94 26.24 13.13 -7.70
N CYS D 94 26.11 13.17 -7.63
CA CYS D 94 25.61 11.88 -7.32
CA CYS D 94 25.62 11.83 -7.29
C CYS D 94 25.80 10.81 -8.40
C CYS D 94 25.94 10.84 -8.39
N TYR D 95 26.19 9.61 -7.99
CA TYR D 95 26.38 8.55 -8.98
C TYR D 95 25.06 8.10 -9.57
N GLN D 96 23.93 8.46 -8.97
CA GLN D 96 22.61 8.17 -9.51
C GLN D 96 22.08 9.46 -10.10
N ALA D 97 21.80 9.45 -11.39
CA ALA D 97 21.28 10.63 -12.06
C ALA D 97 19.78 10.77 -11.77
N GLU D 98 19.23 11.96 -12.05
CA GLU D 98 17.79 12.17 -12.01
C GLU D 98 17.43 13.12 -13.16
N CYS D 99 17.19 12.56 -14.33
CA CYS D 99 16.98 13.41 -15.51
C CYS D 99 15.55 13.94 -15.60
N ARG D 100 14.59 13.26 -14.97
CA ARG D 100 13.18 13.61 -14.88
C ARG D 100 12.41 13.36 -16.18
N GLU D 101 13.09 12.94 -17.24
CA GLU D 101 12.48 12.85 -18.56
C GLU D 101 12.51 11.44 -19.16
N CYS D 102 13.21 10.47 -18.57
CA CYS D 102 13.29 9.15 -19.19
C CYS D 102 12.15 8.22 -18.74
N LYS D 103 12.10 7.02 -19.35
CA LYS D 103 11.05 6.06 -19.01
C LYS D 103 11.04 5.74 -17.52
N PHE D 104 12.22 5.59 -16.92
CA PHE D 104 12.27 5.25 -15.49
C PHE D 104 11.87 6.44 -14.63
N CYS D 105 12.40 7.64 -14.93
CA CYS D 105 12.07 8.81 -14.12
C CYS D 105 10.58 9.11 -14.16
N LYS D 106 9.95 8.99 -15.34
CA LYS D 106 8.54 9.30 -15.50
C LYS D 106 7.61 8.19 -15.00
N SER D 107 8.14 6.99 -14.72
CA SER D 107 7.28 5.88 -14.33
C SER D 107 6.63 6.12 -12.96
N GLY D 108 7.32 6.82 -12.07
CA GLY D 108 6.90 6.89 -10.68
C GLY D 108 7.08 5.60 -9.92
N LYS D 109 7.87 4.65 -10.45
CA LYS D 109 7.98 3.33 -9.85
C LYS D 109 9.37 3.07 -9.30
N THR D 110 10.32 3.98 -9.51
CA THR D 110 11.71 3.68 -9.27
C THR D 110 12.47 4.99 -9.22
N ASN D 111 13.59 4.99 -8.48
CA ASN D 111 14.53 6.10 -8.54
C ASN D 111 15.64 5.89 -9.56
N LEU D 112 15.68 4.75 -10.28
CA LEU D 112 16.70 4.64 -11.32
C LEU D 112 16.39 5.55 -12.50
N CYS D 113 17.45 6.08 -13.10
CA CYS D 113 17.35 6.94 -14.27
C CYS D 113 18.22 6.32 -15.35
N GLY D 114 17.80 6.42 -16.60
CA GLY D 114 18.56 5.76 -17.65
C GLY D 114 19.41 6.67 -18.52
N LYS D 115 19.51 7.96 -18.17
CA LYS D 115 20.01 8.98 -19.11
C LYS D 115 21.48 8.77 -19.44
N VAL D 116 22.33 8.64 -18.42
CA VAL D 116 23.78 8.71 -18.61
C VAL D 116 24.48 7.41 -18.26
N ARG D 117 23.74 6.41 -17.75
CA ARG D 117 24.34 5.17 -17.26
C ARG D 117 25.24 4.52 -18.31
N SER D 118 24.86 4.59 -19.59
CA SER D 118 25.63 3.91 -20.63
CA SER D 118 25.64 3.90 -20.62
C SER D 118 27.06 4.45 -20.70
N ALA D 119 27.24 5.73 -20.41
CA ALA D 119 28.55 6.37 -20.41
C ALA D 119 29.23 6.25 -19.05
N THR D 120 28.53 6.62 -17.97
CA THR D 120 29.21 6.65 -16.67
C THR D 120 29.66 5.27 -16.25
N GLY D 121 28.95 4.23 -16.70
CA GLY D 121 29.36 2.86 -16.41
C GLY D 121 30.66 2.44 -17.06
N VAL D 122 31.07 3.09 -18.15
CA VAL D 122 32.34 2.77 -18.80
C VAL D 122 33.31 3.97 -18.74
N GLY D 123 33.11 4.85 -17.76
CA GLY D 123 34.11 5.85 -17.42
C GLY D 123 34.28 7.01 -18.38
N ILE D 124 33.24 7.35 -19.14
CA ILE D 124 33.33 8.46 -20.11
C ILE D 124 32.09 9.34 -19.99
N MET D 125 32.02 10.34 -20.86
CA MET D 125 30.96 11.32 -20.81
C MET D 125 30.04 11.08 -22.00
N MET D 126 28.74 11.35 -21.82
CA MET D 126 27.73 11.15 -22.88
C MET D 126 27.99 12.01 -24.13
N ASN D 127 28.46 13.24 -23.97
CA ASN D 127 28.39 14.19 -25.09
C ASN D 127 29.35 13.81 -26.21
N ASP D 128 30.52 13.30 -25.87
CA ASP D 128 31.53 12.89 -26.84
C ASP D 128 32.09 11.48 -26.66
N ARG D 129 31.63 10.71 -25.66
CA ARG D 129 32.15 9.37 -25.39
C ARG D 129 33.64 9.38 -25.06
N LYS D 130 34.12 10.47 -24.47
CA LYS D 130 35.53 10.63 -24.09
C LYS D 130 35.62 11.04 -22.62
N SER D 131 36.85 11.16 -22.13
CA SER D 131 37.09 11.58 -20.75
C SER D 131 37.53 13.05 -20.67
N ARG D 132 37.19 13.70 -19.54
CA ARG D 132 37.62 15.07 -19.27
C ARG D 132 38.96 15.13 -18.53
N PHE D 133 39.52 13.98 -18.16
CA PHE D 133 40.71 13.89 -17.35
C PHE D 133 41.90 13.38 -18.20
N SER D 134 43.07 14.00 -18.01
CA SER D 134 44.32 13.46 -18.55
C SER D 134 45.47 13.78 -17.61
N VAL D 135 46.47 12.90 -17.59
CA VAL D 135 47.69 13.06 -16.82
C VAL D 135 48.88 12.85 -17.75
N ASN D 136 49.76 13.86 -17.85
CA ASN D 136 50.91 13.79 -18.75
C ASN D 136 50.50 13.35 -20.15
N GLY D 137 49.34 13.82 -20.61
CA GLY D 137 48.89 13.51 -21.94
C GLY D 137 48.16 12.20 -22.10
N LYS D 138 48.02 11.40 -21.02
CA LYS D 138 47.31 10.12 -21.15
C LYS D 138 45.91 10.26 -20.57
N PRO D 139 44.86 9.85 -21.29
CA PRO D 139 43.50 9.94 -20.74
C PRO D 139 43.31 9.03 -19.55
N ILE D 140 42.40 9.43 -18.65
CA ILE D 140 42.10 8.72 -17.42
C ILE D 140 40.59 8.48 -17.37
N TYR D 141 40.18 7.28 -16.93
CA TYR D 141 38.74 6.98 -16.86
C TYR D 141 38.09 7.73 -15.70
N HIS D 142 36.84 8.16 -15.92
CA HIS D 142 35.97 8.61 -14.83
C HIS D 142 35.45 7.39 -14.05
N PHE D 143 34.93 7.65 -12.86
CA PHE D 143 34.42 6.61 -11.97
C PHE D 143 33.04 7.00 -11.44
N MET D 144 32.07 6.10 -11.60
CA MET D 144 30.67 6.27 -11.19
C MET D 144 30.08 7.63 -11.53
N GLY D 145 30.49 8.19 -12.65
CA GLY D 145 29.92 9.44 -13.05
C GLY D 145 30.40 10.63 -12.26
N THR D 146 31.31 10.42 -11.29
CA THR D 146 31.65 11.48 -10.35
C THR D 146 33.14 11.78 -10.20
N SER D 147 34.00 10.79 -9.96
CA SER D 147 35.46 10.97 -9.84
C SER D 147 35.85 12.10 -8.87
N THR D 148 35.61 11.89 -7.58
CA THR D 148 35.74 12.98 -6.62
C THR D 148 37.06 13.05 -5.87
N PHE D 149 37.99 12.11 -6.08
CA PHE D 149 39.31 12.18 -5.44
C PHE D 149 40.22 13.12 -6.25
N SER D 150 39.76 14.37 -6.36
CA SER D 150 40.34 15.39 -7.23
C SER D 150 39.90 16.75 -6.71
N GLN D 151 40.73 17.78 -6.94
CA GLN D 151 40.30 19.13 -6.60
C GLN D 151 39.20 19.65 -7.52
N TYR D 152 39.10 19.14 -8.75
CA TYR D 152 38.03 19.49 -9.67
C TYR D 152 37.57 18.24 -10.41
N THR D 153 36.27 18.20 -10.72
CA THR D 153 35.74 17.11 -11.54
C THR D 153 34.70 17.67 -12.50
N VAL D 154 34.30 16.85 -13.46
CA VAL D 154 33.29 17.21 -14.44
C VAL D 154 32.24 16.11 -14.41
N VAL D 155 30.98 16.49 -14.24
CA VAL D 155 29.91 15.50 -14.12
C VAL D 155 28.74 15.95 -14.97
N HIS D 156 27.82 15.03 -15.22
CA HIS D 156 26.63 15.37 -15.99
C HIS D 156 25.68 16.20 -15.14
N ASP D 157 25.05 17.20 -15.76
CA ASP D 157 24.19 18.10 -14.97
C ASP D 157 23.01 17.35 -14.31
N VAL D 158 22.56 16.23 -14.88
CA VAL D 158 21.43 15.51 -14.28
C VAL D 158 21.87 14.76 -13.03
N SER D 159 23.16 14.85 -12.70
CA SER D 159 23.73 14.21 -11.53
C SER D 159 24.07 15.22 -10.41
N VAL D 160 23.68 16.47 -10.56
CA VAL D 160 24.17 17.53 -9.67
C VAL D 160 23.01 17.97 -8.78
N ALA D 161 23.11 17.72 -7.46
CA ALA D 161 22.14 18.21 -6.49
C ALA D 161 22.61 19.57 -5.94
N LYS D 162 21.75 20.58 -6.06
CA LYS D 162 22.02 21.92 -5.53
C LYS D 162 21.51 22.04 -4.10
N ILE D 163 22.37 22.44 -3.18
CA ILE D 163 22.04 22.38 -1.76
C ILE D 163 22.14 23.77 -1.11
N ASP D 164 21.57 23.85 0.09
CA ASP D 164 21.62 24.99 1.00
C ASP D 164 23.07 25.47 1.15
N PRO D 165 23.38 26.69 0.70
CA PRO D 165 24.77 27.19 0.75
C PRO D 165 25.31 27.41 2.16
N THR D 166 24.51 27.25 3.21
CA THR D 166 25.04 27.36 4.56
C THR D 166 25.38 26.03 5.21
N ALA D 167 25.03 24.90 4.58
CA ALA D 167 25.45 23.62 5.11
C ALA D 167 26.97 23.48 5.05
N PRO D 168 27.59 22.95 6.10
CA PRO D 168 29.05 22.72 6.07
C PRO D 168 29.43 21.65 5.07
N LEU D 169 30.26 22.03 4.09
CA LEU D 169 30.62 21.12 2.99
C LEU D 169 31.43 19.92 3.48
N ASP D 170 32.15 20.06 4.60
CA ASP D 170 32.92 18.95 5.15
C ASP D 170 32.06 17.91 5.85
N LYS D 171 30.76 18.15 5.99
CA LYS D 171 29.83 17.23 6.63
C LYS D 171 28.90 16.59 5.61
N VAL D 172 28.29 17.38 4.75
CA VAL D 172 27.26 16.86 3.86
C VAL D 172 27.82 16.12 2.66
N CYS D 173 29.15 16.04 2.47
CA CYS D 173 29.66 15.13 1.46
C CYS D 173 29.21 13.69 1.71
N LEU D 174 28.91 13.33 2.95
CA LEU D 174 28.41 11.98 3.26
C LEU D 174 27.02 11.71 2.67
N LEU D 175 26.26 12.75 2.35
CA LEU D 175 24.92 12.58 1.79
C LEU D 175 24.96 12.23 0.30
N GLY D 176 26.14 12.15 -0.30
CA GLY D 176 26.26 11.62 -1.64
C GLY D 176 26.19 10.11 -1.79
N CYS D 177 26.25 9.32 -0.72
CA CYS D 177 26.16 7.87 -0.84
C CYS D 177 25.72 7.13 0.41
N GLY D 178 26.64 6.83 1.31
CA GLY D 178 26.40 5.80 2.31
C GLY D 178 25.22 6.08 3.23
N VAL D 179 25.21 7.26 3.85
CA VAL D 179 24.15 7.58 4.82
C VAL D 179 22.76 7.52 4.15
N PRO D 180 22.51 8.19 3.02
CA PRO D 180 21.15 8.07 2.43
C PRO D 180 20.84 6.67 1.92
N THR D 181 21.84 5.90 1.51
CA THR D 181 21.57 4.53 1.10
C THR D 181 20.94 3.76 2.26
N GLY D 182 21.53 3.88 3.46
CA GLY D 182 21.03 3.14 4.60
C GLY D 182 19.69 3.68 5.10
N LEU D 183 19.59 5.00 5.24
CA LEU D 183 18.32 5.60 5.67
C LEU D 183 17.19 5.23 4.71
N GLY D 184 17.47 5.31 3.40
CA GLY D 184 16.42 5.07 2.42
C GLY D 184 16.03 3.62 2.30
N ALA D 185 16.98 2.69 2.45
CA ALA D 185 16.60 1.28 2.49
C ALA D 185 15.44 1.04 3.46
N VAL D 186 15.43 1.75 4.59
CA VAL D 186 14.40 1.61 5.62
C VAL D 186 13.14 2.35 5.23
N TRP D 187 13.28 3.65 4.90
CA TRP D 187 12.11 4.50 4.75
C TRP D 187 11.44 4.32 3.39
N ASN D 188 12.23 4.01 2.34
CA ASN D 188 11.70 3.95 0.98
C ASN D 188 11.51 2.54 0.49
N THR D 189 12.51 1.68 0.68
CA THR D 189 12.44 0.36 0.08
C THR D 189 11.65 -0.62 0.94
N ALA D 190 12.04 -0.76 2.20
CA ALA D 190 11.32 -1.61 3.13
C ALA D 190 10.02 -0.94 3.59
N LYS D 191 10.07 0.36 3.88
CA LYS D 191 8.97 1.10 4.52
C LYS D 191 8.63 0.50 5.88
N VAL D 192 9.63 0.47 6.76
CA VAL D 192 9.52 -0.15 8.07
C VAL D 192 8.50 0.59 8.92
N GLU D 193 7.53 -0.18 9.55
CA GLU D 193 6.52 0.40 10.42
C GLU D 193 6.99 0.47 11.87
N PRO D 194 6.43 1.43 12.64
CA PRO D 194 6.67 1.46 14.08
C PRO D 194 6.35 0.13 14.73
N GLY D 195 7.21 -0.27 15.67
CA GLY D 195 7.04 -1.55 16.35
C GLY D 195 7.66 -2.75 15.64
N SER D 196 8.23 -2.55 14.46
CA SER D 196 8.87 -3.63 13.71
C SER D 196 10.12 -4.17 14.42
N ASN D 197 10.42 -5.45 14.19
CA ASN D 197 11.73 -6.02 14.55
C ASN D 197 12.59 -6.11 13.31
N VAL D 198 13.85 -5.68 13.42
CA VAL D 198 14.77 -5.47 12.31
C VAL D 198 16.10 -6.17 12.63
N ALA D 199 16.73 -6.77 11.60
CA ALA D 199 18.07 -7.35 11.70
C ALA D 199 18.96 -6.69 10.66
N ILE D 200 20.15 -6.27 11.07
CA ILE D 200 21.12 -5.57 10.22
C ILE D 200 22.39 -6.39 10.21
N PHE D 201 22.76 -6.93 9.04
CA PHE D 201 23.95 -7.73 8.87
C PHE D 201 25.08 -6.82 8.40
N GLY D 202 26.05 -6.58 9.28
CA GLY D 202 27.19 -5.76 8.92
C GLY D 202 27.11 -4.33 9.45
N LEU D 203 28.01 -3.96 10.35
CA LEU D 203 27.81 -2.71 11.07
C LEU D 203 28.88 -1.68 10.74
N GLY D 204 29.11 -1.47 9.44
CA GLY D 204 29.84 -0.32 8.96
C GLY D 204 28.91 0.84 8.71
N THR D 205 29.44 1.89 8.06
CA THR D 205 28.64 3.11 7.87
C THR D 205 27.22 2.84 7.35
N VAL D 206 27.07 1.98 6.34
CA VAL D 206 25.74 1.76 5.77
C VAL D 206 24.84 1.08 6.79
N GLY D 207 25.35 0.02 7.44
CA GLY D 207 24.56 -0.66 8.46
C GLY D 207 24.13 0.26 9.61
N LEU D 208 25.01 1.17 10.01
CA LEU D 208 24.66 2.09 11.09
C LEU D 208 23.64 3.12 10.64
N ALA D 209 23.67 3.50 9.35
CA ALA D 209 22.63 4.37 8.81
C ALA D 209 21.28 3.64 8.70
N VAL D 210 21.29 2.34 8.37
CA VAL D 210 20.08 1.52 8.46
C VAL D 210 19.54 1.52 9.88
N ALA D 211 20.42 1.31 10.87
CA ALA D 211 20.01 1.38 12.26
C ALA D 211 19.40 2.74 12.61
N GLU D 212 20.03 3.84 12.16
CA GLU D 212 19.43 5.16 12.41
C GLU D 212 18.07 5.29 11.75
N GLY D 213 17.96 4.83 10.49
CA GLY D 213 16.69 4.90 9.80
C GLY D 213 15.60 4.11 10.53
N ALA D 214 15.96 2.92 11.02
CA ALA D 214 14.98 2.09 11.73
C ALA D 214 14.58 2.72 13.07
N LYS D 215 15.55 3.28 13.80
CA LYS D 215 15.21 3.98 15.03
C LYS D 215 14.26 5.13 14.74
N THR D 216 14.51 5.89 13.66
CA THR D 216 13.69 7.05 13.38
C THR D 216 12.26 6.65 13.01
N ALA D 217 12.12 5.51 12.30
CA ALA D 217 10.82 4.99 11.86
C ALA D 217 10.03 4.36 13.00
N GLY D 218 10.64 4.14 14.15
CA GLY D 218 9.96 3.57 15.30
C GLY D 218 10.11 2.07 15.49
N ALA D 219 11.13 1.45 14.88
CA ALA D 219 11.35 0.01 15.10
C ALA D 219 11.62 -0.29 16.57
N SER D 220 11.18 -1.48 17.02
CA SER D 220 11.38 -1.91 18.40
C SER D 220 12.75 -2.57 18.60
N ARG D 221 12.89 -3.82 18.13
CA ARG D 221 14.16 -4.52 18.23
C ARG D 221 15.00 -4.24 17.00
N ILE D 222 16.21 -3.73 17.21
CA ILE D 222 17.11 -3.45 16.09
C ILE D 222 18.36 -4.26 16.37
N ILE D 223 18.46 -5.43 15.72
CA ILE D 223 19.45 -6.42 16.03
C ILE D 223 20.58 -6.27 15.01
N GLY D 224 21.80 -6.01 15.48
CA GLY D 224 22.95 -5.92 14.61
C GLY D 224 23.74 -7.21 14.67
N ILE D 225 24.20 -7.66 13.48
CA ILE D 225 24.94 -8.91 13.34
C ILE D 225 26.28 -8.61 12.69
N ASP D 226 27.36 -9.00 13.35
CA ASP D 226 28.69 -8.80 12.81
C ASP D 226 29.66 -9.73 13.53
N ILE D 227 30.69 -10.16 12.80
CA ILE D 227 31.67 -11.07 13.38
C ILE D 227 32.70 -10.34 14.24
N ASP D 228 32.76 -9.01 14.16
CA ASP D 228 33.69 -8.21 14.96
C ASP D 228 32.90 -7.61 16.14
N SER D 229 33.02 -8.25 17.31
CA SER D 229 32.26 -7.81 18.47
C SER D 229 32.61 -6.39 18.89
N LYS D 230 33.82 -5.92 18.57
CA LYS D 230 34.19 -4.56 18.94
C LYS D 230 33.40 -3.52 18.17
N LYS D 231 32.67 -3.91 17.12
CA LYS D 231 31.81 -2.96 16.44
C LYS D 231 30.58 -2.64 17.28
N TYR D 232 30.33 -3.38 18.35
CA TYR D 232 29.07 -3.23 19.05
C TYR D 232 28.98 -1.91 19.80
N GLU D 233 30.07 -1.43 20.41
CA GLU D 233 29.97 -0.16 21.13
C GLU D 233 29.57 0.96 20.18
N THR D 234 30.19 1.02 19.01
CA THR D 234 29.83 2.05 18.05
C THR D 234 28.39 1.89 17.62
N ALA D 235 27.95 0.66 17.39
CA ALA D 235 26.62 0.44 16.87
C ALA D 235 25.55 0.94 17.83
N LYS D 236 25.79 0.86 19.14
CA LYS D 236 24.80 1.31 20.11
CA LYS D 236 24.82 1.31 20.13
C LYS D 236 24.46 2.78 19.95
N LYS D 237 25.44 3.62 19.58
CA LYS D 237 25.19 5.05 19.40
C LYS D 237 24.25 5.33 18.24
N PHE D 238 24.11 4.39 17.30
CA PHE D 238 23.32 4.62 16.09
C PHE D 238 21.99 3.88 16.13
N GLY D 239 21.61 3.30 17.27
CA GLY D 239 20.29 2.73 17.41
C GLY D 239 20.22 1.20 17.47
N VAL D 240 21.33 0.48 17.26
CA VAL D 240 21.31 -0.95 17.48
C VAL D 240 21.09 -1.20 18.96
N ASN D 241 20.15 -2.09 19.30
CA ASN D 241 19.88 -2.37 20.70
C ASN D 241 19.99 -3.83 21.10
N GLU D 242 20.42 -4.72 20.19
CA GLU D 242 20.74 -6.11 20.46
C GLU D 242 21.83 -6.50 19.48
N PHE D 243 22.73 -7.37 19.91
CA PHE D 243 23.88 -7.76 19.09
C PHE D 243 24.03 -9.25 19.12
N VAL D 244 24.30 -9.84 17.96
CA VAL D 244 24.58 -11.27 17.84
C VAL D 244 25.85 -11.40 17.00
N ASN D 245 26.87 -12.03 17.57
CA ASN D 245 28.05 -12.41 16.82
C ASN D 245 27.90 -13.85 16.38
N PRO D 246 27.91 -14.15 15.07
CA PRO D 246 27.74 -15.54 14.64
C PRO D 246 28.76 -16.49 15.24
N LYS D 247 29.97 -16.01 15.56
CA LYS D 247 31.02 -16.89 16.09
C LYS D 247 30.66 -17.44 17.48
N ASP D 248 29.68 -16.85 18.15
CA ASP D 248 29.28 -17.26 19.48
C ASP D 248 28.34 -18.45 19.49
N HIS D 249 27.90 -18.95 18.33
CA HIS D 249 26.84 -19.93 18.28
C HIS D 249 27.23 -21.13 17.41
N ASP D 250 26.61 -22.27 17.73
CA ASP D 250 26.95 -23.53 17.08
C ASP D 250 26.05 -23.87 15.90
N LYS D 251 25.01 -23.09 15.68
CA LYS D 251 24.09 -23.22 14.54
C LYS D 251 24.26 -22.03 13.60
N PRO D 252 23.79 -22.12 12.36
CA PRO D 252 23.88 -20.96 11.46
C PRO D 252 23.18 -19.75 12.06
N ILE D 253 23.63 -18.56 11.65
CA ILE D 253 23.13 -17.32 12.23
C ILE D 253 21.62 -17.18 12.03
N GLN D 254 21.10 -17.65 10.89
CA GLN D 254 19.68 -17.44 10.62
C GLN D 254 18.83 -18.21 11.62
N GLU D 255 19.32 -19.37 12.07
CA GLU D 255 18.56 -20.12 13.06
C GLU D 255 18.61 -19.44 14.41
N VAL D 256 19.76 -18.88 14.77
CA VAL D 256 19.86 -18.14 16.03
C VAL D 256 18.88 -16.98 16.05
N ILE D 257 18.82 -16.22 14.95
CA ILE D 257 17.94 -15.06 14.90
C ILE D 257 16.48 -15.50 15.01
N VAL D 258 16.13 -16.61 14.37
CA VAL D 258 14.75 -17.14 14.44
C VAL D 258 14.40 -17.51 15.88
N ASP D 259 15.31 -18.20 16.57
CA ASP D 259 15.15 -18.49 18.00
C ASP D 259 15.00 -17.21 18.81
N LEU D 260 15.82 -16.21 18.52
CA LEU D 260 15.85 -15.01 19.35
C LEU D 260 14.55 -14.22 19.26
N THR D 261 13.85 -14.27 18.12
CA THR D 261 12.70 -13.41 17.89
C THR D 261 11.39 -14.19 17.70
N ASP D 262 11.35 -15.48 18.07
CA ASP D 262 10.13 -16.29 18.05
C ASP D 262 9.63 -16.45 16.60
N GLY D 263 10.57 -16.66 15.69
CA GLY D 263 10.16 -16.94 14.32
C GLY D 263 10.83 -16.09 13.27
N GLY D 264 11.56 -15.06 13.68
CA GLY D 264 12.29 -14.24 12.72
C GLY D 264 11.87 -12.78 12.79
N VAL D 265 12.61 -11.97 12.03
CA VAL D 265 12.45 -10.53 12.04
C VAL D 265 11.42 -10.14 11.00
N ASP D 266 10.89 -8.95 11.15
CA ASP D 266 9.99 -8.42 10.14
C ASP D 266 10.74 -7.90 8.93
N TYR D 267 11.95 -7.36 9.13
CA TYR D 267 12.78 -6.85 8.05
C TYR D 267 14.23 -7.17 8.35
N SER D 268 14.97 -7.54 7.32
CA SER D 268 16.40 -7.72 7.44
C SER D 268 17.08 -6.95 6.32
N PHE D 269 18.32 -6.49 6.60
CA PHE D 269 19.10 -5.65 5.71
C PHE D 269 20.52 -6.22 5.66
N GLU D 270 21.00 -6.48 4.46
CA GLU D 270 22.38 -6.97 4.28
C GLU D 270 23.21 -5.84 3.72
N CYS D 271 24.20 -5.39 4.52
CA CYS D 271 24.97 -4.18 4.20
C CYS D 271 26.47 -4.44 4.11
N ILE D 272 26.88 -5.58 3.56
CA ILE D 272 28.28 -5.93 3.37
C ILE D 272 28.61 -6.18 1.89
N GLY D 273 27.75 -6.91 1.22
CA GLY D 273 28.04 -7.38 -0.12
C GLY D 273 28.48 -8.82 -0.20
N ASN D 274 28.16 -9.62 0.80
CA ASN D 274 28.58 -11.01 0.88
C ASN D 274 27.37 -11.91 0.59
N VAL D 275 27.43 -12.69 -0.50
CA VAL D 275 26.23 -13.41 -0.94
C VAL D 275 25.84 -14.48 0.06
N SER D 276 26.79 -15.03 0.81
N SER D 276 26.80 -15.03 0.81
CA SER D 276 26.45 -16.00 1.83
CA SER D 276 26.45 -16.00 1.83
C SER D 276 25.63 -15.34 2.95
C SER D 276 25.63 -15.35 2.95
N VAL D 277 25.99 -14.12 3.30
CA VAL D 277 25.23 -13.40 4.32
C VAL D 277 23.86 -12.99 3.78
N MET D 278 23.78 -12.63 2.50
CA MET D 278 22.48 -12.29 1.91
C MET D 278 21.48 -13.42 2.06
N ARG D 279 21.91 -14.66 1.81
CA ARG D 279 21.03 -15.80 2.03
C ARG D 279 20.61 -15.91 3.49
N ALA D 280 21.57 -15.77 4.42
CA ALA D 280 21.23 -15.83 5.83
C ALA D 280 20.26 -14.71 6.21
N ALA D 281 20.43 -13.52 5.62
CA ALA D 281 19.50 -12.42 5.93
C ALA D 281 18.08 -12.73 5.45
N LEU D 282 17.94 -13.38 4.30
CA LEU D 282 16.58 -13.79 3.88
C LEU D 282 16.00 -14.82 4.84
N GLU D 283 16.78 -15.82 5.21
CA GLU D 283 16.25 -16.97 5.95
C GLU D 283 15.97 -16.67 7.41
N CYS D 284 16.44 -15.53 7.93
CA CYS D 284 16.09 -15.14 9.29
C CYS D 284 14.83 -14.30 9.36
N CYS D 285 14.23 -13.97 8.22
CA CYS D 285 12.95 -13.27 8.18
C CYS D 285 11.81 -14.20 8.57
N HIS D 286 10.78 -13.59 9.17
CA HIS D 286 9.62 -14.32 9.67
C HIS D 286 8.85 -14.96 8.53
N LYS D 287 8.51 -16.24 8.72
CA LYS D 287 7.58 -16.90 7.81
C LYS D 287 6.31 -16.07 7.65
N GLY D 288 5.78 -16.04 6.43
CA GLY D 288 4.52 -15.37 6.17
C GLY D 288 4.63 -13.93 5.69
N TRP D 289 5.62 -13.17 6.17
CA TRP D 289 5.63 -11.74 5.83
C TRP D 289 7.01 -11.08 5.89
N GLY D 290 8.06 -11.77 6.33
CA GLY D 290 9.34 -11.09 6.49
C GLY D 290 9.93 -10.66 5.17
N THR D 291 10.62 -9.52 5.16
CA THR D 291 11.19 -8.93 3.95
C THR D 291 12.66 -8.67 4.16
N SER D 292 13.49 -9.08 3.18
CA SER D 292 14.93 -8.88 3.26
C SER D 292 15.37 -7.94 2.14
N VAL D 293 16.19 -6.95 2.48
CA VAL D 293 16.63 -5.94 1.53
C VAL D 293 18.13 -6.06 1.39
N ILE D 294 18.59 -6.31 0.17
CA ILE D 294 20.00 -6.27 -0.17
C ILE D 294 20.41 -4.81 -0.36
N VAL D 295 21.31 -4.34 0.50
CA VAL D 295 21.80 -2.98 0.44
C VAL D 295 23.23 -2.94 -0.08
N GLY D 296 24.10 -3.82 0.44
CA GLY D 296 25.49 -3.87 0.01
C GLY D 296 25.70 -4.55 -1.35
N VAL D 297 26.77 -4.13 -2.01
CA VAL D 297 27.07 -4.50 -3.39
C VAL D 297 28.01 -5.70 -3.39
N ALA D 298 27.56 -6.82 -3.99
CA ALA D 298 28.35 -8.05 -3.97
C ALA D 298 29.44 -8.04 -5.04
N ALA D 299 30.51 -8.77 -4.77
CA ALA D 299 31.50 -9.02 -5.79
C ALA D 299 30.80 -9.68 -6.98
N SER D 300 30.92 -9.06 -8.14
CA SER D 300 30.10 -9.50 -9.25
C SER D 300 30.50 -10.91 -9.68
N GLY D 301 29.58 -11.57 -10.38
CA GLY D 301 29.72 -12.98 -10.67
C GLY D 301 29.34 -13.88 -9.52
N GLN D 302 29.31 -13.36 -8.29
CA GLN D 302 28.79 -14.15 -7.19
C GLN D 302 27.26 -14.15 -7.25
N GLU D 303 26.67 -15.30 -6.94
CA GLU D 303 25.22 -15.49 -7.00
C GLU D 303 24.68 -15.65 -5.59
N ILE D 304 23.43 -15.21 -5.39
CA ILE D 304 22.71 -15.51 -4.16
C ILE D 304 21.86 -16.73 -4.42
N SER D 305 21.61 -17.51 -3.37
CA SER D 305 20.85 -18.75 -3.50
C SER D 305 20.01 -18.94 -2.26
N THR D 306 18.88 -19.63 -2.43
CA THR D 306 18.06 -20.09 -1.32
C THR D 306 17.20 -21.23 -1.85
N ARG D 307 16.50 -21.88 -0.94
CA ARG D 307 15.46 -22.83 -1.37
C ARG D 307 14.16 -22.09 -1.62
N PRO D 308 13.47 -22.33 -2.75
CA PRO D 308 12.30 -21.51 -3.09
C PRO D 308 11.16 -21.57 -2.07
N PHE D 309 11.07 -22.61 -1.25
CA PHE D 309 10.04 -22.63 -0.21
C PHE D 309 10.14 -21.41 0.72
N GLN D 310 11.30 -20.77 0.82
CA GLN D 310 11.43 -19.56 1.63
C GLN D 310 10.48 -18.47 1.13
N LEU D 311 10.37 -18.35 -0.19
CA LEU D 311 9.50 -17.32 -0.77
C LEU D 311 8.06 -17.80 -0.82
N VAL D 312 7.87 -19.09 -1.10
CA VAL D 312 6.52 -19.64 -1.15
C VAL D 312 5.82 -19.49 0.20
N THR D 313 6.56 -19.67 1.30
CA THR D 313 5.99 -19.44 2.63
C THR D 313 6.10 -17.97 3.09
N GLY D 314 6.19 -17.03 2.17
CA GLY D 314 5.78 -15.66 2.46
C GLY D 314 6.90 -14.65 2.66
N ARG D 315 8.16 -15.03 2.49
CA ARG D 315 9.24 -14.05 2.58
C ARG D 315 9.43 -13.37 1.22
N VAL D 316 9.96 -12.15 1.28
CA VAL D 316 10.07 -11.32 0.10
C VAL D 316 11.52 -10.85 0.03
N TRP D 317 12.13 -10.95 -1.17
CA TRP D 317 13.51 -10.55 -1.40
C TRP D 317 13.53 -9.30 -2.28
N LYS D 318 14.17 -8.24 -1.81
CA LYS D 318 14.33 -7.07 -2.65
C LYS D 318 15.69 -6.42 -2.37
N GLY D 319 15.93 -5.32 -3.05
CA GLY D 319 17.20 -4.62 -2.93
C GLY D 319 16.96 -3.16 -3.13
N THR D 320 17.97 -2.38 -2.77
CA THR D 320 17.86 -0.93 -2.87
C THR D 320 19.10 -0.37 -3.56
N ALA D 321 18.88 0.73 -4.30
CA ALA D 321 19.91 1.51 -4.95
C ALA D 321 19.83 2.96 -4.45
N PHE D 322 20.88 3.42 -3.77
CA PHE D 322 20.89 4.77 -3.16
C PHE D 322 19.66 5.00 -2.28
N GLY D 323 19.27 3.96 -1.54
CA GLY D 323 18.12 4.00 -0.65
C GLY D 323 16.81 4.37 -1.31
N GLY D 324 16.67 4.16 -2.61
CA GLY D 324 15.43 4.57 -3.27
C GLY D 324 15.22 6.06 -3.40
N PHE D 325 16.22 6.90 -3.08
CA PHE D 325 16.07 8.35 -3.19
C PHE D 325 16.28 8.81 -4.63
N LYS D 326 15.50 9.80 -5.05
CA LYS D 326 15.78 10.54 -6.28
C LYS D 326 16.78 11.64 -5.94
N SER D 327 17.94 11.60 -6.59
CA SER D 327 19.10 12.33 -6.08
C SER D 327 18.92 13.85 -6.17
N ARG D 328 18.62 14.38 -7.37
CA ARG D 328 18.55 15.84 -7.50
C ARG D 328 17.40 16.44 -6.69
N THR D 329 16.29 15.73 -6.56
CA THR D 329 15.17 16.27 -5.80
C THR D 329 15.34 16.07 -4.31
N GLN D 330 15.88 14.92 -3.88
CA GLN D 330 15.83 14.57 -2.46
C GLN D 330 17.13 14.71 -1.67
N VAL D 331 18.29 14.71 -2.33
CA VAL D 331 19.52 15.07 -1.61
C VAL D 331 19.39 16.45 -0.98
N PRO D 332 18.85 17.48 -1.64
CA PRO D 332 18.69 18.77 -0.95
C PRO D 332 17.74 18.70 0.24
N TRP D 333 16.78 17.77 0.23
CA TRP D 333 15.88 17.64 1.38
C TRP D 333 16.61 16.99 2.56
N LEU D 334 17.47 16.00 2.27
CA LEU D 334 18.29 15.37 3.30
C LEU D 334 19.24 16.40 3.96
N VAL D 335 19.78 17.34 3.17
CA VAL D 335 20.61 18.41 3.72
C VAL D 335 19.80 19.26 4.70
N GLU D 336 18.57 19.63 4.30
CA GLU D 336 17.71 20.40 5.18
C GLU D 336 17.38 19.63 6.45
N LYS D 337 17.14 18.31 6.34
CA LYS D 337 16.93 17.51 7.55
C LYS D 337 18.15 17.57 8.46
N TYR D 338 19.33 17.45 7.87
CA TYR D 338 20.55 17.51 8.66
C TYR D 338 20.64 18.84 9.36
N MET D 339 20.33 19.91 8.65
CA MET D 339 20.51 21.27 9.15
C MET D 339 19.50 21.55 10.27
N ASN D 340 18.35 20.87 10.22
CA ASN D 340 17.31 20.92 11.24
CA ASN D 340 17.31 20.92 11.24
C ASN D 340 17.49 19.87 12.32
N LYS D 341 18.64 19.18 12.35
CA LYS D 341 18.97 18.22 13.40
C LYS D 341 18.01 17.03 13.43
N GLU D 342 17.48 16.64 12.27
CA GLU D 342 16.62 15.46 12.18
C GLU D 342 17.31 14.18 11.75
N ILE D 343 18.46 14.27 11.10
CA ILE D 343 19.29 13.11 10.76
C ILE D 343 20.74 13.38 11.18
N LYS D 344 21.38 12.34 11.72
CA LYS D 344 22.79 12.37 12.08
C LYS D 344 23.64 12.37 10.82
N VAL D 345 24.70 13.18 10.81
CA VAL D 345 25.71 13.11 9.76
C VAL D 345 27.11 13.19 10.39
N ASP D 346 27.29 14.22 11.23
CA ASP D 346 28.60 14.44 11.89
C ASP D 346 29.13 13.18 12.55
N GLU D 347 28.25 12.38 13.16
CA GLU D 347 28.70 11.29 14.02
C GLU D 347 29.38 10.16 13.25
N TYR D 348 29.13 10.04 11.95
CA TYR D 348 29.77 9.04 11.11
C TYR D 348 31.23 9.38 10.78
N ILE D 349 31.64 10.62 10.99
CA ILE D 349 32.97 11.06 10.55
C ILE D 349 33.94 10.81 11.69
N THR D 350 34.76 9.78 11.56
CA THR D 350 35.73 9.43 12.59
C THR D 350 37.13 10.00 12.32
N HIS D 351 37.46 10.36 11.08
CA HIS D 351 38.76 10.91 10.75
C HIS D 351 38.66 12.03 9.71
N ASN D 352 39.50 13.06 9.88
CA ASN D 352 39.65 14.12 8.90
C ASN D 352 41.12 14.14 8.45
N LEU D 353 41.36 13.95 7.17
CA LEU D 353 42.71 13.98 6.61
C LEU D 353 42.70 14.94 5.41
N THR D 354 43.75 14.86 4.59
CA THR D 354 43.80 15.67 3.38
C THR D 354 43.94 14.76 2.17
N LEU D 355 43.65 15.34 1.01
CA LEU D 355 43.79 14.60 -0.24
C LEU D 355 45.19 13.98 -0.35
N GLY D 356 46.22 14.75 0.02
CA GLY D 356 47.58 14.25 -0.04
C GLY D 356 47.81 13.01 0.80
N GLU D 357 47.00 12.81 1.84
CA GLU D 357 47.10 11.65 2.70
C GLU D 357 46.08 10.57 2.37
N ILE D 358 45.60 10.51 1.13
CA ILE D 358 44.52 9.59 0.80
C ILE D 358 44.90 8.14 1.13
N ASN D 359 46.16 7.76 0.95
CA ASN D 359 46.51 6.37 1.20
C ASN D 359 46.35 5.96 2.67
N LYS D 360 46.42 6.91 3.60
CA LYS D 360 46.09 6.57 4.98
C LYS D 360 44.63 6.12 5.12
N ALA D 361 43.72 6.72 4.36
CA ALA D 361 42.31 6.37 4.49
C ALA D 361 42.05 4.95 4.03
N PHE D 362 42.74 4.52 2.97
CA PHE D 362 42.63 3.13 2.54
C PHE D 362 43.17 2.17 3.59
N ASP D 363 44.23 2.58 4.30
CA ASP D 363 44.75 1.77 5.38
C ASP D 363 43.71 1.62 6.49
N LEU D 364 42.99 2.70 6.81
CA LEU D 364 41.98 2.70 7.85
C LEU D 364 40.75 1.85 7.50
N LEU D 365 40.64 1.28 6.30
CA LEU D 365 39.47 0.47 5.99
C LEU D 365 39.48 -0.86 6.71
N HIS D 366 40.65 -1.34 7.13
CA HIS D 366 40.71 -2.54 7.96
C HIS D 366 40.40 -2.24 9.41
N GLU D 367 40.44 -0.97 9.81
CA GLU D 367 40.19 -0.57 11.18
C GLU D 367 38.68 -0.54 11.44
N GLY D 368 38.20 -1.48 12.26
CA GLY D 368 36.78 -1.59 12.56
C GLY D 368 36.17 -0.36 13.21
N THR D 369 36.96 0.44 13.93
CA THR D 369 36.44 1.65 14.56
C THR D 369 36.33 2.82 13.59
N CYS D 370 36.92 2.72 12.39
CA CYS D 370 36.82 3.78 11.41
C CYS D 370 35.51 3.65 10.64
N LEU D 371 34.73 4.74 10.58
CA LEU D 371 33.49 4.73 9.80
C LEU D 371 33.70 5.48 8.48
N ARG D 372 33.83 6.80 8.56
CA ARG D 372 34.05 7.63 7.39
C ARG D 372 35.26 8.52 7.65
N CYS D 373 36.17 8.57 6.67
CA CYS D 373 37.28 9.51 6.66
CA CYS D 373 37.28 9.51 6.66
C CYS D 373 36.97 10.59 5.63
N VAL D 374 36.94 11.85 6.07
CA VAL D 374 36.66 12.95 5.14
C VAL D 374 38.00 13.61 4.75
N LEU D 375 38.19 13.82 3.44
CA LEU D 375 39.44 14.39 2.92
C LEU D 375 39.25 15.82 2.44
N ASP D 376 40.07 16.73 2.97
CA ASP D 376 40.19 18.10 2.53
C ASP D 376 41.07 18.13 1.28
N THR D 377 40.50 18.51 0.13
CA THR D 377 41.27 18.39 -1.11
C THR D 377 42.25 19.54 -1.32
N SER D 378 42.32 20.51 -0.41
CA SER D 378 43.19 21.65 -0.64
C SER D 378 44.67 21.31 -0.49
N LYS D 379 45.01 20.15 0.06
CA LYS D 379 46.42 19.81 0.25
C LYS D 379 46.65 18.29 0.23
#